data_6OC3
#
_entry.id   6OC3
#
_cell.length_a   100.468
_cell.length_b   109.775
_cell.length_c   146.394
_cell.angle_alpha   90.00
_cell.angle_beta   90.00
_cell.angle_gamma   90.00
#
_symmetry.space_group_name_H-M   'P 21 21 21'
#
loop_
_entity.id
_entity.type
_entity.pdbx_description
1 polymer 'Heavy chain of FluA-20 Fab'
2 polymer 'Light chain of FluA-20 Fab'
3 polymer Hemagglutinin
4 non-polymer 2-acetamido-2-deoxy-beta-D-glucopyranose
#
loop_
_entity_poly.entity_id
_entity_poly.type
_entity_poly.pdbx_seq_one_letter_code
_entity_poly.pdbx_strand_id
1 'polypeptide(L)'
;QVQLEESGPGLVKPSETLSLTCSVSGVSVTSDIYYWTWIRQPPGKGLEWIGYIFYNGDTNYNPSLKSRVTMSIDTSKNEF
SLRLTSVTAADTAVYFCARGTEDLGYCSSGSCPNHWGQGTLVTVSSASTKGPSVFPLAPSSKSTSGGTAALGCLVKDYFP
EPVTVSWNSGALTSGVHTFPAVLQSSGLYSLSSVVTVPSSSLGTQTYICNVNHKPSNTKVDKRVEPKSCHHHHHH
;
A,C
2 'polypeptide(L)'
;DIVMTQSPSSLSASIGDRVTITCRPSQNIRSFLNWFQHKPGKAPKLLIYAASNLQSGVPSRFSGSGSGTEFTLTIRSLQP
EDFATYYCQQSYNTPPTFGQGTKVEIKRTVAAPSVFIFPPSDEQLKSGTASVVCLLNNFYPREAKVQWKVDNALQSGNSQ
ESVTEQDSKDSTYSLSSTLTLSKADYEKHKVYACEVTHQGLSSPVTKSFNRGEC
;
B,D
3 'polypeptide(L)'
;APLQLGNCSVAGWILGNPECELLISRESWSYIVEKPNPENGTCYPGHFADYEELREQLSSVSSFERFEIFPKESSWPNHT
TTGVSASCSHNGESSFYKNLLWLTGKNGLYPNLSKSYANNKEKEVLVLWGVHHPPNIGDQRALYHKENAYVSVVSSHYSR
KFTPEIAKRPKVRDQEGRINYYWTLLEPGDTIIFEANGNLIAPRYAFALSRGSGLVPRGSGHHHHHH
;
E,F
#
loop_
_chem_comp.id
_chem_comp.type
_chem_comp.name
_chem_comp.formula
NAG D-saccharide, beta linking 2-acetamido-2-deoxy-beta-D-glucopyranose 'C8 H15 N O6'
#
# COMPACT_ATOMS: atom_id res chain seq x y z
N GLN A 1 22.01 -18.71 -1.44
CA GLN A 1 21.22 -19.14 -0.31
C GLN A 1 19.72 -19.01 -0.71
N VAL A 2 19.49 -18.13 -1.70
CA VAL A 2 18.25 -18.07 -2.48
C VAL A 2 18.67 -17.75 -3.92
N GLN A 3 18.03 -18.41 -4.89
CA GLN A 3 18.17 -18.16 -6.33
C GLN A 3 16.90 -17.68 -7.04
N LEU A 4 17.05 -16.74 -7.98
CA LEU A 4 15.93 -16.12 -8.68
C LEU A 4 16.27 -16.22 -10.15
N GLU A 5 15.61 -17.15 -10.83
CA GLU A 5 15.84 -17.42 -12.24
C GLU A 5 14.70 -16.84 -13.07
N GLU A 6 15.03 -15.93 -13.95
CA GLU A 6 14.10 -15.20 -14.81
C GLU A 6 13.98 -15.95 -16.14
N SER A 7 12.80 -15.89 -16.71
CA SER A 7 12.52 -16.55 -17.98
C SER A 7 11.46 -15.79 -18.77
N GLY A 8 11.41 -16.01 -20.08
CA GLY A 8 10.56 -15.21 -20.93
C GLY A 8 11.05 -14.98 -22.36
N PRO A 9 10.18 -14.34 -23.17
CA PRO A 9 10.30 -14.50 -24.64
C PRO A 9 11.59 -13.99 -25.26
N GLY A 10 12.04 -12.80 -24.90
CA GLY A 10 13.11 -12.15 -25.62
C GLY A 10 12.65 -11.20 -26.70
N LEU A 11 11.58 -11.58 -27.39
CA LEU A 11 11.01 -10.80 -28.49
C LEU A 11 9.51 -10.77 -28.24
N VAL A 12 8.94 -9.58 -28.31
CA VAL A 12 7.49 -9.39 -28.14
C VAL A 12 7.06 -8.46 -29.24
N LYS A 13 5.92 -8.78 -29.88
CA LYS A 13 5.53 -7.85 -30.92
C LYS A 13 4.78 -6.68 -30.26
N PRO A 14 4.88 -5.49 -30.82
CA PRO A 14 4.18 -4.32 -30.24
C PRO A 14 2.68 -4.59 -30.14
N SER A 15 2.09 -4.09 -29.04
CA SER A 15 0.70 -4.18 -28.60
C SER A 15 0.38 -5.53 -27.95
N GLU A 16 1.25 -6.50 -28.02
CA GLU A 16 0.95 -7.77 -27.41
C GLU A 16 1.38 -7.72 -25.96
N THR A 17 1.14 -8.82 -25.24
CA THR A 17 1.39 -8.85 -23.81
C THR A 17 2.72 -9.59 -23.57
N LEU A 18 3.57 -8.98 -22.76
CA LEU A 18 4.85 -9.53 -22.35
C LEU A 18 4.60 -10.34 -21.08
N SER A 19 5.15 -11.56 -21.02
CA SER A 19 5.02 -12.36 -19.80
C SER A 19 6.39 -12.83 -19.38
N LEU A 20 6.66 -12.68 -18.10
CA LEU A 20 7.91 -13.17 -17.54
C LEU A 20 7.64 -13.99 -16.28
N THR A 21 8.52 -14.92 -16.01
CA THR A 21 8.40 -15.72 -14.81
C THR A 21 9.74 -15.67 -14.08
N CYS A 22 9.67 -15.77 -12.77
CA CYS A 22 10.84 -15.84 -11.93
C CYS A 22 10.62 -17.13 -11.18
N SER A 23 11.46 -18.11 -11.46
CA SER A 23 11.38 -19.34 -10.70
C SER A 23 12.25 -19.15 -9.48
N VAL A 24 11.67 -19.38 -8.30
CA VAL A 24 12.32 -19.09 -7.03
C VAL A 24 12.82 -20.40 -6.46
N SER A 25 14.08 -20.43 -6.02
CA SER A 25 14.65 -21.58 -5.32
C SER A 25 15.30 -21.16 -4.00
N GLY A 26 15.15 -21.97 -2.97
CA GLY A 26 15.84 -21.77 -1.71
C GLY A 26 14.96 -21.30 -0.58
N VAL A 27 13.81 -20.69 -0.90
CA VAL A 27 12.75 -20.34 0.05
C VAL A 27 11.43 -20.59 -0.64
N SER A 28 10.36 -20.50 0.16
CA SER A 28 8.99 -20.72 -0.32
C SER A 28 8.38 -19.37 -0.67
N VAL A 29 7.72 -19.31 -1.83
CA VAL A 29 6.96 -18.12 -2.22
C VAL A 29 5.77 -17.87 -1.29
N THR A 30 5.48 -18.80 -0.40
CA THR A 30 4.43 -18.60 0.57
C THR A 30 4.92 -18.04 1.90
N SER A 31 6.21 -17.81 2.08
CA SER A 31 6.62 -17.23 3.34
C SER A 31 6.13 -15.78 3.34
N ASP A 32 5.33 -15.40 4.34
CA ASP A 32 4.70 -14.07 4.28
C ASP A 32 5.66 -12.93 4.63
N ILE A 33 6.91 -13.16 5.05
CA ILE A 33 7.76 -12.01 5.40
C ILE A 33 8.43 -11.43 4.17
N TYR A 34 8.49 -12.18 3.08
CA TYR A 34 9.13 -11.64 1.92
C TYR A 34 8.11 -11.09 0.96
N TYR A 35 8.59 -10.20 0.11
CA TYR A 35 7.87 -9.74 -1.05
C TYR A 35 8.72 -9.88 -2.30
N TRP A 36 8.05 -9.88 -3.44
CA TRP A 36 8.59 -10.24 -4.73
C TRP A 36 8.32 -9.06 -5.66
N THR A 37 9.34 -8.67 -6.40
CA THR A 37 9.41 -7.41 -7.08
C THR A 37 9.87 -7.63 -8.51
N TRP A 38 9.44 -6.77 -9.40
CA TRP A 38 10.06 -6.68 -10.70
C TRP A 38 10.61 -5.28 -10.87
N ILE A 39 11.79 -5.18 -11.51
CA ILE A 39 12.45 -3.93 -11.84
C ILE A 39 12.91 -4.04 -13.27
N ARG A 40 13.00 -2.91 -13.95
CA ARG A 40 13.46 -2.91 -15.32
C ARG A 40 14.45 -1.77 -15.52
N GLN A 41 15.19 -1.87 -16.63
CA GLN A 41 16.18 -0.88 -17.01
C GLN A 41 16.15 -0.82 -18.52
N PRO A 42 15.55 0.24 -19.08
CA PRO A 42 15.63 0.46 -20.51
C PRO A 42 17.11 0.66 -20.94
N PRO A 43 17.42 0.31 -22.20
CA PRO A 43 18.78 0.59 -22.69
C PRO A 43 19.28 2.00 -22.42
N GLY A 44 20.41 2.11 -21.72
CA GLY A 44 21.07 3.37 -21.44
C GLY A 44 20.41 4.31 -20.44
N LYS A 45 19.32 3.91 -19.82
CA LYS A 45 18.64 4.68 -18.79
C LYS A 45 18.77 4.00 -17.42
N GLY A 46 18.11 4.63 -16.44
CA GLY A 46 18.13 4.17 -15.07
C GLY A 46 17.15 3.01 -14.83
N LEU A 47 17.19 2.51 -13.60
CA LEU A 47 16.28 1.48 -13.13
C LEU A 47 14.90 2.06 -12.77
N GLU A 48 13.84 1.33 -13.13
CA GLU A 48 12.44 1.71 -12.88
C GLU A 48 11.71 0.57 -12.17
N TRP A 49 11.28 0.84 -10.94
CA TRP A 49 10.58 -0.14 -10.11
C TRP A 49 9.15 -0.38 -10.62
N ILE A 50 8.73 -1.65 -10.70
CA ILE A 50 7.44 -2.03 -11.29
C ILE A 50 6.38 -2.29 -10.22
N GLY A 51 6.69 -3.12 -9.23
CA GLY A 51 5.79 -3.28 -8.10
C GLY A 51 6.28 -4.37 -7.16
N TYR A 52 5.53 -4.55 -6.08
CA TYR A 52 5.81 -5.66 -5.18
C TYR A 52 4.49 -6.41 -4.95
N ILE A 53 4.59 -7.69 -4.58
CA ILE A 53 3.43 -8.49 -4.18
C ILE A 53 3.85 -9.33 -2.99
N PHE A 54 3.01 -9.36 -1.97
CA PHE A 54 3.19 -10.26 -0.83
C PHE A 54 2.29 -11.44 -1.06
N TYR A 55 2.72 -12.61 -0.60
CA TYR A 55 1.86 -13.77 -0.73
C TYR A 55 0.50 -13.57 -0.08
N ASN A 56 0.41 -12.83 1.03
CA ASN A 56 -0.88 -12.63 1.71
C ASN A 56 -1.86 -11.80 0.88
N GLY A 57 -1.40 -11.27 -0.26
CA GLY A 57 -2.20 -10.53 -1.19
C GLY A 57 -1.92 -9.04 -1.31
N ASP A 58 -1.22 -8.39 -0.37
CA ASP A 58 -1.05 -6.95 -0.57
C ASP A 58 -0.10 -6.71 -1.73
N THR A 59 -0.52 -5.86 -2.66
CA THR A 59 0.27 -5.54 -3.84
C THR A 59 0.27 -4.03 -4.00
N ASN A 60 1.23 -3.52 -4.78
CA ASN A 60 1.30 -2.11 -5.15
C ASN A 60 2.10 -1.93 -6.45
N TYR A 61 1.52 -1.31 -7.47
CA TYR A 61 2.24 -1.16 -8.73
C TYR A 61 2.59 0.30 -8.99
N ASN A 62 3.75 0.52 -9.60
CA ASN A 62 4.19 1.86 -9.93
C ASN A 62 3.05 2.60 -10.64
N PRO A 63 2.67 3.78 -10.15
CA PRO A 63 1.60 4.56 -10.80
C PRO A 63 1.81 4.87 -12.26
N SER A 64 3.07 4.97 -12.73
CA SER A 64 3.37 5.17 -14.14
C SER A 64 2.93 3.98 -15.01
N LEU A 65 2.82 2.79 -14.40
CA LEU A 65 2.60 1.53 -15.06
C LEU A 65 1.39 0.76 -14.51
N LYS A 66 0.77 1.23 -13.42
CA LYS A 66 -0.25 0.53 -12.64
C LYS A 66 -1.42 0.03 -13.48
N SER A 67 -1.81 0.81 -14.49
CA SER A 67 -2.93 0.39 -15.38
C SER A 67 -2.52 -0.66 -16.43
N ARG A 68 -1.25 -1.12 -16.48
CA ARG A 68 -0.91 -2.15 -17.46
C ARG A 68 -0.23 -3.39 -16.87
N VAL A 69 0.09 -3.39 -15.58
CA VAL A 69 0.89 -4.46 -15.03
C VAL A 69 0.01 -5.18 -14.02
N THR A 70 0.18 -6.49 -13.97
CA THR A 70 -0.30 -7.30 -12.86
C THR A 70 0.81 -8.32 -12.58
N MET A 71 0.82 -8.84 -11.36
CA MET A 71 1.77 -9.84 -10.94
C MET A 71 0.99 -10.93 -10.25
N SER A 72 1.57 -12.12 -10.23
CA SER A 72 0.91 -13.24 -9.63
C SER A 72 1.91 -14.22 -9.08
N ILE A 73 1.45 -15.05 -8.17
CA ILE A 73 2.29 -16.07 -7.55
C ILE A 73 1.70 -17.45 -7.87
N ASP A 74 2.55 -18.37 -8.33
CA ASP A 74 2.16 -19.75 -8.63
C ASP A 74 2.86 -20.65 -7.60
N THR A 75 2.12 -21.07 -6.57
CA THR A 75 2.73 -21.82 -5.47
C THR A 75 3.16 -23.19 -5.94
N SER A 76 2.37 -23.77 -6.85
CA SER A 76 2.62 -25.11 -7.32
C SER A 76 4.00 -25.21 -7.96
N LYS A 77 4.45 -24.18 -8.66
CA LYS A 77 5.74 -24.17 -9.33
C LYS A 77 6.81 -23.35 -8.58
N ASN A 78 6.45 -22.70 -7.46
CA ASN A 78 7.31 -21.79 -6.68
C ASN A 78 7.88 -20.70 -7.59
N GLU A 79 6.94 -20.01 -8.23
CA GLU A 79 7.19 -18.99 -9.23
C GLU A 79 6.35 -17.76 -8.92
N PHE A 80 6.74 -16.62 -9.50
CA PHE A 80 5.83 -15.49 -9.56
C PHE A 80 6.03 -14.84 -10.92
N SER A 81 5.08 -14.00 -11.33
CA SER A 81 5.06 -13.62 -12.73
C SER A 81 4.72 -12.15 -12.92
N LEU A 82 5.06 -11.65 -14.08
CA LEU A 82 4.79 -10.29 -14.53
C LEU A 82 4.03 -10.42 -15.84
N ARG A 83 3.01 -9.59 -16.01
CA ARG A 83 2.23 -9.50 -17.22
C ARG A 83 2.13 -8.02 -17.55
N LEU A 84 2.54 -7.62 -18.75
CA LEU A 84 2.57 -6.21 -19.11
C LEU A 84 1.84 -6.06 -20.44
N THR A 85 0.72 -5.34 -20.42
CA THR A 85 -0.08 -5.33 -21.63
C THR A 85 0.30 -4.21 -22.59
N SER A 86 -0.07 -4.40 -23.86
CA SER A 86 -0.09 -3.35 -24.87
C SER A 86 1.27 -2.62 -24.96
N VAL A 87 2.34 -3.41 -25.18
CA VAL A 87 3.73 -2.93 -25.10
C VAL A 87 4.12 -2.08 -26.31
N THR A 88 5.09 -1.18 -26.10
CA THR A 88 5.62 -0.45 -27.25
C THR A 88 7.13 -0.54 -27.14
N ALA A 89 7.84 0.15 -28.03
CA ALA A 89 9.29 0.13 -27.97
C ALA A 89 9.81 0.66 -26.64
N ALA A 90 9.02 1.52 -25.96
CA ALA A 90 9.42 2.06 -24.66
C ALA A 90 9.54 0.99 -23.58
N ASP A 91 8.96 -0.19 -23.80
CA ASP A 91 9.01 -1.29 -22.84
C ASP A 91 10.17 -2.25 -23.09
N THR A 92 10.96 -2.02 -24.14
CA THR A 92 12.20 -2.76 -24.33
C THR A 92 13.18 -2.46 -23.20
N ALA A 93 13.61 -3.52 -22.52
CA ALA A 93 14.38 -3.38 -21.29
C ALA A 93 14.84 -4.74 -20.81
N VAL A 94 15.84 -4.71 -19.93
CA VAL A 94 16.19 -5.82 -19.08
C VAL A 94 15.30 -5.77 -17.85
N TYR A 95 14.63 -6.88 -17.57
CA TYR A 95 13.70 -7.04 -16.46
C TYR A 95 14.32 -7.92 -15.38
N PHE A 96 14.35 -7.42 -14.16
CA PHE A 96 14.92 -8.09 -12.99
C PHE A 96 13.79 -8.48 -12.05
N CYS A 97 13.83 -9.72 -11.55
CA CYS A 97 13.01 -10.03 -10.39
C CYS A 97 13.85 -9.94 -9.13
N ALA A 98 13.18 -9.78 -8.00
CA ALA A 98 13.94 -9.56 -6.77
C ALA A 98 13.09 -9.98 -5.59
N ARG A 99 13.75 -10.35 -4.53
CA ARG A 99 13.10 -10.62 -3.28
C ARG A 99 13.42 -9.47 -2.33
N GLY A 100 12.45 -9.12 -1.47
CA GLY A 100 12.75 -8.24 -0.35
C GLY A 100 12.23 -8.83 0.93
N THR A 101 12.76 -8.34 2.04
CA THR A 101 12.37 -8.74 3.38
C THR A 101 11.77 -7.54 4.10
N GLU A 102 10.52 -7.67 4.55
CA GLU A 102 9.83 -6.58 5.22
C GLU A 102 10.56 -6.12 6.48
N ASP A 103 10.77 -4.82 6.55
CA ASP A 103 11.49 -4.29 7.70
C ASP A 103 11.08 -2.83 7.84
N LEU A 104 9.92 -2.61 8.49
CA LEU A 104 9.37 -1.28 8.48
C LEU A 104 10.18 -0.27 9.26
N GLY A 105 11.09 -0.69 10.11
CA GLY A 105 11.83 0.35 10.80
C GLY A 105 12.92 1.02 9.99
N TYR A 106 13.37 0.38 8.91
CA TYR A 106 14.52 0.81 8.13
C TYR A 106 14.20 0.99 6.65
N CYS A 107 12.96 0.79 6.27
CA CYS A 107 12.48 0.72 4.90
C CYS A 107 10.95 0.81 4.95
N SER A 108 10.37 1.53 4.00
CA SER A 108 8.93 1.45 3.85
C SER A 108 8.55 0.08 3.31
N SER A 109 7.26 -0.23 3.39
CA SER A 109 6.78 -1.55 3.02
C SER A 109 7.14 -1.84 1.56
N GLY A 110 7.70 -3.04 1.32
CA GLY A 110 7.94 -3.57 -0.01
C GLY A 110 8.93 -2.81 -0.88
N SER A 111 9.87 -2.06 -0.30
CA SER A 111 10.64 -1.12 -1.09
C SER A 111 12.17 -1.31 -1.09
N CYS A 112 12.72 -2.43 -0.62
CA CYS A 112 14.17 -2.59 -0.53
C CYS A 112 14.55 -3.98 -1.01
N PRO A 113 14.36 -4.27 -2.29
CA PRO A 113 14.71 -5.60 -2.84
C PRO A 113 16.21 -5.84 -2.73
N ASN A 114 16.60 -6.90 -2.02
CA ASN A 114 17.99 -7.16 -1.65
C ASN A 114 18.56 -8.45 -2.26
N HIS A 115 17.80 -9.19 -3.04
CA HIS A 115 18.33 -10.31 -3.81
C HIS A 115 17.77 -10.21 -5.21
N TRP A 116 18.62 -9.92 -6.18
CA TRP A 116 18.13 -9.77 -7.54
C TRP A 116 18.60 -10.93 -8.38
N GLY A 117 17.78 -11.29 -9.34
CA GLY A 117 18.21 -12.13 -10.42
C GLY A 117 19.06 -11.31 -11.32
N GLN A 118 19.70 -11.96 -12.27
CA GLN A 118 20.61 -11.19 -13.10
C GLN A 118 19.91 -10.55 -14.28
N GLY A 119 18.66 -10.83 -14.49
CA GLY A 119 17.92 -10.07 -15.48
C GLY A 119 17.74 -10.82 -16.77
N THR A 120 16.64 -10.53 -17.47
CA THR A 120 16.38 -11.08 -18.79
C THR A 120 15.97 -9.93 -19.69
N LEU A 121 16.57 -9.87 -20.87
CA LEU A 121 16.31 -8.84 -21.85
C LEU A 121 15.06 -9.16 -22.65
N VAL A 122 14.17 -8.16 -22.78
CA VAL A 122 12.99 -8.23 -23.64
C VAL A 122 13.11 -7.12 -24.66
N THR A 123 13.03 -7.47 -25.93
CA THR A 123 13.09 -6.49 -27.02
C THR A 123 11.70 -6.42 -27.63
N VAL A 124 11.15 -5.22 -27.73
CA VAL A 124 9.85 -5.06 -28.37
C VAL A 124 10.07 -4.71 -29.83
N SER A 125 9.58 -5.55 -30.73
CA SER A 125 9.78 -5.41 -32.18
C SER A 125 8.76 -6.28 -32.86
N SER A 126 8.57 -5.94 -34.13
CA SER A 126 7.71 -6.66 -35.04
C SER A 126 8.49 -7.32 -36.17
N ALA A 127 9.82 -7.24 -36.13
CA ALA A 127 10.65 -8.13 -36.93
C ALA A 127 10.70 -9.51 -36.34
N SER A 128 11.06 -10.55 -37.09
CA SER A 128 11.03 -11.85 -36.45
C SER A 128 12.43 -12.19 -35.94
N THR A 129 12.52 -13.21 -35.09
CA THR A 129 13.79 -13.78 -34.63
C THR A 129 14.57 -14.44 -35.76
N LYS A 130 15.88 -14.48 -35.57
CA LYS A 130 16.80 -15.21 -36.45
C LYS A 130 17.94 -15.75 -35.59
N GLY A 131 18.19 -17.05 -35.73
CA GLY A 131 19.26 -17.66 -34.99
C GLY A 131 20.60 -17.36 -35.65
N PRO A 132 21.66 -17.45 -34.85
CA PRO A 132 22.97 -17.04 -35.34
C PRO A 132 23.58 -18.11 -36.22
N SER A 133 24.51 -17.67 -37.06
CA SER A 133 25.46 -18.57 -37.68
C SER A 133 26.77 -18.49 -36.89
N VAL A 134 27.43 -19.62 -36.70
CA VAL A 134 28.60 -19.63 -35.80
C VAL A 134 29.80 -20.13 -36.57
N PHE A 135 30.87 -19.35 -36.58
CA PHE A 135 32.05 -19.77 -37.32
C PHE A 135 33.27 -19.78 -36.43
N PRO A 136 34.19 -20.71 -36.68
CA PRO A 136 35.42 -20.80 -35.87
C PRO A 136 36.42 -19.70 -36.18
N LEU A 137 37.09 -19.23 -35.14
CA LEU A 137 38.32 -18.44 -35.32
C LEU A 137 39.46 -19.39 -34.96
N ALA A 138 39.98 -20.10 -35.99
CA ALA A 138 40.86 -21.20 -35.69
C ALA A 138 42.27 -20.72 -35.30
N PRO A 139 42.85 -21.35 -34.34
CA PRO A 139 44.15 -20.92 -33.94
C PRO A 139 45.13 -21.27 -35.00
N SER A 140 46.22 -20.51 -35.05
CA SER A 140 47.26 -20.75 -36.06
C SER A 140 48.54 -19.99 -35.70
N SER A 141 48.49 -18.67 -35.85
CA SER A 141 49.64 -17.82 -35.55
C SER A 141 49.32 -16.83 -34.43
N SER A 145 50.87 -18.81 -30.90
CA SER A 145 51.56 -17.53 -31.08
C SER A 145 52.19 -16.91 -29.80
N GLY A 146 53.43 -17.37 -29.56
CA GLY A 146 54.38 -16.95 -28.53
C GLY A 146 54.19 -17.51 -27.11
N GLY A 147 53.57 -18.67 -26.99
CA GLY A 147 53.42 -19.50 -25.80
C GLY A 147 51.97 -19.60 -25.38
N THR A 148 51.17 -18.75 -25.98
CA THR A 148 49.74 -18.58 -25.75
C THR A 148 49.06 -18.76 -27.10
N ALA A 149 48.00 -19.52 -27.15
CA ALA A 149 47.32 -19.60 -28.43
C ALA A 149 45.98 -18.92 -28.25
N ALA A 150 45.48 -18.32 -29.31
CA ALA A 150 44.17 -17.73 -29.26
C ALA A 150 43.28 -18.47 -30.24
N LEU A 151 42.02 -18.66 -29.85
CA LEU A 151 41.03 -19.28 -30.70
C LEU A 151 39.69 -18.67 -30.34
N GLY A 152 38.67 -18.94 -31.13
CA GLY A 152 37.40 -18.31 -30.84
C GLY A 152 36.30 -18.79 -31.74
N CYS A 153 35.15 -18.14 -31.58
CA CYS A 153 33.96 -18.32 -32.40
C CYS A 153 33.42 -16.98 -32.84
N LEU A 154 33.08 -16.88 -34.12
CA LEU A 154 32.41 -15.72 -34.68
C LEU A 154 30.92 -16.03 -34.72
N VAL A 155 30.10 -15.21 -34.08
CA VAL A 155 28.67 -15.47 -33.95
C VAL A 155 27.98 -14.39 -34.76
N LYS A 156 27.51 -14.74 -35.95
CA LYS A 156 27.17 -13.76 -36.96
C LYS A 156 25.70 -13.82 -37.34
N ASP A 157 25.11 -12.64 -37.50
CA ASP A 157 23.82 -12.45 -38.16
C ASP A 157 22.67 -13.00 -37.32
N TYR A 158 22.44 -12.48 -36.14
CA TYR A 158 21.31 -12.89 -35.37
C TYR A 158 20.57 -11.70 -34.89
N PHE A 159 19.40 -11.96 -34.39
CA PHE A 159 18.54 -10.95 -33.86
C PHE A 159 17.41 -11.65 -33.22
N PRO A 160 16.97 -11.20 -32.07
CA PRO A 160 17.43 -10.06 -31.32
C PRO A 160 18.44 -10.44 -30.32
N GLU A 161 18.81 -9.54 -29.47
CA GLU A 161 19.76 -9.86 -28.48
C GLU A 161 19.10 -10.60 -27.40
N PRO A 162 19.83 -11.42 -26.68
CA PRO A 162 21.26 -11.62 -26.67
C PRO A 162 21.66 -13.03 -26.86
N VAL A 163 22.88 -13.29 -27.26
CA VAL A 163 23.40 -14.63 -27.28
C VAL A 163 24.28 -14.75 -26.05
N THR A 164 24.42 -15.97 -25.54
CA THR A 164 25.42 -16.28 -24.52
C THR A 164 26.44 -17.27 -25.04
N VAL A 165 27.67 -17.10 -24.61
CA VAL A 165 28.74 -17.98 -25.04
C VAL A 165 29.48 -18.54 -23.84
N SER A 166 29.61 -19.87 -23.81
CA SER A 166 30.47 -20.56 -22.87
C SER A 166 31.44 -21.37 -23.69
N TRP A 167 32.47 -21.86 -23.02
CA TRP A 167 33.48 -22.67 -23.66
C TRP A 167 33.53 -24.02 -22.95
N ASN A 168 33.50 -25.11 -23.75
CA ASN A 168 33.62 -26.45 -23.19
C ASN A 168 32.52 -26.73 -22.19
N SER A 169 31.32 -26.30 -22.54
CA SER A 169 30.13 -26.50 -21.72
C SER A 169 30.25 -25.83 -20.36
N GLY A 170 31.00 -24.76 -20.26
CA GLY A 170 31.13 -24.06 -19.01
C GLY A 170 32.36 -24.43 -18.21
N ALA A 171 33.11 -25.45 -18.66
CA ALA A 171 34.30 -25.89 -17.93
C ALA A 171 35.46 -24.90 -18.07
N LEU A 172 35.51 -24.20 -19.19
CA LEU A 172 36.57 -23.25 -19.50
C LEU A 172 36.11 -21.81 -19.27
N THR A 173 36.75 -21.14 -18.30
CA THR A 173 36.43 -19.76 -17.96
C THR A 173 37.65 -18.83 -17.88
N SER A 174 38.82 -19.34 -17.50
CA SER A 174 39.98 -18.45 -17.43
C SER A 174 40.38 -18.04 -18.84
N GLY A 175 40.56 -16.75 -19.04
CA GLY A 175 41.01 -16.30 -20.34
C GLY A 175 39.94 -16.05 -21.38
N VAL A 176 38.64 -16.13 -21.01
CA VAL A 176 37.59 -15.95 -22.01
C VAL A 176 37.26 -14.46 -22.11
N HIS A 177 37.10 -13.98 -23.34
CA HIS A 177 36.52 -12.66 -23.62
C HIS A 177 35.43 -12.78 -24.66
N THR A 178 34.20 -12.41 -24.25
CA THR A 178 33.08 -12.29 -25.17
C THR A 178 32.78 -10.80 -25.38
N PHE A 179 32.94 -10.33 -26.61
CA PHE A 179 32.82 -8.91 -26.97
C PHE A 179 31.33 -8.49 -27.03
N PRO A 180 31.00 -7.24 -26.69
CA PRO A 180 29.64 -6.75 -26.95
C PRO A 180 29.24 -6.84 -28.42
N ALA A 181 27.97 -7.16 -28.66
CA ALA A 181 27.50 -7.27 -30.04
C ALA A 181 27.53 -5.90 -30.68
N VAL A 182 27.75 -5.86 -31.99
CA VAL A 182 27.62 -4.62 -32.75
C VAL A 182 26.49 -4.84 -33.74
N LEU A 183 25.70 -3.81 -33.95
CA LEU A 183 24.65 -3.96 -34.94
C LEU A 183 25.23 -3.71 -36.32
N GLN A 184 25.14 -4.69 -37.18
CA GLN A 184 25.64 -4.59 -38.54
C GLN A 184 24.63 -3.88 -39.42
N SER A 185 25.11 -3.53 -40.63
CA SER A 185 24.28 -2.83 -41.57
C SER A 185 23.08 -3.66 -42.01
N SER A 186 23.11 -4.96 -41.80
CA SER A 186 21.97 -5.76 -42.18
C SER A 186 20.81 -5.61 -41.21
N GLY A 187 21.03 -4.97 -40.06
CA GLY A 187 20.01 -4.95 -39.06
C GLY A 187 20.07 -6.12 -38.10
N LEU A 188 21.07 -6.99 -38.27
CA LEU A 188 21.34 -8.15 -37.44
C LEU A 188 22.58 -7.93 -36.60
N TYR A 189 22.69 -8.67 -35.51
CA TYR A 189 23.82 -8.46 -34.63
C TYR A 189 24.96 -9.43 -34.95
N SER A 190 26.18 -9.05 -34.55
CA SER A 190 27.33 -9.93 -34.70
C SER A 190 28.29 -9.69 -33.55
N LEU A 191 28.96 -10.76 -33.12
CA LEU A 191 30.01 -10.70 -32.11
C LEU A 191 30.98 -11.85 -32.28
N SER A 192 32.11 -11.74 -31.59
CA SER A 192 33.09 -12.80 -31.44
C SER A 192 33.28 -13.11 -29.97
N SER A 193 33.57 -14.39 -29.69
CA SER A 193 34.05 -14.85 -28.39
C SER A 193 35.40 -15.49 -28.60
N VAL A 194 36.41 -15.11 -27.79
CA VAL A 194 37.76 -15.64 -27.94
C VAL A 194 38.20 -16.19 -26.59
N VAL A 195 39.21 -17.06 -26.63
CA VAL A 195 39.83 -17.56 -25.40
C VAL A 195 41.30 -17.82 -25.67
N THR A 196 42.13 -17.50 -24.68
CA THR A 196 43.54 -17.86 -24.68
C THR A 196 43.81 -19.10 -23.82
N VAL A 197 44.65 -19.97 -24.36
CA VAL A 197 45.00 -21.26 -23.75
C VAL A 197 46.47 -21.54 -24.00
N PRO A 198 47.06 -22.48 -23.26
CA PRO A 198 48.46 -22.84 -23.54
C PRO A 198 48.59 -23.43 -24.94
N SER A 199 49.60 -22.98 -25.68
CA SER A 199 49.89 -23.55 -27.00
C SER A 199 50.12 -25.05 -26.93
N SER A 200 50.75 -25.51 -25.86
CA SER A 200 51.04 -26.93 -25.69
C SER A 200 49.80 -27.79 -25.64
N SER A 201 48.61 -27.21 -25.51
CA SER A 201 47.37 -27.96 -25.39
C SER A 201 46.62 -28.22 -26.70
N LEU A 202 46.97 -27.54 -27.80
CA LEU A 202 46.13 -27.57 -29.00
C LEU A 202 46.09 -28.93 -29.69
N GLY A 203 47.14 -29.75 -29.57
CA GLY A 203 47.07 -31.04 -30.25
C GLY A 203 46.18 -32.07 -29.59
N THR A 204 45.94 -31.95 -28.29
CA THR A 204 45.27 -33.02 -27.55
C THR A 204 44.06 -32.59 -26.74
N GLN A 205 43.89 -31.30 -26.46
CA GLN A 205 42.72 -30.78 -25.75
C GLN A 205 41.72 -30.23 -26.76
N THR A 206 40.46 -30.66 -26.63
CA THR A 206 39.33 -30.16 -27.43
C THR A 206 38.67 -28.89 -26.88
N TYR A 207 38.39 -27.95 -27.78
CA TYR A 207 37.72 -26.68 -27.50
C TYR A 207 36.41 -26.54 -28.25
N ILE A 208 35.32 -26.24 -27.52
CA ILE A 208 34.02 -26.06 -28.15
C ILE A 208 33.41 -24.78 -27.58
N CYS A 209 32.88 -23.93 -28.44
CA CYS A 209 32.14 -22.80 -27.93
C CYS A 209 30.67 -23.17 -28.00
N ASN A 210 29.94 -22.85 -26.95
CA ASN A 210 28.53 -23.19 -26.83
C ASN A 210 27.78 -21.89 -26.90
N VAL A 211 27.02 -21.69 -27.97
CA VAL A 211 26.34 -20.43 -28.24
C VAL A 211 24.85 -20.65 -28.04
N ASN A 212 24.25 -19.88 -27.15
CA ASN A 212 22.86 -20.07 -26.76
C ASN A 212 22.12 -18.78 -27.09
N HIS A 213 21.09 -18.88 -27.94
CA HIS A 213 20.25 -17.74 -28.34
C HIS A 213 18.78 -17.99 -28.07
N LYS A 214 18.30 -17.58 -26.89
CA LYS A 214 16.91 -17.85 -26.49
C LYS A 214 15.85 -17.25 -27.42
N PRO A 215 15.96 -16.01 -27.93
CA PRO A 215 14.89 -15.50 -28.78
C PRO A 215 14.57 -16.36 -30.01
N SER A 216 15.51 -17.10 -30.58
CA SER A 216 15.15 -17.93 -31.70
C SER A 216 15.01 -19.35 -31.22
N ASN A 217 15.16 -19.50 -29.91
CA ASN A 217 15.13 -20.76 -29.18
C ASN A 217 16.06 -21.81 -29.84
N THR A 218 17.24 -21.33 -30.23
CA THR A 218 18.35 -22.01 -30.92
C THR A 218 19.56 -22.17 -30.00
N LYS A 219 20.21 -23.34 -30.04
CA LYS A 219 21.50 -23.54 -29.37
C LYS A 219 22.48 -24.17 -30.35
N VAL A 220 23.69 -23.63 -30.41
CA VAL A 220 24.68 -24.10 -31.39
C VAL A 220 26.03 -24.34 -30.72
N ASP A 221 26.59 -25.55 -30.93
CA ASP A 221 27.94 -25.90 -30.49
C ASP A 221 28.83 -25.98 -31.71
N LYS A 222 30.00 -25.41 -31.54
CA LYS A 222 31.01 -25.37 -32.55
C LYS A 222 32.36 -25.75 -32.02
N ARG A 223 33.02 -26.67 -32.71
CA ARG A 223 34.33 -27.16 -32.32
C ARG A 223 35.42 -26.37 -33.02
N VAL A 224 36.32 -25.80 -32.24
CA VAL A 224 37.39 -25.02 -32.78
C VAL A 224 38.68 -25.82 -32.82
N GLU A 225 39.17 -26.05 -34.03
CA GLU A 225 40.39 -26.81 -34.23
C GLU A 225 41.51 -25.94 -34.78
N PRO A 226 42.77 -26.26 -34.43
CA PRO A 226 43.95 -25.52 -34.89
C PRO A 226 44.00 -25.43 -36.41
N LYS A 227 44.24 -24.23 -36.94
CA LYS A 227 44.31 -24.00 -38.38
C LYS A 227 43.14 -24.61 -39.13
N ASP B 1 8.18 9.13 -7.21
CA ASP B 1 7.84 10.54 -7.25
C ASP B 1 9.00 11.35 -6.70
N ILE B 2 9.71 10.75 -5.74
CA ILE B 2 10.96 11.30 -5.25
C ILE B 2 12.02 11.06 -6.32
N VAL B 3 12.69 12.13 -6.79
CA VAL B 3 13.69 12.02 -7.88
C VAL B 3 15.11 11.98 -7.32
N MET B 4 15.89 11.01 -7.80
CA MET B 4 17.27 10.76 -7.36
C MET B 4 18.27 11.23 -8.41
N THR B 5 19.17 12.14 -8.00
CA THR B 5 20.27 12.69 -8.80
C THR B 5 21.62 12.20 -8.26
N GLN B 6 22.35 11.44 -9.03
CA GLN B 6 23.64 10.96 -8.61
C GLN B 6 24.69 11.69 -9.34
N SER B 7 25.82 11.91 -8.68
CA SER B 7 26.93 12.62 -9.28
C SER B 7 28.27 12.11 -8.74
N PRO B 8 29.27 11.99 -9.61
CA PRO B 8 29.14 12.23 -11.05
C PRO B 8 28.57 11.01 -11.78
N SER B 9 28.20 11.19 -13.05
CA SER B 9 27.65 10.10 -13.85
C SER B 9 28.72 9.09 -14.23
N SER B 10 29.98 9.53 -14.25
CA SER B 10 31.08 8.65 -14.60
C SER B 10 32.34 9.15 -13.92
N LEU B 11 33.21 8.22 -13.55
CA LEU B 11 34.51 8.59 -13.03
C LEU B 11 35.56 7.51 -13.29
N SER B 12 36.83 7.97 -13.31
CA SER B 12 38.02 7.13 -13.38
C SER B 12 38.95 7.46 -12.23
N ALA B 13 39.50 6.42 -11.60
CA ALA B 13 40.40 6.65 -10.49
C ALA B 13 41.39 5.51 -10.41
N SER B 14 42.56 5.78 -9.86
CA SER B 14 43.62 4.79 -9.76
C SER B 14 43.40 3.83 -8.58
N ILE B 15 44.03 2.67 -8.69
CA ILE B 15 44.07 1.70 -7.58
C ILE B 15 44.60 2.41 -6.35
N GLY B 16 43.94 2.20 -5.20
CA GLY B 16 44.34 2.85 -3.96
C GLY B 16 43.71 4.18 -3.66
N ASP B 17 43.09 4.81 -4.65
CA ASP B 17 42.45 6.11 -4.50
C ASP B 17 41.21 6.01 -3.62
N ARG B 18 40.85 7.15 -3.04
CA ARG B 18 39.61 7.31 -2.29
C ARG B 18 38.58 7.81 -3.29
N VAL B 19 37.48 7.06 -3.50
CA VAL B 19 36.49 7.49 -4.48
C VAL B 19 35.20 7.87 -3.76
N THR B 20 34.55 8.94 -4.20
CA THR B 20 33.33 9.47 -3.57
C THR B 20 32.23 9.73 -4.57
N ILE B 21 31.04 9.19 -4.30
CA ILE B 21 29.87 9.40 -5.13
C ILE B 21 28.79 9.98 -4.26
N THR B 22 28.16 11.04 -4.75
CA THR B 22 27.13 11.73 -3.97
C THR B 22 25.78 11.45 -4.60
N CYS B 23 24.77 11.53 -3.75
CA CYS B 23 23.39 11.31 -4.12
C CYS B 23 22.51 12.36 -3.46
N ARG B 24 21.61 12.91 -4.26
CA ARG B 24 20.69 13.95 -3.82
C ARG B 24 19.24 13.64 -4.12
N PRO B 25 18.42 13.36 -3.10
CA PRO B 25 16.97 13.17 -3.31
C PRO B 25 16.29 14.48 -3.64
N SER B 26 15.11 14.39 -4.26
CA SER B 26 14.34 15.60 -4.60
C SER B 26 13.60 16.21 -3.42
N GLN B 27 13.52 15.50 -2.29
CA GLN B 27 13.03 16.00 -1.03
C GLN B 27 13.72 15.21 0.07
N ASN B 28 13.61 15.69 1.31
CA ASN B 28 14.31 15.08 2.43
C ASN B 28 13.74 13.69 2.65
N ILE B 29 14.61 12.67 2.78
CA ILE B 29 14.22 11.28 2.93
C ILE B 29 14.83 10.62 4.19
N ARG B 30 15.33 11.39 5.14
CA ARG B 30 15.87 10.84 6.42
C ARG B 30 17.05 9.89 6.16
N SER B 31 17.02 8.66 6.68
CA SER B 31 18.04 7.65 6.44
C SER B 31 17.57 6.59 5.47
N PHE B 32 16.48 6.81 4.77
CA PHE B 32 15.92 5.73 3.96
C PHE B 32 16.53 5.80 2.56
N LEU B 33 17.82 5.45 2.52
CA LEU B 33 18.58 5.53 1.27
C LEU B 33 19.49 4.32 1.20
N ASN B 34 19.46 3.60 0.08
CA ASN B 34 20.30 2.43 -0.14
C ASN B 34 21.25 2.59 -1.31
N TRP B 35 22.34 1.83 -1.29
CA TRP B 35 23.31 1.86 -2.37
C TRP B 35 23.45 0.47 -2.98
N PHE B 36 23.44 0.40 -4.30
CA PHE B 36 23.56 -0.87 -5.00
C PHE B 36 24.81 -0.88 -5.88
N GLN B 37 25.39 -2.05 -6.06
CA GLN B 37 26.51 -2.25 -6.98
C GLN B 37 26.09 -3.21 -8.07
N HIS B 38 26.39 -2.87 -9.32
CA HIS B 38 26.02 -3.74 -10.45
C HIS B 38 27.25 -3.90 -11.34
N LYS B 39 27.96 -5.06 -11.17
CA LYS B 39 29.08 -5.57 -11.94
C LYS B 39 28.57 -6.23 -13.22
N PRO B 40 29.37 -6.22 -14.28
CA PRO B 40 28.85 -6.61 -15.60
C PRO B 40 28.28 -8.02 -15.67
N GLY B 41 27.06 -8.11 -16.22
CA GLY B 41 26.39 -9.38 -16.40
C GLY B 41 25.95 -10.08 -15.13
N LYS B 42 26.14 -9.47 -13.96
CA LYS B 42 25.77 -10.06 -12.69
C LYS B 42 24.47 -9.48 -12.09
N ALA B 43 23.95 -10.22 -11.12
CA ALA B 43 22.81 -9.74 -10.36
C ALA B 43 23.23 -8.51 -9.56
N PRO B 44 22.47 -7.42 -9.64
CA PRO B 44 22.70 -6.29 -8.71
C PRO B 44 22.69 -6.72 -7.25
N LYS B 45 23.58 -6.11 -6.48
CA LYS B 45 23.92 -6.43 -5.09
C LYS B 45 23.70 -5.21 -4.21
N LEU B 46 23.04 -5.37 -3.08
CA LEU B 46 22.87 -4.25 -2.16
C LEU B 46 24.15 -4.08 -1.35
N LEU B 47 24.81 -2.92 -1.43
CA LEU B 47 26.05 -2.69 -0.67
C LEU B 47 25.81 -2.04 0.67
N ILE B 48 25.00 -0.99 0.70
CA ILE B 48 24.79 -0.18 1.88
C ILE B 48 23.29 0.05 1.89
N TYR B 49 22.70 -0.13 3.07
CA TYR B 49 21.27 0.08 3.28
C TYR B 49 21.04 1.01 4.45
N ALA B 50 19.92 1.73 4.39
CA ALA B 50 19.59 2.72 5.39
C ALA B 50 20.80 3.64 5.66
N ALA B 51 21.34 4.18 4.56
CA ALA B 51 22.36 5.23 4.48
C ALA B 51 23.78 4.78 4.81
N SER B 52 23.99 3.98 5.87
CA SER B 52 25.35 3.74 6.35
C SER B 52 25.66 2.32 6.78
N ASN B 53 24.73 1.38 6.70
CA ASN B 53 24.99 0.04 7.21
C ASN B 53 25.58 -0.81 6.11
N LEU B 54 26.83 -1.25 6.31
CA LEU B 54 27.50 -2.12 5.35
C LEU B 54 26.82 -3.49 5.38
N GLN B 55 26.35 -3.90 4.21
CA GLN B 55 25.70 -5.18 3.96
C GLN B 55 26.73 -6.35 3.99
N SER B 56 26.29 -7.57 4.34
CA SER B 56 27.22 -8.73 4.43
C SER B 56 27.85 -9.05 3.08
N GLY B 57 29.12 -9.46 3.16
CA GLY B 57 29.92 -9.74 1.99
C GLY B 57 30.54 -8.51 1.38
N VAL B 58 30.14 -7.32 1.82
CA VAL B 58 30.69 -6.10 1.24
C VAL B 58 31.96 -5.77 2.00
N PRO B 59 33.05 -5.42 1.29
CA PRO B 59 34.30 -5.06 1.96
C PRO B 59 34.17 -3.78 2.76
N SER B 60 34.92 -3.71 3.87
CA SER B 60 34.79 -2.58 4.78
C SER B 60 35.43 -1.29 4.28
N ARG B 61 36.09 -1.29 3.11
CA ARG B 61 36.56 -0.04 2.52
C ARG B 61 35.39 0.81 2.01
N PHE B 62 34.21 0.19 1.83
CA PHE B 62 32.97 0.87 1.45
C PHE B 62 32.28 1.40 2.67
N SER B 63 31.85 2.66 2.60
CA SER B 63 31.13 3.28 3.69
C SER B 63 30.16 4.31 3.14
N GLY B 64 29.00 4.43 3.80
CA GLY B 64 27.97 5.35 3.37
C GLY B 64 27.76 6.39 4.45
N SER B 65 27.41 7.61 4.03
CA SER B 65 27.26 8.72 4.96
C SER B 65 26.14 9.65 4.52
N GLY B 66 25.70 10.45 5.48
CA GLY B 66 24.79 11.52 5.21
C GLY B 66 23.40 11.15 5.66
N SER B 67 22.52 12.13 5.56
CA SER B 67 21.13 11.91 5.89
C SER B 67 20.38 13.13 5.42
N GLY B 68 19.08 12.99 5.34
CA GLY B 68 18.34 14.15 4.97
C GLY B 68 18.37 14.41 3.48
N THR B 69 19.22 15.33 3.02
CA THR B 69 19.19 15.59 1.59
C THR B 69 20.53 15.48 0.87
N GLU B 70 21.54 14.89 1.49
CA GLU B 70 22.81 14.65 0.82
C GLU B 70 23.40 13.33 1.31
N PHE B 71 23.75 12.45 0.37
CA PHE B 71 24.26 11.16 0.78
C PHE B 71 25.53 10.84 -0.01
N THR B 72 26.45 10.12 0.64
CA THR B 72 27.75 9.79 0.05
C THR B 72 28.15 8.33 0.27
N LEU B 73 28.49 7.68 -0.82
CA LEU B 73 29.20 6.42 -0.80
C LEU B 73 30.68 6.71 -1.02
N THR B 74 31.55 6.28 -0.08
CA THR B 74 33.00 6.43 -0.23
C THR B 74 33.64 5.04 -0.35
N ILE B 75 34.55 4.88 -1.33
CA ILE B 75 35.47 3.74 -1.42
C ILE B 75 36.88 4.17 -1.03
N ARG B 76 37.40 3.74 0.14
CA ARG B 76 38.65 4.36 0.60
C ARG B 76 39.89 3.90 -0.16
N SER B 77 39.88 2.75 -0.84
CA SER B 77 41.02 2.42 -1.70
C SER B 77 40.54 1.48 -2.80
N LEU B 78 40.36 2.06 -3.99
CA LEU B 78 39.86 1.41 -5.17
C LEU B 78 40.64 0.14 -5.50
N GLN B 79 39.91 -0.94 -5.82
CA GLN B 79 40.42 -2.23 -6.25
C GLN B 79 39.91 -2.56 -7.64
N PRO B 80 40.63 -3.40 -8.39
CA PRO B 80 40.18 -3.70 -9.76
C PRO B 80 38.75 -4.26 -9.84
N GLU B 81 38.34 -5.11 -8.89
CA GLU B 81 37.00 -5.71 -8.87
C GLU B 81 35.87 -4.73 -8.53
N ASP B 82 36.19 -3.51 -8.15
CA ASP B 82 35.14 -2.57 -7.83
C ASP B 82 34.61 -1.89 -9.08
N PHE B 83 35.13 -2.24 -10.23
CA PHE B 83 34.53 -1.81 -11.49
C PHE B 83 33.10 -2.30 -11.51
N ALA B 84 32.16 -1.37 -11.66
CA ALA B 84 30.73 -1.61 -11.62
C ALA B 84 30.06 -0.28 -11.86
N THR B 85 28.73 -0.32 -11.96
CA THR B 85 27.89 0.86 -11.93
C THR B 85 27.20 0.89 -10.57
N TYR B 86 27.26 2.02 -9.89
CA TYR B 86 26.67 2.17 -8.57
C TYR B 86 25.42 3.03 -8.63
N TYR B 87 24.40 2.63 -7.86
CA TYR B 87 23.15 3.36 -7.84
C TYR B 87 22.70 3.65 -6.41
N CYS B 88 22.15 4.85 -6.21
CA CYS B 88 21.39 5.08 -4.99
C CYS B 88 19.88 4.81 -5.22
N GLN B 89 19.20 4.51 -4.14
CA GLN B 89 17.79 4.14 -4.20
C GLN B 89 17.15 4.59 -2.91
N GLN B 90 16.17 5.49 -3.02
CA GLN B 90 15.41 5.92 -1.86
C GLN B 90 14.26 4.97 -1.58
N SER B 91 14.07 4.71 -0.30
CA SER B 91 13.08 3.80 0.24
C SER B 91 12.11 4.54 1.15
N TYR B 92 11.95 5.86 0.90
CA TYR B 92 11.23 6.80 1.77
C TYR B 92 9.73 6.84 1.43
N ASN B 93 9.36 6.93 0.14
CA ASN B 93 7.96 6.85 -0.29
C ASN B 93 7.92 5.87 -1.45
N THR B 94 6.82 5.22 -1.67
CA THR B 94 6.80 4.36 -2.78
C THR B 94 6.26 5.04 -3.94
N PRO B 95 6.74 4.74 -5.10
CA PRO B 95 7.61 3.71 -5.57
C PRO B 95 8.99 4.05 -5.32
N PRO B 96 9.79 3.05 -5.14
CA PRO B 96 11.19 3.15 -4.94
C PRO B 96 11.73 3.66 -6.18
N THR B 97 12.57 4.63 -6.08
CA THR B 97 13.15 5.21 -7.27
C THR B 97 14.68 5.21 -7.17
N PHE B 98 15.35 5.16 -8.33
CA PHE B 98 16.80 4.98 -8.45
C PHE B 98 17.45 6.17 -9.15
N GLY B 99 18.68 6.48 -8.73
CA GLY B 99 19.53 7.37 -9.50
C GLY B 99 19.93 6.78 -10.85
N GLN B 100 20.41 7.66 -11.75
CA GLN B 100 20.80 7.17 -13.07
C GLN B 100 22.07 6.33 -13.03
N GLY B 101 22.78 6.34 -11.92
CA GLY B 101 23.90 5.43 -11.80
C GLY B 101 25.22 6.17 -11.96
N THR B 102 26.26 5.62 -11.34
CA THR B 102 27.60 6.16 -11.52
C THR B 102 28.46 5.01 -11.98
N LYS B 103 29.00 5.12 -13.19
CA LYS B 103 29.87 4.07 -13.67
C LYS B 103 31.31 4.38 -13.27
N VAL B 104 31.94 3.46 -12.55
CA VAL B 104 33.31 3.61 -12.03
C VAL B 104 34.28 2.73 -12.84
N GLU B 105 35.29 3.36 -13.46
CA GLU B 105 36.34 2.62 -14.15
C GLU B 105 37.66 2.85 -13.46
N ILE B 106 38.60 1.95 -13.68
CA ILE B 106 39.88 2.07 -12.99
C ILE B 106 40.94 2.68 -13.91
N LYS B 107 41.90 3.31 -13.27
CA LYS B 107 43.09 3.78 -13.95
C LYS B 107 44.21 2.82 -13.51
N ARG B 108 44.96 2.20 -14.42
CA ARG B 108 46.08 1.30 -14.06
C ARG B 108 47.40 1.56 -14.83
N THR B 109 48.41 0.69 -14.72
CA THR B 109 49.66 1.00 -15.41
C THR B 109 49.48 0.59 -16.86
N VAL B 110 50.24 1.24 -17.76
CA VAL B 110 50.14 0.87 -19.17
C VAL B 110 50.57 -0.57 -19.42
N ALA B 111 49.74 -1.26 -20.22
CA ALA B 111 49.93 -2.64 -20.64
C ALA B 111 49.64 -2.73 -22.15
N ALA B 112 50.67 -3.15 -22.93
CA ALA B 112 50.54 -3.25 -24.37
C ALA B 112 49.71 -4.48 -24.74
N PRO B 113 48.93 -4.39 -25.82
CA PRO B 113 48.11 -5.53 -26.24
C PRO B 113 48.92 -6.62 -26.91
N SER B 114 48.49 -7.85 -26.73
CA SER B 114 48.89 -8.94 -27.59
C SER B 114 47.96 -8.98 -28.79
N VAL B 115 48.53 -9.16 -29.98
CA VAL B 115 47.76 -9.05 -31.21
C VAL B 115 47.72 -10.42 -31.86
N PHE B 116 46.57 -10.76 -32.41
CA PHE B 116 46.37 -12.02 -33.10
C PHE B 116 45.47 -11.71 -34.28
N ILE B 117 45.67 -12.35 -35.41
CA ILE B 117 44.75 -12.16 -36.53
C ILE B 117 44.15 -13.50 -36.93
N PHE B 118 42.89 -13.47 -37.37
CA PHE B 118 42.19 -14.71 -37.74
C PHE B 118 41.66 -14.53 -39.15
N PRO B 119 41.98 -15.42 -40.07
CA PRO B 119 41.41 -15.35 -41.39
C PRO B 119 40.00 -15.92 -41.38
N PRO B 120 39.19 -15.64 -42.41
CA PRO B 120 37.87 -16.27 -42.53
C PRO B 120 37.94 -17.77 -42.75
N SER B 121 36.96 -18.46 -42.18
CA SER B 121 36.79 -19.89 -42.35
C SER B 121 36.32 -20.21 -43.77
N ASP B 122 36.65 -21.41 -44.24
CA ASP B 122 36.15 -21.85 -45.53
C ASP B 122 34.63 -21.93 -45.55
N GLU B 123 33.99 -22.33 -44.43
CA GLU B 123 32.54 -22.43 -44.42
C GLU B 123 31.89 -21.09 -44.71
N GLN B 124 32.43 -20.02 -44.14
CA GLN B 124 31.81 -18.73 -44.36
C GLN B 124 31.97 -18.28 -45.81
N LEU B 125 33.08 -18.61 -46.46
CA LEU B 125 33.23 -18.12 -47.82
C LEU B 125 32.16 -18.69 -48.75
N LYS B 126 31.71 -19.95 -48.55
CA LYS B 126 30.60 -20.40 -49.40
C LYS B 126 29.35 -19.56 -49.25
N SER B 127 29.21 -18.82 -48.16
CA SER B 127 28.05 -17.95 -47.98
C SER B 127 28.23 -16.59 -48.64
N GLY B 128 29.43 -16.27 -49.14
CA GLY B 128 29.64 -15.00 -49.78
C GLY B 128 30.14 -13.86 -48.93
N THR B 129 30.46 -14.10 -47.66
CA THR B 129 30.98 -13.03 -46.83
C THR B 129 32.28 -13.50 -46.22
N ALA B 130 33.24 -12.58 -46.06
CA ALA B 130 34.50 -12.90 -45.41
C ALA B 130 34.70 -11.96 -44.24
N SER B 131 34.80 -12.51 -43.03
CA SER B 131 35.17 -11.74 -41.87
C SER B 131 36.59 -12.04 -41.47
N VAL B 132 37.39 -11.00 -41.34
CA VAL B 132 38.77 -11.11 -40.88
C VAL B 132 38.79 -10.42 -39.53
N VAL B 133 39.27 -11.11 -38.51
CA VAL B 133 39.18 -10.59 -37.16
C VAL B 133 40.59 -10.32 -36.65
N CYS B 134 40.76 -9.18 -36.00
CA CYS B 134 42.00 -8.85 -35.32
C CYS B 134 41.65 -8.63 -33.84
N LEU B 135 42.46 -9.23 -32.97
CA LEU B 135 42.26 -9.25 -31.53
C LEU B 135 43.43 -8.55 -30.82
N LEU B 136 43.11 -7.62 -29.93
CA LEU B 136 44.06 -6.97 -29.03
C LEU B 136 43.75 -7.42 -27.62
N ASN B 137 44.65 -8.15 -26.99
CA ASN B 137 44.33 -8.84 -25.76
C ASN B 137 45.02 -8.18 -24.57
N ASN B 138 44.23 -7.79 -23.57
CA ASN B 138 44.69 -7.47 -22.22
C ASN B 138 45.62 -6.27 -22.17
N PHE B 139 45.06 -5.14 -22.50
CA PHE B 139 45.81 -3.93 -22.51
C PHE B 139 45.14 -2.82 -21.82
N TYR B 140 45.90 -1.83 -21.48
CA TYR B 140 45.33 -0.70 -20.84
C TYR B 140 46.21 0.43 -21.20
N PRO B 141 45.66 1.57 -21.53
CA PRO B 141 44.35 2.14 -21.51
C PRO B 141 43.57 1.74 -22.65
N ARG B 142 42.33 2.08 -22.60
CA ARG B 142 41.43 1.65 -23.61
C ARG B 142 41.68 2.20 -24.95
N GLU B 143 42.28 3.34 -25.03
CA GLU B 143 42.49 3.96 -26.34
C GLU B 143 43.45 3.15 -27.20
N ALA B 144 43.02 2.84 -28.42
CA ALA B 144 43.83 2.13 -29.38
C ALA B 144 43.33 2.43 -30.77
N LYS B 145 44.25 2.49 -31.72
CA LYS B 145 43.93 2.70 -33.13
C LYS B 145 44.20 1.40 -33.87
N VAL B 146 43.19 0.90 -34.58
CA VAL B 146 43.36 -0.35 -35.32
C VAL B 146 43.04 -0.04 -36.76
N GLN B 147 44.05 -0.11 -37.63
CA GLN B 147 43.90 0.13 -39.06
C GLN B 147 44.16 -1.15 -39.83
N TRP B 148 43.27 -1.42 -40.78
CA TRP B 148 43.32 -2.50 -41.75
C TRP B 148 44.02 -2.10 -43.04
N LYS B 149 44.78 -3.03 -43.61
CA LYS B 149 45.41 -2.81 -44.90
C LYS B 149 45.27 -4.09 -45.71
N VAL B 150 44.83 -3.94 -46.95
CA VAL B 150 44.65 -5.05 -47.87
C VAL B 150 45.54 -4.80 -49.07
N ASP B 151 46.50 -5.69 -49.29
CA ASP B 151 47.63 -5.51 -50.22
C ASP B 151 48.31 -4.15 -49.98
N ASN B 152 48.45 -3.79 -48.70
CA ASN B 152 49.08 -2.58 -48.19
C ASN B 152 48.28 -1.32 -48.54
N ALA B 153 47.03 -1.48 -49.01
CA ALA B 153 46.08 -0.39 -49.25
C ALA B 153 45.20 -0.21 -48.02
N LEU B 154 45.16 1.01 -47.49
CA LEU B 154 44.43 1.25 -46.26
C LEU B 154 42.91 1.10 -46.46
N GLN B 155 42.25 0.41 -45.53
CA GLN B 155 40.81 0.21 -45.53
C GLN B 155 40.09 1.21 -44.64
N SER B 156 38.87 1.59 -45.05
CA SER B 156 37.94 2.32 -44.20
C SER B 156 36.52 1.97 -44.55
N GLY B 157 35.66 1.94 -43.55
CA GLY B 157 34.26 1.75 -43.79
C GLY B 157 33.82 0.31 -43.78
N ASN B 158 34.78 -0.61 -43.83
CA ASN B 158 34.46 -2.03 -43.95
C ASN B 158 34.98 -2.81 -42.74
N SER B 159 35.17 -2.14 -41.60
CA SER B 159 35.54 -2.78 -40.35
C SER B 159 34.69 -2.19 -39.22
N GLN B 160 34.57 -2.95 -38.14
CA GLN B 160 33.88 -2.53 -36.94
C GLN B 160 34.69 -2.92 -35.72
N GLU B 161 34.68 -2.09 -34.69
CA GLU B 161 35.41 -2.43 -33.48
C GLU B 161 34.40 -2.72 -32.37
N SER B 162 34.86 -3.47 -31.38
CA SER B 162 34.09 -3.77 -30.18
C SER B 162 35.05 -3.87 -29.01
N VAL B 163 34.66 -3.37 -27.83
CA VAL B 163 35.56 -3.40 -26.69
C VAL B 163 34.85 -4.10 -25.53
N THR B 164 35.58 -4.99 -24.85
CA THR B 164 35.03 -5.64 -23.66
C THR B 164 34.94 -4.66 -22.52
N GLU B 165 34.11 -5.00 -21.54
CA GLU B 165 34.10 -4.24 -20.31
C GLU B 165 35.45 -4.47 -19.60
N GLN B 166 35.80 -3.53 -18.71
CA GLN B 166 37.05 -3.63 -17.97
C GLN B 166 37.11 -4.89 -17.12
N ASP B 167 38.21 -5.60 -17.24
CA ASP B 167 38.35 -6.87 -16.54
C ASP B 167 38.40 -6.64 -15.02
N SER B 168 37.74 -7.54 -14.29
CA SER B 168 37.55 -7.40 -12.86
C SER B 168 38.79 -7.74 -12.03
N LYS B 169 39.79 -8.45 -12.60
CA LYS B 169 41.00 -8.79 -11.86
C LYS B 169 42.23 -7.96 -12.23
N ASP B 170 42.56 -7.86 -13.51
CA ASP B 170 43.76 -7.17 -13.94
C ASP B 170 43.49 -5.79 -14.55
N SER B 171 42.25 -5.35 -14.60
CA SER B 171 41.83 -4.00 -15.04
C SER B 171 42.21 -3.70 -16.48
N THR B 172 42.37 -4.73 -17.29
CA THR B 172 42.69 -4.52 -18.70
C THR B 172 41.42 -4.54 -19.54
N TYR B 173 41.59 -4.17 -20.80
CA TYR B 173 40.55 -4.21 -21.80
C TYR B 173 40.99 -5.19 -22.88
N SER B 174 40.03 -5.68 -23.64
CA SER B 174 40.31 -6.38 -24.88
C SER B 174 39.48 -5.81 -26.02
N LEU B 175 39.98 -5.96 -27.25
CA LEU B 175 39.33 -5.28 -28.37
C LEU B 175 39.35 -6.20 -29.58
N SER B 176 38.23 -6.24 -30.29
CA SER B 176 38.10 -6.93 -31.57
C SER B 176 37.90 -5.88 -32.67
N SER B 177 38.54 -6.09 -33.81
CA SER B 177 38.22 -5.33 -35.01
C SER B 177 37.93 -6.33 -36.12
N THR B 178 36.83 -6.13 -36.85
CA THR B 178 36.36 -7.11 -37.80
C THR B 178 36.24 -6.46 -39.16
N LEU B 179 37.02 -6.94 -40.14
CA LEU B 179 36.94 -6.44 -41.50
C LEU B 179 36.01 -7.39 -42.24
N THR B 180 34.94 -6.84 -42.82
CA THR B 180 33.95 -7.63 -43.55
C THR B 180 33.99 -7.26 -45.03
N LEU B 181 34.15 -8.25 -45.87
CA LEU B 181 34.21 -8.06 -47.31
C LEU B 181 33.30 -9.09 -47.93
N SER B 182 32.78 -8.79 -49.12
CA SER B 182 32.17 -9.86 -49.89
C SER B 182 33.27 -10.86 -50.22
N LYS B 183 32.88 -12.13 -50.37
CA LYS B 183 33.86 -13.15 -50.77
C LYS B 183 34.57 -12.73 -52.04
N ALA B 184 33.85 -12.09 -52.96
CA ALA B 184 34.45 -11.69 -54.22
C ALA B 184 35.54 -10.63 -53.99
N ASP B 185 35.25 -9.64 -53.14
CA ASP B 185 36.25 -8.63 -52.76
C ASP B 185 37.43 -9.25 -52.02
N TYR B 186 37.16 -10.25 -51.18
CA TYR B 186 38.19 -10.93 -50.41
C TYR B 186 39.18 -11.64 -51.32
N GLU B 187 38.69 -12.24 -52.41
CA GLU B 187 39.54 -13.00 -53.32
C GLU B 187 40.34 -12.11 -54.26
N LYS B 188 40.07 -10.81 -54.31
CA LYS B 188 40.90 -9.94 -55.14
C LYS B 188 42.25 -9.69 -54.53
N HIS B 189 42.47 -10.08 -53.27
CA HIS B 189 43.70 -9.66 -52.63
C HIS B 189 44.39 -10.82 -51.94
N LYS B 190 45.66 -10.62 -51.62
CA LYS B 190 46.56 -11.66 -51.15
C LYS B 190 46.95 -11.45 -49.69
N VAL B 191 47.49 -10.28 -49.37
CA VAL B 191 48.08 -10.01 -48.06
C VAL B 191 47.09 -9.19 -47.25
N TYR B 192 46.72 -9.70 -46.07
CA TYR B 192 45.81 -9.04 -45.14
C TYR B 192 46.52 -8.75 -43.82
N ALA B 193 46.43 -7.50 -43.37
CA ALA B 193 47.25 -7.07 -42.25
C ALA B 193 46.43 -6.14 -41.37
N CYS B 194 46.59 -6.31 -40.07
CA CYS B 194 46.04 -5.44 -39.04
C CYS B 194 47.19 -4.72 -38.35
N GLU B 195 47.13 -3.39 -38.32
CA GLU B 195 48.19 -2.61 -37.70
C GLU B 195 47.63 -1.84 -36.52
N VAL B 196 48.25 -2.04 -35.36
CA VAL B 196 47.75 -1.59 -34.08
C VAL B 196 48.73 -0.55 -33.54
N THR B 197 48.23 0.60 -33.17
CA THR B 197 49.00 1.62 -32.49
C THR B 197 48.45 1.80 -31.09
N HIS B 198 49.34 1.79 -30.10
CA HIS B 198 48.88 1.89 -28.72
C HIS B 198 50.01 2.42 -27.84
N GLN B 199 49.60 3.17 -26.81
CA GLN B 199 50.53 3.85 -25.91
C GLN B 199 51.59 2.91 -25.32
N GLY B 200 51.26 1.63 -25.11
CA GLY B 200 52.20 0.65 -24.60
C GLY B 200 53.20 0.04 -25.56
N LEU B 201 53.13 0.40 -26.82
CA LEU B 201 54.02 -0.09 -27.87
C LEU B 201 54.94 1.03 -28.31
N SER B 202 56.25 0.77 -28.30
CA SER B 202 57.18 1.80 -28.70
C SER B 202 57.01 2.18 -30.17
N SER B 203 56.60 1.24 -31.01
CA SER B 203 56.24 1.54 -32.40
C SER B 203 55.07 0.64 -32.77
N PRO B 204 54.37 0.90 -33.88
CA PRO B 204 53.18 0.08 -34.19
C PRO B 204 53.53 -1.38 -34.48
N VAL B 205 52.59 -2.27 -34.14
CA VAL B 205 52.67 -3.72 -34.38
C VAL B 205 51.75 -4.14 -35.52
N THR B 206 52.31 -4.86 -36.50
CA THR B 206 51.56 -5.38 -37.64
C THR B 206 51.55 -6.91 -37.64
N LYS B 207 50.35 -7.51 -37.70
CA LYS B 207 50.16 -8.94 -37.94
C LYS B 207 49.51 -9.17 -39.30
N SER B 208 49.97 -10.20 -40.04
CA SER B 208 49.52 -10.43 -41.42
C SER B 208 49.40 -11.91 -41.76
N PHE B 209 48.60 -12.18 -42.79
CA PHE B 209 48.60 -13.47 -43.48
C PHE B 209 48.48 -13.26 -45.00
N ASN B 210 48.90 -14.28 -45.76
CA ASN B 210 48.68 -14.32 -47.22
C ASN B 210 47.55 -15.28 -47.48
N ARG B 211 46.54 -14.81 -48.23
CA ARG B 211 45.37 -15.64 -48.54
C ARG B 211 45.82 -16.94 -49.18
N GLY B 212 45.31 -18.04 -48.66
CA GLY B 212 45.63 -19.36 -49.15
C GLY B 212 46.95 -19.88 -48.66
N GLU B 213 47.30 -19.58 -47.40
CA GLU B 213 48.50 -20.09 -46.77
C GLU B 213 48.20 -20.60 -45.37
N GLN C 1 -28.24 4.74 -2.82
CA GLN C 1 -28.26 5.70 -3.92
C GLN C 1 -27.49 5.18 -5.15
N VAL C 2 -26.50 4.34 -4.88
CA VAL C 2 -25.88 3.49 -5.89
C VAL C 2 -25.69 2.13 -5.22
N GLN C 3 -25.93 1.06 -5.97
CA GLN C 3 -26.44 -0.15 -5.36
C GLN C 3 -25.36 -1.22 -5.22
N LEU C 4 -25.31 -1.79 -4.03
CA LEU C 4 -24.34 -2.79 -3.59
C LEU C 4 -25.13 -3.87 -2.85
N GLU C 5 -25.30 -5.02 -3.47
CA GLU C 5 -26.03 -6.10 -2.81
C GLU C 5 -25.05 -7.21 -2.42
N GLU C 6 -24.91 -7.44 -1.12
CA GLU C 6 -24.06 -8.52 -0.63
C GLU C 6 -24.84 -9.81 -0.64
N SER C 7 -24.13 -10.92 -0.81
CA SER C 7 -24.77 -12.22 -0.80
C SER C 7 -23.81 -13.22 -0.22
N GLY C 8 -24.33 -14.33 0.26
CA GLY C 8 -23.52 -15.27 0.98
C GLY C 8 -24.30 -16.12 1.97
N PRO C 9 -23.60 -17.04 2.62
CA PRO C 9 -24.27 -18.21 3.21
C PRO C 9 -25.23 -17.92 4.35
N GLY C 10 -24.84 -17.06 5.29
CA GLY C 10 -25.58 -16.90 6.52
C GLY C 10 -24.97 -17.70 7.66
N LEU C 11 -24.48 -18.92 7.38
CA LEU C 11 -23.82 -19.76 8.37
C LEU C 11 -22.55 -20.36 7.76
N VAL C 12 -21.45 -20.34 8.51
CA VAL C 12 -20.17 -20.92 8.11
C VAL C 12 -19.67 -21.74 9.29
N LYS C 13 -19.22 -22.99 9.00
CA LYS C 13 -18.75 -23.83 10.10
C LYS C 13 -17.33 -23.43 10.44
N PRO C 14 -16.94 -23.52 11.71
CA PRO C 14 -15.59 -23.08 12.11
C PRO C 14 -14.50 -23.74 11.28
N SER C 15 -13.45 -22.97 11.00
CA SER C 15 -12.24 -23.30 10.25
C SER C 15 -12.49 -23.38 8.75
N GLU C 16 -13.73 -23.35 8.29
CA GLU C 16 -13.99 -23.44 6.87
C GLU C 16 -13.92 -22.04 6.26
N THR C 17 -14.06 -21.97 4.95
CA THR C 17 -13.79 -20.73 4.24
C THR C 17 -15.07 -20.01 3.86
N LEU C 18 -15.17 -18.76 4.28
CA LEU C 18 -16.32 -17.93 4.02
C LEU C 18 -16.13 -17.15 2.71
N SER C 19 -17.16 -17.14 1.86
CA SER C 19 -17.18 -16.34 0.64
C SER C 19 -18.42 -15.46 0.63
N LEU C 20 -18.23 -14.20 0.24
CA LEU C 20 -19.30 -13.25 0.05
C LEU C 20 -19.12 -12.62 -1.32
N THR C 21 -20.23 -12.23 -1.93
CA THR C 21 -20.13 -11.53 -3.20
C THR C 21 -20.90 -10.23 -3.07
N CYS C 22 -20.42 -9.21 -3.75
CA CYS C 22 -21.09 -7.91 -3.80
C CYS C 22 -21.47 -7.65 -5.23
N SER C 23 -22.76 -7.66 -5.53
CA SER C 23 -23.19 -7.34 -6.88
C SER C 23 -23.33 -5.83 -7.00
N VAL C 24 -22.69 -5.26 -8.01
CA VAL C 24 -22.59 -3.82 -8.19
C VAL C 24 -23.48 -3.39 -9.35
N SER C 25 -24.26 -2.35 -9.12
CA SER C 25 -25.12 -1.81 -10.15
C SER C 25 -24.79 -0.35 -10.31
N GLY C 26 -24.75 0.12 -11.55
CA GLY C 26 -24.72 1.53 -11.82
C GLY C 26 -23.41 2.06 -12.28
N VAL C 27 -22.30 1.40 -11.95
CA VAL C 27 -20.99 1.73 -12.49
C VAL C 27 -20.29 0.43 -12.85
N SER C 28 -19.17 0.55 -13.55
CA SER C 28 -18.40 -0.61 -13.94
C SER C 28 -17.31 -0.86 -12.91
N VAL C 29 -17.14 -2.11 -12.48
CA VAL C 29 -16.03 -2.41 -11.59
C VAL C 29 -14.69 -2.23 -12.26
N THR C 30 -14.67 -2.03 -13.57
CA THR C 30 -13.43 -1.81 -14.29
C THR C 30 -13.03 -0.33 -14.36
N SER C 31 -13.84 0.58 -13.85
CA SER C 31 -13.50 1.99 -13.86
C SER C 31 -12.32 2.24 -12.92
N ASP C 32 -11.26 2.88 -13.42
CA ASP C 32 -10.03 2.86 -12.64
C ASP C 32 -10.03 3.81 -11.45
N ILE C 33 -11.02 4.68 -11.30
CA ILE C 33 -10.97 5.65 -10.21
C ILE C 33 -11.59 5.15 -8.91
N TYR C 34 -12.32 4.04 -8.92
CA TYR C 34 -12.99 3.57 -7.70
C TYR C 34 -12.19 2.47 -7.00
N TYR C 35 -12.37 2.40 -5.69
CA TYR C 35 -11.92 1.23 -4.96
C TYR C 35 -13.09 0.54 -4.24
N TRP C 36 -12.92 -0.76 -3.98
CA TRP C 36 -13.99 -1.63 -3.50
C TRP C 36 -13.56 -2.22 -2.18
N THR C 37 -14.43 -2.15 -1.18
CA THR C 37 -14.05 -2.35 0.20
C THR C 37 -15.02 -3.34 0.82
N TRP C 38 -14.53 -4.08 1.83
CA TRP C 38 -15.38 -4.80 2.75
C TRP C 38 -15.11 -4.25 4.15
N ILE C 39 -16.19 -4.11 4.94
CA ILE C 39 -16.11 -3.71 6.34
C ILE C 39 -17.00 -4.67 7.10
N ARG C 40 -16.66 -4.91 8.36
CA ARG C 40 -17.50 -5.78 9.17
C ARG C 40 -17.67 -5.21 10.56
N GLN C 41 -18.66 -5.74 11.27
CA GLN C 41 -19.02 -5.34 12.64
C GLN C 41 -19.49 -6.56 13.43
N PRO C 42 -18.68 -7.07 14.35
CA PRO C 42 -19.16 -8.13 15.25
C PRO C 42 -20.27 -7.60 16.16
N PRO C 43 -21.19 -8.50 16.61
CA PRO C 43 -22.23 -8.11 17.57
C PRO C 43 -21.67 -7.36 18.77
N GLY C 44 -22.13 -6.14 19.02
CA GLY C 44 -21.65 -5.39 20.16
C GLY C 44 -20.25 -4.83 20.04
N LYS C 45 -19.59 -4.95 18.90
CA LYS C 45 -18.31 -4.31 18.66
C LYS C 45 -18.52 -3.16 17.67
N GLY C 46 -17.42 -2.43 17.39
CA GLY C 46 -17.41 -1.36 16.42
C GLY C 46 -17.21 -1.90 15.00
N LEU C 47 -17.18 -0.99 14.04
CA LEU C 47 -16.89 -1.36 12.66
C LEU C 47 -15.40 -1.65 12.49
N GLU C 48 -15.07 -2.68 11.69
CA GLU C 48 -13.69 -3.05 11.42
C GLU C 48 -13.43 -3.03 9.92
N TRP C 49 -12.43 -2.25 9.50
CA TRP C 49 -12.07 -2.18 8.09
C TRP C 49 -11.31 -3.45 7.71
N ILE C 50 -11.63 -3.99 6.54
CA ILE C 50 -11.01 -5.23 6.07
C ILE C 50 -9.99 -4.96 4.98
N GLY C 51 -10.39 -4.28 3.90
CA GLY C 51 -9.42 -3.97 2.86
C GLY C 51 -10.04 -3.28 1.66
N TYR C 52 -9.19 -2.98 0.69
CA TYR C 52 -9.63 -2.38 -0.55
C TYR C 52 -8.96 -3.05 -1.73
N ILE C 53 -9.60 -2.97 -2.90
CA ILE C 53 -8.98 -3.44 -4.13
C ILE C 53 -9.37 -2.52 -5.27
N PHE C 54 -8.41 -2.20 -6.13
CA PHE C 54 -8.62 -1.50 -7.39
C PHE C 54 -8.55 -2.47 -8.56
N TYR C 55 -9.22 -2.11 -9.65
CA TYR C 55 -9.18 -2.94 -10.87
C TYR C 55 -7.77 -3.10 -11.42
N ASN C 56 -6.92 -2.09 -11.28
CA ASN C 56 -5.56 -2.11 -11.85
C ASN C 56 -4.62 -3.11 -11.16
N GLY C 57 -5.07 -3.72 -10.07
CA GLY C 57 -4.32 -4.71 -9.32
C GLY C 57 -3.98 -4.30 -7.91
N ASP C 58 -3.98 -3.01 -7.62
CA ASP C 58 -3.52 -2.53 -6.32
C ASP C 58 -4.45 -2.99 -5.19
N THR C 59 -3.93 -3.69 -4.19
CA THR C 59 -4.76 -4.14 -3.07
C THR C 59 -4.06 -3.88 -1.74
N ASN C 60 -4.85 -3.79 -0.68
CA ASN C 60 -4.30 -3.65 0.66
C ASN C 60 -5.32 -4.11 1.71
N TYR C 61 -4.91 -5.04 2.57
CA TYR C 61 -5.76 -5.67 3.58
C TYR C 61 -5.33 -5.27 4.98
N ASN C 62 -6.30 -5.14 5.86
CA ASN C 62 -6.01 -4.83 7.24
C ASN C 62 -5.01 -5.85 7.80
N PRO C 63 -3.86 -5.40 8.34
CA PRO C 63 -2.92 -6.31 9.01
C PRO C 63 -3.54 -7.19 10.10
N SER C 64 -4.68 -6.80 10.67
CA SER C 64 -5.31 -7.70 11.63
C SER C 64 -5.80 -8.95 10.92
N LEU C 65 -6.09 -8.85 9.60
CA LEU C 65 -6.71 -9.92 8.82
C LEU C 65 -5.89 -10.27 7.58
N LYS C 66 -4.67 -9.74 7.45
CA LYS C 66 -3.85 -9.76 6.23
C LYS C 66 -3.71 -11.16 5.67
N SER C 67 -3.44 -12.12 6.55
CA SER C 67 -3.08 -13.47 6.14
C SER C 67 -4.25 -14.33 5.77
N ARG C 68 -5.49 -13.89 6.03
CA ARG C 68 -6.64 -14.74 5.78
C ARG C 68 -7.61 -14.18 4.75
N VAL C 69 -7.52 -12.91 4.41
CA VAL C 69 -8.50 -12.32 3.51
C VAL C 69 -7.85 -12.14 2.15
N THR C 70 -8.64 -12.36 1.11
CA THR C 70 -8.34 -11.98 -0.26
C THR C 70 -9.65 -11.49 -0.87
N MET C 71 -9.54 -10.66 -1.90
CA MET C 71 -10.71 -10.10 -2.58
C MET C 71 -10.46 -10.21 -4.08
N SER C 72 -11.52 -10.19 -4.87
CA SER C 72 -11.31 -10.31 -6.30
C SER C 72 -12.41 -9.57 -7.06
N ILE C 73 -12.15 -9.28 -8.33
CA ILE C 73 -13.09 -8.58 -9.21
C ILE C 73 -13.41 -9.45 -10.42
N ASP C 74 -14.72 -9.72 -10.64
CA ASP C 74 -15.21 -10.52 -11.77
C ASP C 74 -15.98 -9.60 -12.70
N THR C 75 -15.34 -9.14 -13.78
CA THR C 75 -15.98 -8.16 -14.66
C THR C 75 -17.15 -8.77 -15.41
N SER C 76 -17.09 -10.08 -15.67
CA SER C 76 -18.14 -10.76 -16.43
C SER C 76 -19.51 -10.55 -15.78
N LYS C 77 -19.57 -10.55 -14.43
CA LYS C 77 -20.80 -10.36 -13.67
C LYS C 77 -20.91 -8.99 -12.97
N ASN C 78 -19.91 -8.11 -13.11
CA ASN C 78 -19.86 -6.80 -12.44
C ASN C 78 -19.93 -6.94 -10.92
N GLU C 79 -19.13 -7.86 -10.37
CA GLU C 79 -19.16 -8.22 -8.96
C GLU C 79 -17.76 -8.22 -8.37
N PHE C 80 -17.66 -8.09 -7.05
CA PHE C 80 -16.41 -8.39 -6.40
C PHE C 80 -16.68 -9.19 -5.14
N SER C 81 -15.62 -9.81 -4.63
CA SER C 81 -15.78 -10.92 -3.70
C SER C 81 -14.85 -10.80 -2.51
N LEU C 82 -15.19 -11.52 -1.47
CA LEU C 82 -14.38 -11.60 -0.27
C LEU C 82 -14.19 -13.07 0.02
N ARG C 83 -13.01 -13.44 0.51
CA ARG C 83 -12.73 -14.79 0.94
C ARG C 83 -11.97 -14.68 2.27
N LEU C 84 -12.46 -15.36 3.29
CA LEU C 84 -11.87 -15.30 4.63
C LEU C 84 -11.69 -16.74 5.10
N THR C 85 -10.43 -17.18 5.25
CA THR C 85 -10.15 -18.57 5.51
C THR C 85 -10.01 -18.87 7.00
N SER C 86 -10.25 -20.13 7.34
CA SER C 86 -9.99 -20.66 8.67
C SER C 86 -10.66 -19.81 9.75
N VAL C 87 -12.00 -19.64 9.62
CA VAL C 87 -12.80 -18.71 10.43
C VAL C 87 -13.11 -19.30 11.81
N THR C 88 -13.36 -18.42 12.78
CA THR C 88 -13.84 -18.84 14.09
C THR C 88 -15.03 -18.01 14.55
N ALA C 89 -15.44 -18.21 15.81
CA ALA C 89 -16.58 -17.48 16.35
C ALA C 89 -16.33 -15.98 16.38
N ALA C 90 -15.05 -15.56 16.50
CA ALA C 90 -14.74 -14.13 16.50
C ALA C 90 -14.98 -13.48 15.15
N ASP C 91 -15.27 -14.27 14.12
CA ASP C 91 -15.56 -13.70 12.80
C ASP C 91 -17.04 -13.50 12.55
N THR C 92 -17.92 -13.84 13.52
CA THR C 92 -19.35 -13.58 13.41
C THR C 92 -19.61 -12.07 13.39
N ALA C 93 -20.27 -11.59 12.33
CA ALA C 93 -20.35 -10.16 12.11
C ALA C 93 -21.28 -9.86 10.95
N VAL C 94 -21.69 -8.60 10.84
CA VAL C 94 -22.39 -8.13 9.65
C VAL C 94 -21.33 -7.62 8.71
N TYR C 95 -21.34 -8.11 7.47
CA TYR C 95 -20.33 -7.73 6.50
C TYR C 95 -20.93 -6.79 5.47
N PHE C 96 -20.35 -5.61 5.34
CA PHE C 96 -20.81 -4.63 4.38
C PHE C 96 -19.84 -4.61 3.22
N CYS C 97 -20.37 -4.60 1.99
CA CYS C 97 -19.49 -4.14 0.94
C CYS C 97 -19.71 -2.65 0.72
N ALA C 98 -18.69 -2.01 0.15
CA ALA C 98 -18.69 -0.55 0.03
C ALA C 98 -17.83 -0.15 -1.16
N ARG C 99 -18.18 0.99 -1.75
CA ARG C 99 -17.41 1.59 -2.82
C ARG C 99 -16.78 2.87 -2.30
N GLY C 100 -15.53 3.11 -2.69
CA GLY C 100 -14.92 4.38 -2.36
C GLY C 100 -14.45 5.04 -3.63
N THR C 101 -14.25 6.37 -3.59
CA THR C 101 -13.73 7.08 -4.74
C THR C 101 -12.39 7.68 -4.38
N GLU C 102 -11.38 7.39 -5.20
CA GLU C 102 -10.05 7.88 -4.90
C GLU C 102 -10.02 9.41 -4.93
N ASP C 103 -9.53 9.99 -3.83
CA ASP C 103 -9.58 11.44 -3.56
C ASP C 103 -8.40 11.72 -2.64
N LEU C 104 -7.21 11.85 -3.27
CA LEU C 104 -5.95 11.95 -2.54
C LEU C 104 -5.75 13.25 -1.79
N GLY C 105 -6.52 14.27 -1.79
CA GLY C 105 -5.99 15.25 -0.85
C GLY C 105 -6.70 15.62 0.49
N TYR C 106 -7.87 14.68 0.27
CA TYR C 106 -8.67 14.76 1.46
C TYR C 106 -8.81 13.42 2.18
N CYS C 107 -8.10 12.40 1.70
CA CYS C 107 -8.28 11.01 2.09
C CYS C 107 -7.05 10.20 1.67
N SER C 108 -6.65 9.25 2.53
CA SER C 108 -5.65 8.29 2.14
C SER C 108 -6.16 7.41 1.01
N SER C 109 -5.23 6.74 0.35
CA SER C 109 -5.66 5.92 -0.77
C SER C 109 -6.52 4.77 -0.27
N GLY C 110 -7.71 4.65 -0.85
CA GLY C 110 -8.62 3.55 -0.62
C GLY C 110 -9.27 3.47 0.75
N SER C 111 -9.38 4.60 1.46
CA SER C 111 -9.72 4.55 2.88
C SER C 111 -11.02 5.27 3.25
N CYS C 112 -11.82 5.70 2.27
CA CYS C 112 -12.98 6.54 2.56
C CYS C 112 -14.18 6.06 1.74
N PRO C 113 -14.64 4.84 1.99
CA PRO C 113 -15.80 4.35 1.23
C PRO C 113 -17.05 5.15 1.58
N ASN C 114 -17.69 5.73 0.55
CA ASN C 114 -18.81 6.65 0.71
C ASN C 114 -20.14 6.10 0.22
N HIS C 115 -20.19 4.85 -0.23
CA HIS C 115 -21.42 4.19 -0.64
C HIS C 115 -21.41 2.79 -0.09
N TRP C 116 -22.33 2.47 0.81
CA TRP C 116 -22.35 1.14 1.40
C TRP C 116 -23.57 0.35 0.94
N GLY C 117 -23.39 -0.96 0.88
CA GLY C 117 -24.51 -1.86 0.90
C GLY C 117 -25.07 -1.90 2.30
N GLN C 118 -26.20 -2.60 2.43
CA GLN C 118 -26.92 -2.61 3.70
C GLN C 118 -26.46 -3.68 4.67
N GLY C 119 -25.62 -4.60 4.22
CA GLY C 119 -24.96 -5.61 5.06
C GLY C 119 -25.60 -6.99 4.93
N THR C 120 -24.79 -8.01 5.17
CA THR C 120 -25.25 -9.40 5.25
C THR C 120 -24.59 -10.04 6.48
N LEU C 121 -25.39 -10.74 7.27
CA LEU C 121 -24.90 -11.40 8.48
C LEU C 121 -24.31 -12.77 8.14
N VAL C 122 -23.12 -13.03 8.69
CA VAL C 122 -22.43 -14.31 8.60
C VAL C 122 -22.31 -14.80 10.04
N THR C 123 -22.82 -16.00 10.29
CA THR C 123 -22.78 -16.58 11.63
C THR C 123 -21.84 -17.77 11.57
N VAL C 124 -20.83 -17.78 12.44
CA VAL C 124 -19.89 -18.89 12.53
C VAL C 124 -20.32 -19.78 13.69
N SER C 125 -20.64 -21.03 13.39
CA SER C 125 -21.19 -21.99 14.35
C SER C 125 -21.02 -23.40 13.81
N SER C 126 -20.90 -24.34 14.73
CA SER C 126 -20.74 -25.75 14.43
C SER C 126 -22.06 -26.44 14.18
N ALA C 127 -23.14 -25.86 14.70
CA ALA C 127 -24.50 -26.38 14.58
C ALA C 127 -25.05 -26.21 13.19
N SER C 128 -26.10 -26.91 12.80
CA SER C 128 -26.51 -26.71 11.42
C SER C 128 -27.75 -25.80 11.42
N THR C 129 -28.11 -25.30 10.24
CA THR C 129 -29.35 -24.54 10.09
C THR C 129 -30.62 -25.34 10.36
N LYS C 130 -31.64 -24.60 10.76
CA LYS C 130 -33.01 -25.08 10.94
C LYS C 130 -33.91 -23.95 10.56
N GLY C 131 -34.86 -24.23 9.66
CA GLY C 131 -35.83 -23.26 9.22
C GLY C 131 -36.90 -23.08 10.28
N PRO C 132 -37.61 -21.96 10.26
CA PRO C 132 -38.55 -21.68 11.35
C PRO C 132 -39.86 -22.45 11.20
N SER C 133 -40.53 -22.61 12.33
CA SER C 133 -41.94 -22.95 12.37
C SER C 133 -42.72 -21.67 12.63
N VAL C 134 -43.87 -21.53 11.97
CA VAL C 134 -44.60 -20.26 12.01
C VAL C 134 -46.02 -20.48 12.54
N PHE C 135 -46.40 -19.71 13.56
CA PHE C 135 -47.75 -19.94 14.05
C PHE C 135 -48.51 -18.62 14.00
N PRO C 136 -49.81 -18.65 13.70
CA PRO C 136 -50.59 -17.40 13.65
C PRO C 136 -50.91 -16.82 15.01
N LEU C 137 -50.87 -15.49 15.11
CA LEU C 137 -51.47 -14.77 16.22
C LEU C 137 -52.76 -14.07 15.80
N ALA C 138 -53.93 -14.77 15.95
CA ALA C 138 -55.19 -14.32 15.36
C ALA C 138 -55.82 -13.16 16.16
N PRO C 139 -56.52 -12.26 15.46
CA PRO C 139 -57.16 -11.10 16.10
C PRO C 139 -58.31 -11.50 17.02
N GLY C 146 -60.98 -11.34 20.34
CA GLY C 146 -62.03 -10.38 20.61
C GLY C 146 -61.54 -9.18 21.40
N GLY C 147 -60.32 -9.38 21.90
CA GLY C 147 -59.59 -8.42 22.68
C GLY C 147 -58.15 -8.38 22.24
N THR C 148 -57.93 -8.00 20.98
CA THR C 148 -56.63 -7.91 20.34
C THR C 148 -56.89 -7.40 18.94
N ALA C 149 -56.72 -6.11 18.65
CA ALA C 149 -57.04 -5.57 17.31
C ALA C 149 -56.05 -5.61 16.17
N ALA C 150 -54.86 -6.16 16.39
CA ALA C 150 -53.95 -6.30 15.30
C ALA C 150 -53.43 -7.71 15.35
N LEU C 151 -53.26 -8.32 14.18
CA LEU C 151 -52.82 -9.71 14.04
C LEU C 151 -51.31 -9.88 13.97
N GLY C 152 -50.83 -11.11 13.81
CA GLY C 152 -49.40 -11.32 13.71
C GLY C 152 -49.01 -12.72 13.34
N CYS C 153 -47.69 -12.93 13.37
CA CYS C 153 -47.04 -14.21 13.19
C CYS C 153 -46.01 -14.40 14.26
N LEU C 154 -46.03 -15.58 14.85
CA LEU C 154 -45.00 -15.99 15.78
C LEU C 154 -44.05 -16.85 14.96
N VAL C 155 -42.77 -16.49 14.92
CA VAL C 155 -41.76 -17.17 14.09
C VAL C 155 -40.78 -17.83 15.05
N LYS C 156 -40.91 -19.15 15.23
CA LYS C 156 -40.29 -19.84 16.35
C LYS C 156 -39.29 -20.91 15.91
N ASP C 157 -38.16 -21.00 16.62
CA ASP C 157 -37.26 -22.14 16.57
C ASP C 157 -36.54 -22.25 15.24
N TYR C 158 -35.81 -21.20 14.87
CA TYR C 158 -34.98 -21.26 13.68
C TYR C 158 -33.56 -20.96 14.13
N PHE C 159 -32.63 -21.12 13.21
CA PHE C 159 -31.26 -20.85 13.51
C PHE C 159 -30.46 -20.97 12.29
N PRO C 160 -29.66 -19.99 11.98
CA PRO C 160 -29.36 -18.82 12.75
C PRO C 160 -30.12 -17.68 12.21
N GLU C 161 -29.67 -16.48 12.54
CA GLU C 161 -30.31 -15.32 12.04
C GLU C 161 -29.87 -15.09 10.65
N PRO C 162 -30.66 -14.44 9.85
CA PRO C 162 -31.88 -13.78 10.17
C PRO C 162 -33.02 -14.21 9.36
N VAL C 163 -34.16 -13.71 9.77
CA VAL C 163 -35.35 -13.92 9.01
C VAL C 163 -35.85 -12.57 8.68
N THR C 164 -36.52 -12.52 7.57
CA THR C 164 -37.20 -11.29 7.20
C THR C 164 -38.68 -11.60 7.14
N VAL C 165 -39.50 -10.65 7.55
CA VAL C 165 -40.96 -10.81 7.51
C VAL C 165 -41.53 -9.63 6.75
N SER C 166 -42.33 -9.91 5.75
CA SER C 166 -43.12 -8.88 5.11
C SER C 166 -44.58 -9.30 5.19
N TRP C 167 -45.48 -8.36 4.91
CA TRP C 167 -46.90 -8.65 4.95
C TRP C 167 -47.49 -8.38 3.57
N ASN C 168 -48.26 -9.34 3.06
CA ASN C 168 -48.97 -9.16 1.78
C ASN C 168 -48.01 -8.88 0.62
N SER C 169 -46.88 -9.59 0.61
CA SER C 169 -45.86 -9.45 -0.42
C SER C 169 -45.24 -8.04 -0.43
N GLY C 170 -45.24 -7.37 0.74
CA GLY C 170 -44.67 -6.04 0.83
C GLY C 170 -45.69 -4.93 0.68
N ALA C 171 -46.95 -5.28 0.36
CA ALA C 171 -48.02 -4.29 0.16
C ALA C 171 -48.48 -3.63 1.45
N LEU C 172 -48.40 -4.33 2.57
CA LEU C 172 -48.84 -3.79 3.85
C LEU C 172 -47.58 -3.39 4.62
N THR C 173 -47.39 -2.09 4.87
CA THR C 173 -46.17 -1.71 5.59
C THR C 173 -46.45 -0.80 6.78
N SER C 174 -47.49 0.01 6.70
CA SER C 174 -47.83 0.91 7.80
C SER C 174 -48.33 0.10 8.98
N GLY C 175 -47.79 0.39 10.16
CA GLY C 175 -48.28 -0.27 11.35
C GLY C 175 -47.62 -1.60 11.64
N VAL C 176 -46.61 -1.96 10.87
CA VAL C 176 -45.95 -3.25 11.03
C VAL C 176 -44.89 -3.07 12.09
N HIS C 177 -44.78 -4.03 12.99
CA HIS C 177 -43.64 -4.13 13.90
C HIS C 177 -43.07 -5.54 13.88
N THR C 178 -41.81 -5.71 13.47
CA THR C 178 -41.13 -7.00 13.60
C THR C 178 -40.13 -6.88 14.75
N PHE C 179 -40.35 -7.66 15.81
CA PHE C 179 -39.54 -7.54 17.02
C PHE C 179 -38.16 -8.14 16.84
N PRO C 180 -37.14 -7.61 17.54
CA PRO C 180 -35.85 -8.29 17.54
C PRO C 180 -36.01 -9.71 18.03
N ALA C 181 -35.26 -10.63 17.42
CA ALA C 181 -35.32 -12.02 17.83
C ALA C 181 -34.76 -12.14 19.23
N VAL C 182 -35.27 -13.11 19.97
CA VAL C 182 -34.70 -13.46 21.25
C VAL C 182 -34.19 -14.87 21.10
N LEU C 183 -33.02 -15.16 21.65
CA LEU C 183 -32.51 -16.52 21.61
C LEU C 183 -33.15 -17.27 22.77
N GLN C 184 -33.85 -18.36 22.47
CA GLN C 184 -34.47 -19.09 23.55
C GLN C 184 -33.43 -19.99 24.21
N SER C 185 -33.78 -20.51 25.37
CA SER C 185 -32.87 -21.36 26.11
C SER C 185 -32.56 -22.65 25.36
N SER C 186 -33.36 -23.00 24.35
CA SER C 186 -33.12 -24.20 23.56
C SER C 186 -31.97 -24.04 22.56
N GLY C 187 -31.46 -22.83 22.37
CA GLY C 187 -30.46 -22.56 21.34
C GLY C 187 -31.02 -22.15 19.98
N LEU C 188 -32.34 -22.02 19.84
CA LEU C 188 -32.97 -21.57 18.60
C LEU C 188 -33.55 -20.16 18.80
N TYR C 189 -33.73 -19.44 17.69
CA TYR C 189 -34.22 -18.07 17.80
C TYR C 189 -35.74 -17.98 17.63
N SER C 190 -36.33 -16.91 18.17
CA SER C 190 -37.76 -16.70 17.98
C SER C 190 -38.08 -15.21 17.96
N LEU C 191 -39.11 -14.84 17.19
CA LEU C 191 -39.61 -13.47 17.18
C LEU C 191 -41.10 -13.44 16.80
N SER C 192 -41.72 -12.28 17.02
CA SER C 192 -43.06 -12.02 16.53
C SER C 192 -43.09 -10.82 15.60
N SER C 193 -43.97 -10.90 14.61
CA SER C 193 -44.33 -9.77 13.76
C SER C 193 -45.81 -9.52 13.91
N VAL C 194 -46.17 -8.26 14.14
CA VAL C 194 -47.54 -7.85 14.37
C VAL C 194 -47.86 -6.74 13.38
N VAL C 195 -49.14 -6.55 13.12
CA VAL C 195 -49.59 -5.42 12.32
C VAL C 195 -50.95 -5.01 12.87
N THR C 196 -51.16 -3.71 12.92
CA THR C 196 -52.45 -3.14 13.25
C THR C 196 -53.19 -2.70 11.99
N VAL C 197 -54.48 -3.00 11.97
CA VAL C 197 -55.37 -2.75 10.83
C VAL C 197 -56.73 -2.31 11.34
N PRO C 198 -57.56 -1.73 10.47
CA PRO C 198 -58.93 -1.40 10.87
C PRO C 198 -59.67 -2.69 11.17
N SER C 199 -60.42 -2.70 12.29
CA SER C 199 -61.27 -3.85 12.60
C SER C 199 -62.24 -4.15 11.48
N SER C 200 -62.71 -3.10 10.80
CA SER C 200 -63.65 -3.19 9.69
C SER C 200 -63.12 -3.95 8.47
N SER C 201 -61.83 -4.28 8.39
CA SER C 201 -61.28 -4.92 7.22
C SER C 201 -61.23 -6.44 7.28
N LEU C 202 -61.44 -7.04 8.45
CA LEU C 202 -61.15 -8.46 8.66
C LEU C 202 -62.07 -9.37 7.84
N GLY C 203 -63.29 -8.93 7.52
CA GLY C 203 -64.17 -9.82 6.76
C GLY C 203 -63.81 -9.94 5.29
N THR C 204 -63.12 -8.96 4.74
CA THR C 204 -62.90 -8.90 3.30
C THR C 204 -61.44 -8.72 2.93
N GLN C 205 -60.59 -8.32 3.87
CA GLN C 205 -59.16 -8.19 3.61
C GLN C 205 -58.43 -9.43 4.11
N THR C 206 -57.63 -10.02 3.23
CA THR C 206 -56.76 -11.15 3.53
C THR C 206 -55.42 -10.67 4.09
N TYR C 207 -54.95 -11.30 5.15
CA TYR C 207 -53.66 -10.98 5.76
C TYR C 207 -52.73 -12.18 5.70
N ILE C 208 -51.52 -11.99 5.15
CA ILE C 208 -50.52 -13.04 5.03
C ILE C 208 -49.17 -12.51 5.50
N CYS C 209 -48.46 -13.27 6.33
CA CYS C 209 -47.08 -12.92 6.65
C CYS C 209 -46.16 -13.79 5.80
N ASN C 210 -45.13 -13.17 5.27
CA ASN C 210 -44.15 -13.82 4.41
C ASN C 210 -42.85 -13.87 5.17
N VAL C 211 -42.42 -15.07 5.55
CA VAL C 211 -41.23 -15.24 6.37
C VAL C 211 -40.16 -15.88 5.50
N ASN C 212 -39.00 -15.22 5.41
CA ASN C 212 -37.90 -15.60 4.52
C ASN C 212 -36.70 -15.89 5.39
N HIS C 213 -36.16 -17.11 5.26
CA HIS C 213 -34.97 -17.51 6.01
C HIS C 213 -33.83 -18.01 5.12
N LYS C 214 -32.92 -17.11 4.71
CA LYS C 214 -31.84 -17.51 3.81
C LYS C 214 -30.93 -18.61 4.37
N PRO C 215 -30.51 -18.58 5.65
CA PRO C 215 -29.61 -19.63 6.14
C PRO C 215 -30.10 -21.08 6.01
N SER C 216 -31.41 -21.35 6.10
CA SER C 216 -31.87 -22.73 5.91
C SER C 216 -32.44 -22.89 4.54
N ASN C 217 -32.33 -21.85 3.75
CA ASN C 217 -32.84 -21.75 2.41
C ASN C 217 -34.33 -22.18 2.33
N THR C 218 -35.11 -21.68 3.32
CA THR C 218 -36.55 -21.90 3.59
C THR C 218 -37.38 -20.62 3.37
N LYS C 219 -38.56 -20.75 2.74
CA LYS C 219 -39.50 -19.64 2.67
C LYS C 219 -40.90 -20.09 3.05
N VAL C 220 -41.58 -19.34 3.94
CA VAL C 220 -42.87 -19.75 4.49
C VAL C 220 -43.90 -18.61 4.46
N ASP C 221 -45.09 -18.89 3.89
CA ASP C 221 -46.24 -17.99 3.86
C ASP C 221 -47.30 -18.50 4.83
N LYS C 222 -47.81 -17.64 5.67
CA LYS C 222 -48.85 -18.05 6.59
C LYS C 222 -49.96 -17.05 6.63
N ARG C 223 -51.13 -17.42 6.21
CA ARG C 223 -52.24 -16.50 6.22
C ARG C 223 -52.83 -16.41 7.57
N VAL C 224 -53.11 -15.24 8.07
CA VAL C 224 -53.65 -15.15 9.40
C VAL C 224 -55.09 -14.81 9.38
N GLU C 225 -55.84 -15.64 10.06
CA GLU C 225 -57.23 -15.52 10.13
C GLU C 225 -57.62 -15.51 11.54
N PRO C 226 -58.63 -14.74 11.82
CA PRO C 226 -59.45 -14.26 12.91
C PRO C 226 -59.84 -15.13 14.06
N LYS C 227 -60.59 -16.19 13.86
CA LYS C 227 -61.02 -16.90 15.05
C LYS C 227 -61.01 -18.42 15.02
N ASP D 1 -4.25 0.63 14.64
CA ASP D 1 -3.22 1.67 14.58
C ASP D 1 -3.61 2.98 15.31
N ILE D 2 -4.46 3.78 14.65
CA ILE D 2 -5.10 4.96 15.24
C ILE D 2 -6.40 4.56 15.95
N VAL D 3 -6.51 4.85 17.25
CA VAL D 3 -7.69 4.48 18.03
C VAL D 3 -8.61 5.69 18.19
N MET D 4 -9.90 5.52 17.88
CA MET D 4 -10.89 6.60 17.92
C MET D 4 -11.76 6.44 19.16
N THR D 5 -11.82 7.46 19.99
CA THR D 5 -12.65 7.48 21.19
C THR D 5 -13.79 8.46 20.99
N GLN D 6 -15.01 7.95 20.93
CA GLN D 6 -16.21 8.77 20.82
C GLN D 6 -16.82 9.00 22.19
N SER D 7 -17.40 10.18 22.39
CA SER D 7 -18.22 10.36 23.60
C SER D 7 -19.34 11.36 23.31
N PRO D 8 -20.54 11.08 23.85
CA PRO D 8 -20.78 9.88 24.66
C PRO D 8 -21.01 8.63 23.79
N SER D 9 -21.03 7.47 24.42
CA SER D 9 -21.36 6.28 23.67
C SER D 9 -22.85 6.20 23.37
N SER D 10 -23.69 6.80 24.21
CA SER D 10 -25.14 6.83 24.05
C SER D 10 -25.70 8.08 24.74
N LEU D 11 -26.76 8.64 24.14
CA LEU D 11 -27.39 9.84 24.72
C LEU D 11 -28.87 9.92 24.37
N SER D 12 -29.60 10.69 25.18
CA SER D 12 -30.99 11.04 24.93
C SER D 12 -31.15 12.56 24.89
N ALA D 13 -31.97 13.03 23.96
CA ALA D 13 -32.20 14.46 23.79
C ALA D 13 -33.63 14.68 23.28
N SER D 14 -34.16 15.86 23.59
CA SER D 14 -35.51 16.23 23.22
C SER D 14 -35.58 16.82 21.81
N ILE D 15 -36.76 16.73 21.19
CA ILE D 15 -36.95 17.25 19.83
C ILE D 15 -36.58 18.72 19.76
N GLY D 16 -35.87 19.11 18.71
CA GLY D 16 -35.47 20.49 18.55
C GLY D 16 -34.16 20.90 19.20
N ASP D 17 -33.59 20.06 20.06
CA ASP D 17 -32.32 20.35 20.75
C ASP D 17 -31.12 20.32 19.82
N ARG D 18 -30.03 20.90 20.32
CA ARG D 18 -28.71 20.86 19.70
C ARG D 18 -27.89 19.74 20.34
N VAL D 19 -27.42 18.78 19.55
CA VAL D 19 -26.68 17.62 20.03
C VAL D 19 -25.22 17.71 19.58
N THR D 20 -24.31 17.35 20.48
CA THR D 20 -22.88 17.39 20.18
C THR D 20 -22.24 16.07 20.55
N ILE D 21 -21.46 15.55 19.60
CA ILE D 21 -20.70 14.32 19.73
C ILE D 21 -19.26 14.66 19.44
N THR D 22 -18.34 14.25 20.32
CA THR D 22 -16.94 14.51 20.05
C THR D 22 -16.26 13.19 19.71
N CYS D 23 -15.18 13.29 18.94
CA CYS D 23 -14.36 12.15 18.54
C CYS D 23 -12.91 12.55 18.74
N ARG D 24 -12.16 11.74 19.47
CA ARG D 24 -10.78 12.08 19.79
C ARG D 24 -9.86 10.96 19.29
N PRO D 25 -9.02 11.24 18.29
CA PRO D 25 -8.06 10.25 17.83
C PRO D 25 -6.93 10.06 18.84
N SER D 26 -6.18 8.97 18.68
CA SER D 26 -5.02 8.68 19.54
C SER D 26 -3.77 9.43 19.10
N GLN D 27 -3.80 10.04 17.93
CA GLN D 27 -2.74 10.88 17.41
C GLN D 27 -3.39 11.89 16.47
N ASN D 28 -2.63 12.94 16.15
CA ASN D 28 -3.12 14.03 15.31
C ASN D 28 -3.39 13.55 13.88
N ILE D 29 -4.58 13.84 13.36
CA ILE D 29 -4.97 13.36 12.03
C ILE D 29 -5.41 14.50 11.11
N ARG D 30 -5.11 15.75 11.48
CA ARG D 30 -5.39 16.94 10.67
C ARG D 30 -6.90 16.97 10.44
N SER D 31 -7.38 17.09 9.20
CA SER D 31 -8.80 17.06 8.85
C SER D 31 -9.25 15.77 8.19
N PHE D 32 -8.44 14.70 8.24
CA PHE D 32 -8.76 13.44 7.57
C PHE D 32 -9.67 12.60 8.46
N LEU D 33 -10.86 13.15 8.71
CA LEU D 33 -11.81 12.58 9.66
C LEU D 33 -13.19 12.68 9.03
N ASN D 34 -13.91 11.56 8.97
CA ASN D 34 -15.25 11.53 8.37
C ASN D 34 -16.30 11.05 9.37
N TRP D 35 -17.54 11.45 9.12
CA TRP D 35 -18.65 11.09 10.00
C TRP D 35 -19.73 10.28 9.29
N PHE D 36 -20.12 9.15 9.90
CA PHE D 36 -21.12 8.25 9.34
C PHE D 36 -22.37 8.16 10.21
N GLN D 37 -23.51 8.04 9.55
CA GLN D 37 -24.79 7.83 10.22
C GLN D 37 -25.32 6.49 9.75
N HIS D 38 -25.73 5.65 10.69
CA HIS D 38 -26.26 4.33 10.35
C HIS D 38 -27.60 4.21 11.05
N LYS D 39 -28.67 4.37 10.26
CA LYS D 39 -30.03 4.11 10.73
C LYS D 39 -30.32 2.60 10.60
N PRO D 40 -31.08 2.03 11.53
CA PRO D 40 -31.25 0.56 11.54
C PRO D 40 -31.88 0.06 10.26
N GLY D 41 -31.28 -0.99 9.70
CA GLY D 41 -31.72 -1.60 8.46
C GLY D 41 -31.40 -0.85 7.18
N LYS D 42 -30.72 0.29 7.26
CA LYS D 42 -30.26 0.99 6.06
C LYS D 42 -28.76 0.79 5.88
N ALA D 43 -28.29 1.05 4.67
CA ALA D 43 -26.85 1.14 4.45
C ALA D 43 -26.30 2.32 5.24
N PRO D 44 -25.14 2.16 5.90
CA PRO D 44 -24.46 3.32 6.49
C PRO D 44 -24.23 4.40 5.42
N LYS D 45 -24.39 5.68 5.82
CA LYS D 45 -24.36 6.83 4.91
C LYS D 45 -23.32 7.84 5.43
N LEU D 46 -22.49 8.36 4.53
CA LEU D 46 -21.47 9.35 4.91
C LEU D 46 -22.08 10.73 4.98
N LEU D 47 -22.04 11.36 6.16
CA LEU D 47 -22.67 12.67 6.35
C LEU D 47 -21.71 13.82 6.12
N ILE D 48 -20.53 13.68 6.69
CA ILE D 48 -19.52 14.73 6.71
C ILE D 48 -18.18 14.12 6.35
N TYR D 49 -17.51 14.70 5.37
CA TYR D 49 -16.27 14.17 4.87
C TYR D 49 -15.23 15.25 4.99
N ALA D 50 -13.99 14.84 5.24
CA ALA D 50 -12.89 15.76 5.46
C ALA D 50 -13.25 16.79 6.55
N ALA D 51 -13.72 16.26 7.69
CA ALA D 51 -13.92 16.97 8.95
C ALA D 51 -15.16 17.87 9.04
N SER D 52 -15.45 18.64 7.98
CA SER D 52 -16.53 19.62 8.09
C SER D 52 -17.35 19.81 6.81
N ASN D 53 -17.06 19.10 5.71
CA ASN D 53 -17.80 19.31 4.46
C ASN D 53 -19.05 18.43 4.48
N LEU D 54 -20.22 19.09 4.52
CA LEU D 54 -21.52 18.43 4.57
C LEU D 54 -21.74 17.62 3.30
N GLN D 55 -22.03 16.33 3.48
CA GLN D 55 -22.16 15.50 2.30
C GLN D 55 -23.50 15.71 1.63
N SER D 56 -23.56 15.44 0.33
CA SER D 56 -24.76 15.69 -0.46
C SER D 56 -25.95 14.90 0.09
N GLY D 57 -27.13 15.51 -0.01
CA GLY D 57 -28.33 14.88 0.50
C GLY D 57 -28.53 14.99 2.00
N VAL D 58 -27.56 15.49 2.74
CA VAL D 58 -27.66 15.61 4.19
C VAL D 58 -28.23 16.98 4.56
N PRO D 59 -29.14 17.07 5.53
CA PRO D 59 -29.65 18.38 5.93
C PRO D 59 -28.62 19.23 6.66
N SER D 60 -28.79 20.56 6.53
CA SER D 60 -27.93 21.61 7.07
C SER D 60 -28.01 21.75 8.58
N ARG D 61 -28.85 20.97 9.25
CA ARG D 61 -28.77 20.89 10.70
C ARG D 61 -27.58 20.06 11.17
N PHE D 62 -27.01 19.22 10.31
CA PHE D 62 -25.78 18.50 10.63
C PHE D 62 -24.57 19.34 10.24
N SER D 63 -23.64 19.52 11.18
CA SER D 63 -22.41 20.21 10.81
C SER D 63 -21.29 19.72 11.71
N GLY D 64 -20.10 19.59 11.14
CA GLY D 64 -18.96 19.05 11.84
C GLY D 64 -17.82 20.05 11.90
N SER D 65 -17.05 19.96 12.98
CA SER D 65 -16.00 20.91 13.28
C SER D 65 -14.80 20.18 13.85
N GLY D 66 -13.73 20.94 14.06
CA GLY D 66 -12.56 20.49 14.74
C GLY D 66 -11.44 20.17 13.76
N SER D 67 -10.25 19.94 14.33
CA SER D 67 -9.15 19.39 13.54
C SER D 67 -8.03 19.03 14.50
N GLY D 68 -7.09 18.22 14.00
CA GLY D 68 -5.95 17.78 14.77
C GLY D 68 -6.26 16.61 15.68
N THR D 69 -6.58 16.89 16.94
CA THR D 69 -6.81 15.84 17.91
C THR D 69 -8.19 15.89 18.58
N GLU D 70 -9.14 16.71 18.08
CA GLU D 70 -10.50 16.72 18.65
C GLU D 70 -11.55 17.19 17.64
N PHE D 71 -12.63 16.42 17.50
CA PHE D 71 -13.64 16.68 16.47
C PHE D 71 -15.06 16.68 17.04
N THR D 72 -15.94 17.44 16.40
CA THR D 72 -17.30 17.58 16.91
C THR D 72 -18.32 17.50 15.77
N LEU D 73 -19.24 16.54 15.88
CA LEU D 73 -20.45 16.44 15.04
C LEU D 73 -21.63 17.05 15.78
N THR D 74 -22.28 18.05 15.19
CA THR D 74 -23.45 18.68 15.79
C THR D 74 -24.71 18.54 14.93
N ILE D 75 -25.82 18.19 15.57
CA ILE D 75 -27.14 18.23 14.96
C ILE D 75 -27.87 19.45 15.56
N ARG D 76 -28.14 20.45 14.71
CA ARG D 76 -28.54 21.78 15.19
C ARG D 76 -29.97 21.83 15.72
N SER D 77 -30.86 20.93 15.28
CA SER D 77 -32.17 20.79 15.93
C SER D 77 -32.65 19.38 15.66
N LEU D 78 -32.63 18.54 16.70
CA LEU D 78 -32.96 17.12 16.61
C LEU D 78 -34.34 16.89 15.98
N GLN D 79 -34.40 15.85 15.15
CA GLN D 79 -35.59 15.33 14.51
C GLN D 79 -35.83 13.88 14.93
N PRO D 80 -37.08 13.40 14.80
CA PRO D 80 -37.33 11.98 15.11
C PRO D 80 -36.50 11.04 14.27
N GLU D 81 -36.26 11.37 12.98
CA GLU D 81 -35.54 10.52 12.02
C GLU D 81 -34.05 10.46 12.27
N ASP D 82 -33.54 11.30 13.17
CA ASP D 82 -32.13 11.27 13.52
C ASP D 82 -31.82 10.15 14.48
N PHE D 83 -32.81 9.31 14.77
CA PHE D 83 -32.52 8.08 15.46
C PHE D 83 -31.58 7.25 14.61
N ALA D 84 -30.40 6.96 15.14
CA ALA D 84 -29.33 6.34 14.38
C ALA D 84 -28.12 6.19 15.30
N THR D 85 -27.10 5.51 14.78
CA THR D 85 -25.78 5.48 15.41
C THR D 85 -24.79 6.25 14.53
N TYR D 86 -24.02 7.13 15.16
CA TYR D 86 -23.08 7.98 14.42
C TYR D 86 -21.65 7.49 14.69
N TYR D 87 -20.85 7.36 13.62
CA TYR D 87 -19.47 6.86 13.75
C TYR D 87 -18.49 7.83 13.12
N CYS D 88 -17.40 8.09 13.82
CA CYS D 88 -16.29 8.78 13.20
C CYS D 88 -15.25 7.80 12.66
N GLN D 89 -14.56 8.22 11.63
CA GLN D 89 -13.65 7.33 10.91
C GLN D 89 -12.43 8.13 10.48
N GLN D 90 -11.24 7.72 10.93
CA GLN D 90 -10.02 8.41 10.47
C GLN D 90 -9.57 7.87 9.13
N SER D 91 -9.12 8.78 8.29
CA SER D 91 -8.73 8.41 6.94
C SER D 91 -7.24 8.67 6.73
N TYR D 92 -6.50 8.72 7.83
CA TYR D 92 -5.15 9.29 7.84
C TYR D 92 -4.08 8.24 7.58
N ASN D 93 -4.15 7.10 8.29
CA ASN D 93 -3.25 6.00 8.08
C ASN D 93 -4.05 4.76 7.82
N THR D 94 -3.52 3.89 6.98
CA THR D 94 -4.23 2.66 6.76
C THR D 94 -3.79 1.84 7.98
N PRO D 95 -4.66 0.96 8.47
CA PRO D 95 -6.06 0.79 8.10
C PRO D 95 -6.99 1.85 8.72
N PRO D 96 -7.97 2.32 7.95
CA PRO D 96 -9.06 3.13 8.51
C PRO D 96 -9.62 2.51 9.76
N THR D 97 -9.82 3.33 10.77
CA THR D 97 -10.39 2.85 12.01
C THR D 97 -11.55 3.75 12.40
N PHE D 98 -12.52 3.15 13.10
CA PHE D 98 -13.77 3.79 13.46
C PHE D 98 -13.89 3.87 14.98
N GLY D 99 -14.53 4.94 15.44
CA GLY D 99 -14.89 5.05 16.84
C GLY D 99 -15.96 4.08 17.27
N GLN D 100 -16.16 3.94 18.59
CA GLN D 100 -17.01 2.83 19.02
C GLN D 100 -18.47 3.11 18.74
N GLY D 101 -18.81 4.34 18.40
CA GLY D 101 -20.15 4.66 18.01
C GLY D 101 -20.89 5.39 19.10
N THR D 102 -21.86 6.20 18.67
CA THR D 102 -22.78 6.90 19.55
C THR D 102 -24.18 6.60 19.04
N LYS D 103 -25.00 5.94 19.88
CA LYS D 103 -26.40 5.66 19.57
C LYS D 103 -27.23 6.80 20.15
N VAL D 104 -28.06 7.41 19.30
CA VAL D 104 -28.82 8.62 19.61
C VAL D 104 -30.32 8.32 19.76
N GLU D 105 -30.89 8.60 20.94
CA GLU D 105 -32.32 8.44 21.19
C GLU D 105 -33.03 9.77 21.48
N ILE D 106 -34.36 9.75 21.35
CA ILE D 106 -35.22 10.92 21.51
C ILE D 106 -35.93 10.87 22.87
N LYS D 107 -36.13 12.07 23.40
CA LYS D 107 -36.99 12.27 24.55
C LYS D 107 -38.20 12.96 23.87
N ARG D 108 -39.35 12.30 23.79
CA ARG D 108 -40.57 12.84 23.15
C ARG D 108 -41.69 13.00 24.18
N THR D 109 -42.91 13.37 23.76
CA THR D 109 -43.89 13.46 24.83
C THR D 109 -44.28 12.04 25.26
N VAL D 110 -44.72 11.89 26.51
CA VAL D 110 -45.20 10.59 26.95
C VAL D 110 -46.43 10.17 26.14
N ALA D 111 -46.43 8.90 25.72
CA ALA D 111 -47.48 8.25 24.94
C ALA D 111 -47.78 6.91 25.58
N ALA D 112 -49.03 6.72 26.04
CA ALA D 112 -49.39 5.49 26.70
C ALA D 112 -49.54 4.33 25.70
N PRO D 113 -49.19 3.12 26.11
CA PRO D 113 -49.33 1.97 25.23
C PRO D 113 -50.75 1.46 25.05
N SER D 114 -50.99 0.95 23.84
CA SER D 114 -52.10 0.06 23.56
C SER D 114 -51.70 -1.39 23.82
N VAL D 115 -52.59 -2.13 24.46
CA VAL D 115 -52.29 -3.49 24.92
C VAL D 115 -53.18 -4.44 24.13
N PHE D 116 -52.61 -5.60 23.76
CA PHE D 116 -53.31 -6.65 23.05
C PHE D 116 -52.83 -7.99 23.56
N ILE D 117 -53.73 -8.98 23.65
CA ILE D 117 -53.26 -10.30 24.01
C ILE D 117 -53.66 -11.33 22.93
N PHE D 118 -52.79 -12.33 22.72
CA PHE D 118 -52.95 -13.37 21.71
C PHE D 118 -52.83 -14.73 22.40
N PRO D 119 -53.81 -15.60 22.25
CA PRO D 119 -53.69 -16.97 22.80
C PRO D 119 -52.85 -17.84 21.88
N PRO D 120 -52.34 -18.97 22.36
CA PRO D 120 -51.64 -19.88 21.45
C PRO D 120 -52.56 -20.48 20.40
N SER D 121 -52.00 -20.66 19.21
CA SER D 121 -52.70 -21.29 18.10
C SER D 121 -52.85 -22.77 18.35
N ASP D 122 -53.90 -23.34 17.76
CA ASP D 122 -54.07 -24.79 17.84
C ASP D 122 -52.92 -25.53 17.17
N GLU D 123 -52.37 -24.98 16.07
CA GLU D 123 -51.25 -25.65 15.41
C GLU D 123 -50.08 -25.78 16.36
N GLN D 124 -49.80 -24.73 17.15
CA GLN D 124 -48.68 -24.84 18.07
C GLN D 124 -48.97 -25.82 19.21
N LEU D 125 -50.22 -25.88 19.70
CA LEU D 125 -50.50 -26.78 20.82
C LEU D 125 -50.31 -28.26 20.50
N LYS D 126 -50.62 -28.73 19.28
CA LYS D 126 -50.31 -30.12 18.95
C LYS D 126 -48.82 -30.46 19.05
N SER D 127 -47.95 -29.46 19.05
CA SER D 127 -46.52 -29.67 19.18
C SER D 127 -46.08 -29.77 20.64
N GLY D 128 -46.96 -29.54 21.60
CA GLY D 128 -46.61 -29.62 23.00
C GLY D 128 -46.16 -28.33 23.63
N THR D 129 -46.21 -27.22 22.90
CA THR D 129 -45.83 -25.93 23.46
C THR D 129 -46.95 -24.91 23.23
N ALA D 130 -47.11 -24.02 24.20
CA ALA D 130 -48.07 -22.92 24.13
C ALA D 130 -47.34 -21.60 24.34
N SER D 131 -47.40 -20.72 23.35
CA SER D 131 -46.87 -19.37 23.49
C SER D 131 -48.02 -18.37 23.63
N VAL D 132 -47.98 -17.56 24.68
CA VAL D 132 -48.95 -16.49 24.88
C VAL D 132 -48.22 -15.18 24.71
N VAL D 133 -48.72 -14.31 23.84
CA VAL D 133 -48.03 -13.08 23.46
C VAL D 133 -48.85 -11.89 23.94
N CYS D 134 -48.16 -10.90 24.52
CA CYS D 134 -48.79 -9.63 24.87
C CYS D 134 -48.04 -8.53 24.12
N LEU D 135 -48.78 -7.61 23.50
CA LEU D 135 -48.25 -6.55 22.64
C LEU D 135 -48.56 -5.18 23.25
N LEU D 136 -47.53 -4.33 23.38
CA LEU D 136 -47.66 -2.92 23.77
C LEU D 136 -47.30 -2.05 22.58
N ASN D 137 -48.26 -1.28 22.07
CA ASN D 137 -48.11 -0.63 20.77
C ASN D 137 -47.93 0.88 20.92
N ASN D 138 -46.82 1.37 20.35
CA ASN D 138 -46.59 2.78 20.01
C ASN D 138 -46.59 3.66 21.26
N PHE D 139 -45.64 3.41 22.14
CA PHE D 139 -45.54 4.12 23.41
C PHE D 139 -44.19 4.82 23.60
N TYR D 140 -44.16 5.68 24.60
CA TYR D 140 -43.00 6.41 25.08
C TYR D 140 -43.27 6.83 26.53
N PRO D 141 -42.30 6.66 27.43
CA PRO D 141 -40.97 6.15 27.14
C PRO D 141 -40.89 4.66 27.07
N ARG D 142 -39.65 4.22 26.85
CA ARG D 142 -39.32 2.84 26.59
C ARG D 142 -39.57 1.97 27.82
N GLU D 143 -39.45 2.55 29.03
CA GLU D 143 -39.57 1.80 30.27
C GLU D 143 -40.99 1.25 30.42
N ALA D 144 -41.10 -0.05 30.68
CA ALA D 144 -42.40 -0.69 30.90
C ALA D 144 -42.26 -1.98 31.71
N LYS D 145 -43.27 -2.26 32.55
CA LYS D 145 -43.33 -3.49 33.35
C LYS D 145 -44.43 -4.42 32.84
N VAL D 146 -44.07 -5.66 32.51
CA VAL D 146 -45.02 -6.65 32.01
C VAL D 146 -44.92 -7.87 32.92
N GLN D 147 -46.02 -8.16 33.64
CA GLN D 147 -46.11 -9.30 34.54
C GLN D 147 -47.13 -10.30 34.01
N TRP D 148 -46.76 -11.56 33.99
CA TRP D 148 -47.71 -12.62 33.65
C TRP D 148 -48.34 -13.20 34.91
N LYS D 149 -49.64 -13.51 34.84
CA LYS D 149 -50.35 -14.20 35.93
C LYS D 149 -51.26 -15.24 35.34
N VAL D 150 -51.20 -16.44 35.91
CA VAL D 150 -52.01 -17.60 35.53
C VAL D 150 -52.84 -18.04 36.75
N ASP D 151 -54.18 -17.95 36.62
CA ASP D 151 -55.12 -18.07 37.75
C ASP D 151 -54.70 -17.22 38.95
N ASN D 152 -54.26 -16.01 38.64
CA ASN D 152 -53.82 -14.96 39.55
C ASN D 152 -52.52 -15.31 40.28
N ALA D 153 -51.82 -16.38 39.87
CA ALA D 153 -50.50 -16.68 40.42
C ALA D 153 -49.44 -16.08 39.50
N LEU D 154 -48.56 -15.26 40.08
CA LEU D 154 -47.57 -14.57 39.26
C LEU D 154 -46.56 -15.55 38.68
N GLN D 155 -46.24 -15.41 37.40
CA GLN D 155 -45.23 -16.24 36.75
C GLN D 155 -43.90 -15.51 36.73
N SER D 156 -42.82 -16.29 36.81
CA SER D 156 -41.48 -15.76 36.58
C SER D 156 -40.61 -16.83 35.96
N GLY D 157 -39.70 -16.38 35.09
CA GLY D 157 -38.72 -17.26 34.50
C GLY D 157 -39.16 -17.87 33.18
N ASN D 158 -40.44 -17.75 32.83
CA ASN D 158 -41.01 -18.41 31.68
C ASN D 158 -41.54 -17.42 30.64
N SER D 159 -41.03 -16.20 30.63
CA SER D 159 -41.40 -15.22 29.61
C SER D 159 -40.16 -14.51 29.10
N GLN D 160 -40.26 -13.98 27.88
CA GLN D 160 -39.19 -13.20 27.27
C GLN D 160 -39.78 -11.93 26.63
N GLU D 161 -39.03 -10.84 26.71
CA GLU D 161 -39.46 -9.57 26.15
C GLU D 161 -38.60 -9.19 24.95
N SER D 162 -39.16 -8.34 24.10
CA SER D 162 -38.45 -7.78 22.97
C SER D 162 -38.98 -6.38 22.75
N VAL D 163 -38.08 -5.45 22.42
CA VAL D 163 -38.46 -4.05 22.23
C VAL D 163 -37.99 -3.59 20.86
N THR D 164 -38.86 -2.88 20.15
CA THR D 164 -38.44 -2.32 18.87
C THR D 164 -37.47 -1.16 19.08
N GLU D 165 -36.72 -0.87 18.03
CA GLU D 165 -35.96 0.35 18.05
C GLU D 165 -36.92 1.54 18.02
N GLN D 166 -36.45 2.69 18.47
CA GLN D 166 -37.27 3.89 18.45
C GLN D 166 -37.67 4.18 17.00
N ASP D 167 -38.96 4.40 16.80
CA ASP D 167 -39.52 4.62 15.48
C ASP D 167 -39.00 5.91 14.84
N SER D 168 -38.77 5.86 13.53
CA SER D 168 -38.12 6.96 12.84
C SER D 168 -39.03 8.16 12.58
N LYS D 169 -40.36 8.01 12.67
CA LYS D 169 -41.29 9.14 12.47
C LYS D 169 -41.88 9.69 13.76
N ASP D 170 -42.48 8.85 14.61
CA ASP D 170 -43.13 9.31 15.83
C ASP D 170 -42.35 9.02 17.11
N SER D 171 -41.16 8.42 17.04
CA SER D 171 -40.27 8.22 18.20
C SER D 171 -40.88 7.33 19.29
N THR D 172 -41.81 6.46 18.92
CA THR D 172 -42.41 5.52 19.85
C THR D 172 -41.70 4.16 19.79
N TYR D 173 -42.04 3.31 20.75
CA TYR D 173 -41.61 1.93 20.84
C TYR D 173 -42.79 0.99 20.74
N SER D 174 -42.50 -0.25 20.38
CA SER D 174 -43.43 -1.36 20.52
C SER D 174 -42.70 -2.45 21.27
N LEU D 175 -43.45 -3.31 21.95
CA LEU D 175 -42.84 -4.30 22.83
C LEU D 175 -43.62 -5.59 22.73
N SER D 176 -42.90 -6.70 22.69
CA SER D 176 -43.47 -8.04 22.74
C SER D 176 -43.10 -8.67 24.07
N SER D 177 -44.06 -9.34 24.70
CA SER D 177 -43.75 -10.23 25.81
C SER D 177 -44.38 -11.57 25.49
N THR D 178 -43.63 -12.64 25.64
CA THR D 178 -44.08 -13.95 25.20
C THR D 178 -43.98 -14.90 26.38
N LEU D 179 -45.11 -15.45 26.81
CA LEU D 179 -45.15 -16.41 27.89
C LEU D 179 -45.15 -17.82 27.28
N THR D 180 -44.18 -18.65 27.66
CA THR D 180 -44.07 -20.00 27.12
C THR D 180 -44.33 -21.06 28.21
N LEU D 181 -45.28 -21.95 27.92
CA LEU D 181 -45.67 -23.05 28.79
C LEU D 181 -45.76 -24.31 27.93
N SER D 182 -45.57 -25.48 28.55
CA SER D 182 -45.92 -26.75 27.93
C SER D 182 -47.43 -26.88 27.69
N LYS D 183 -47.79 -27.66 26.65
CA LYS D 183 -49.21 -27.92 26.37
C LYS D 183 -49.90 -28.47 27.59
N ALA D 184 -49.22 -29.35 28.34
CA ALA D 184 -49.84 -29.94 29.52
C ALA D 184 -50.10 -28.88 30.59
N ASP D 185 -49.12 -28.02 30.85
CA ASP D 185 -49.30 -26.93 31.81
C ASP D 185 -50.36 -25.92 31.37
N TYR D 186 -50.40 -25.61 30.08
CA TYR D 186 -51.35 -24.63 29.54
C TYR D 186 -52.80 -25.06 29.70
N GLU D 187 -53.11 -26.35 29.48
CA GLU D 187 -54.49 -26.78 29.55
C GLU D 187 -54.99 -26.97 30.98
N LYS D 188 -54.10 -26.92 31.97
CA LYS D 188 -54.45 -27.01 33.38
C LYS D 188 -55.04 -25.73 33.96
N HIS D 189 -55.02 -24.60 33.25
CA HIS D 189 -55.42 -23.34 33.86
C HIS D 189 -56.41 -22.57 32.98
N LYS D 190 -57.07 -21.60 33.61
CA LYS D 190 -58.21 -20.92 33.01
C LYS D 190 -57.89 -19.48 32.65
N VAL D 191 -57.42 -18.68 33.62
CA VAL D 191 -57.28 -17.24 33.42
C VAL D 191 -55.80 -16.94 33.16
N TYR D 192 -55.55 -16.31 32.02
CA TYR D 192 -54.22 -15.87 31.58
C TYR D 192 -54.24 -14.37 31.44
N ALA D 193 -53.28 -13.68 32.06
CA ALA D 193 -53.38 -12.23 32.15
C ALA D 193 -52.00 -11.61 31.98
N CYS D 194 -51.98 -10.51 31.23
CA CYS D 194 -50.83 -9.65 31.06
C CYS D 194 -51.14 -8.31 31.72
N GLU D 195 -50.26 -7.89 32.64
CA GLU D 195 -50.44 -6.65 33.39
C GLU D 195 -49.31 -5.67 33.08
N VAL D 196 -49.67 -4.46 32.64
CA VAL D 196 -48.74 -3.48 32.06
C VAL D 196 -48.65 -2.26 32.99
N THR D 197 -47.42 -1.90 33.35
CA THR D 197 -47.10 -0.67 34.09
C THR D 197 -46.26 0.28 33.24
N HIS D 198 -46.66 1.55 33.17
CA HIS D 198 -45.95 2.52 32.33
C HIS D 198 -46.18 3.97 32.77
N GLN D 199 -45.15 4.80 32.57
CA GLN D 199 -45.19 6.20 33.00
C GLN D 199 -46.44 6.90 32.49
N GLY D 200 -46.93 6.50 31.31
CA GLY D 200 -48.12 7.00 30.68
C GLY D 200 -49.44 6.45 31.17
N LEU D 201 -49.43 5.51 32.12
CA LEU D 201 -50.65 4.93 32.67
C LEU D 201 -50.87 5.38 34.12
N SER D 202 -52.06 5.95 34.38
CA SER D 202 -52.39 6.41 35.73
C SER D 202 -52.53 5.25 36.72
N SER D 203 -52.97 4.08 36.27
CA SER D 203 -52.99 2.85 37.06
C SER D 203 -52.69 1.69 36.11
N PRO D 204 -52.35 0.52 36.64
CA PRO D 204 -51.97 -0.60 35.74
C PRO D 204 -53.12 -1.09 34.86
N VAL D 205 -52.75 -1.56 33.66
CA VAL D 205 -53.68 -2.16 32.68
C VAL D 205 -53.53 -3.67 32.66
N THR D 206 -54.65 -4.39 32.81
CA THR D 206 -54.68 -5.85 32.77
C THR D 206 -55.45 -6.34 31.56
N LYS D 207 -54.81 -7.19 30.75
CA LYS D 207 -55.49 -7.94 29.70
C LYS D 207 -55.52 -9.43 30.01
N SER D 208 -56.67 -10.05 29.74
CA SER D 208 -56.89 -11.43 30.12
C SER D 208 -57.73 -12.13 29.08
N PHE D 209 -57.61 -13.46 29.07
CA PHE D 209 -58.57 -14.32 28.41
C PHE D 209 -58.77 -15.51 29.32
N ASN D 210 -59.92 -16.17 29.16
CA ASN D 210 -60.22 -17.45 29.81
C ASN D 210 -60.10 -18.57 28.80
N ARG D 211 -59.29 -19.58 29.08
CA ARG D 211 -59.17 -20.69 28.13
C ARG D 211 -60.55 -21.27 27.86
N GLY D 212 -60.91 -21.38 26.58
CA GLY D 212 -62.20 -21.95 26.22
C GLY D 212 -63.42 -21.04 26.39
N GLU D 213 -63.26 -19.74 26.15
CA GLU D 213 -64.37 -18.81 26.19
C GLU D 213 -64.36 -17.86 25.00
N ALA E 1 15.84 36.81 6.10
CA ALA E 1 14.59 37.30 6.69
C ALA E 1 13.37 36.38 6.39
N PRO E 2 12.74 35.82 7.43
CA PRO E 2 11.65 34.84 7.24
C PRO E 2 10.38 35.36 6.59
N LEU E 3 9.57 34.40 6.10
CA LEU E 3 8.31 34.68 5.40
C LEU E 3 7.09 34.17 6.14
N GLN E 4 6.32 35.10 6.71
CA GLN E 4 5.10 34.77 7.42
C GLN E 4 4.00 34.60 6.39
N LEU E 5 3.22 33.53 6.48
CA LEU E 5 2.14 33.33 5.54
C LEU E 5 0.78 33.56 6.16
N GLY E 6 0.73 34.09 7.38
CA GLY E 6 -0.54 34.35 8.02
C GLY E 6 -1.44 33.14 8.13
N ASN E 7 -2.68 33.33 7.71
CA ASN E 7 -3.73 32.32 7.72
C ASN E 7 -3.72 31.45 6.46
N CYS E 8 -2.71 31.58 5.59
CA CYS E 8 -2.63 30.80 4.35
C CYS E 8 -1.64 29.64 4.45
N SER E 9 -1.85 28.63 3.60
CA SER E 9 -0.94 27.50 3.45
C SER E 9 -0.04 27.69 2.21
N VAL E 10 1.07 26.96 2.17
CA VAL E 10 1.96 27.07 1.02
C VAL E 10 1.22 26.81 -0.29
N ALA E 11 0.32 25.82 -0.28
CA ALA E 11 -0.53 25.56 -1.46
C ALA E 11 -1.32 26.79 -1.88
N GLY E 12 -2.08 27.36 -0.93
CA GLY E 12 -2.91 28.51 -1.24
C GLY E 12 -2.13 29.70 -1.76
N TRP E 13 -1.07 30.07 -1.03
CA TRP E 13 -0.24 31.21 -1.41
C TRP E 13 0.38 31.03 -2.80
N ILE E 14 0.92 29.86 -3.10
CA ILE E 14 1.65 29.72 -4.37
C ILE E 14 0.66 29.61 -5.54
N LEU E 15 -0.54 29.05 -5.31
CA LEU E 15 -1.57 29.01 -6.34
C LEU E 15 -2.22 30.38 -6.55
N GLY E 16 -2.37 31.17 -5.49
CA GLY E 16 -2.97 32.47 -5.63
C GLY E 16 -4.42 32.41 -5.23
N ASN E 17 -4.66 31.68 -4.14
CA ASN E 17 -5.96 31.69 -3.49
C ASN E 17 -6.43 33.13 -3.35
N PRO E 18 -7.72 33.43 -3.59
CA PRO E 18 -8.13 34.84 -3.54
C PRO E 18 -8.02 35.45 -2.16
N GLU E 19 -8.23 34.68 -1.09
CA GLU E 19 -7.94 35.19 0.24
C GLU E 19 -6.46 35.09 0.55
N CYS E 20 -5.58 35.16 -0.47
CA CYS E 20 -4.15 35.04 -0.19
C CYS E 20 -3.28 35.96 -1.03
N GLU E 21 -3.82 37.00 -1.67
CA GLU E 21 -2.88 37.98 -2.17
C GLU E 21 -2.76 39.10 -1.16
N LEU E 22 -3.65 39.11 -0.15
CA LEU E 22 -3.42 39.56 1.22
C LEU E 22 -2.14 40.35 1.38
N LEU E 23 -1.01 39.71 1.10
CA LEU E 23 0.21 39.72 1.87
C LEU E 23 1.35 40.26 1.01
N ILE E 24 2.40 40.69 1.71
CA ILE E 24 3.51 41.46 1.18
C ILE E 24 4.43 40.62 0.30
N SER E 25 4.21 40.71 -1.01
CA SER E 25 5.07 40.03 -1.98
C SER E 25 6.52 40.31 -1.61
N ARG E 26 7.25 39.25 -1.28
CA ARG E 26 8.64 39.29 -0.84
C ARG E 26 9.61 38.70 -1.85
N GLU E 27 10.87 39.15 -1.74
CA GLU E 27 11.91 38.87 -2.72
C GLU E 27 12.92 37.82 -2.24
N SER E 28 13.00 37.56 -0.94
CA SER E 28 13.95 36.59 -0.40
C SER E 28 13.45 36.20 0.97
N TRP E 29 13.82 35.01 1.41
CA TRP E 29 13.48 34.54 2.75
C TRP E 29 14.31 33.29 3.05
N SER E 30 14.42 32.99 4.33
CA SER E 30 15.24 31.90 4.83
C SER E 30 14.42 30.66 5.16
N TYR E 31 13.32 30.83 5.94
CA TYR E 31 12.32 29.80 6.28
C TYR E 31 10.90 30.37 6.12
N ILE E 32 9.90 29.49 6.17
CA ILE E 32 8.51 29.85 5.93
C ILE E 32 7.72 29.53 7.19
N VAL E 33 7.02 30.55 7.70
CA VAL E 33 6.18 30.47 8.89
C VAL E 33 4.75 30.22 8.45
N GLU E 34 4.15 29.10 8.89
CA GLU E 34 2.81 28.73 8.45
C GLU E 34 2.07 28.06 9.61
N LYS E 35 0.82 28.46 9.83
CA LYS E 35 0.01 27.83 10.86
C LYS E 35 -0.15 26.34 10.55
N PRO E 36 -0.22 25.47 11.57
CA PRO E 36 -0.37 24.04 11.26
C PRO E 36 -1.72 23.70 10.65
N ASN E 37 -2.79 24.40 11.04
CA ASN E 37 -4.10 24.31 10.38
C ASN E 37 -4.43 25.64 9.70
N PRO E 38 -4.01 25.83 8.44
CA PRO E 38 -4.35 27.04 7.69
C PRO E 38 -5.70 26.92 7.02
N GLU E 39 -6.54 27.94 7.12
CA GLU E 39 -7.92 27.74 6.74
C GLU E 39 -8.21 27.94 5.26
N ASN E 40 -7.46 28.78 4.56
CA ASN E 40 -7.66 29.05 3.13
C ASN E 40 -6.41 28.58 2.37
N GLY E 41 -6.49 27.35 1.84
CA GLY E 41 -5.42 26.73 1.08
C GLY E 41 -5.90 26.33 -0.31
N THR E 42 -6.07 25.05 -0.64
CA THR E 42 -6.63 24.71 -1.96
C THR E 42 -8.14 24.94 -1.96
N CYS E 43 -8.58 26.18 -2.26
CA CYS E 43 -10.00 26.53 -2.16
C CYS E 43 -10.89 25.64 -3.03
N TYR E 44 -10.40 25.25 -4.21
CA TYR E 44 -11.09 24.25 -4.99
C TYR E 44 -10.50 22.88 -4.72
N PRO E 45 -11.31 21.92 -4.27
CA PRO E 45 -10.76 20.68 -3.75
C PRO E 45 -10.04 19.90 -4.84
N GLY E 46 -9.00 19.20 -4.41
CA GLY E 46 -8.20 18.43 -5.33
C GLY E 46 -6.86 18.16 -4.69
N HIS E 47 -6.09 17.29 -5.36
CA HIS E 47 -4.85 16.76 -4.83
C HIS E 47 -3.71 17.64 -5.32
N PHE E 48 -2.84 18.06 -4.41
CA PHE E 48 -1.67 18.83 -4.79
C PHE E 48 -0.45 17.89 -4.92
N ALA E 49 -0.06 17.61 -6.16
CA ALA E 49 1.05 16.71 -6.43
C ALA E 49 2.34 17.17 -5.74
N ASP E 50 3.07 16.22 -5.17
CA ASP E 50 4.37 16.44 -4.51
C ASP E 50 4.40 17.65 -3.58
N TYR E 51 3.44 17.72 -2.65
CA TYR E 51 3.30 18.94 -1.87
C TYR E 51 4.46 19.06 -0.88
N GLU E 52 4.78 17.98 -0.14
CA GLU E 52 5.85 18.05 0.86
C GLU E 52 7.17 18.42 0.21
N GLU E 53 7.40 17.92 -1.00
CA GLU E 53 8.62 18.28 -1.71
C GLU E 53 8.66 19.77 -2.03
N LEU E 54 7.57 20.34 -2.52
CA LEU E 54 7.50 21.76 -2.84
C LEU E 54 7.70 22.65 -1.62
N ARG E 55 7.15 22.26 -0.47
CA ARG E 55 7.36 23.04 0.74
C ARG E 55 8.83 23.05 1.17
N GLU E 56 9.58 21.96 0.95
CA GLU E 56 11.02 21.93 1.26
C GLU E 56 11.77 22.80 0.25
N GLN E 57 11.51 22.60 -1.04
CA GLN E 57 12.19 23.31 -2.08
C GLN E 57 12.01 24.80 -1.99
N LEU E 58 10.92 25.26 -1.38
CA LEU E 58 10.65 26.69 -1.20
C LEU E 58 11.05 27.21 0.18
N SER E 59 11.39 26.34 1.14
CA SER E 59 11.75 26.82 2.47
C SER E 59 12.82 27.91 2.47
N SER E 60 13.80 27.85 1.57
CA SER E 60 14.90 28.82 1.54
C SER E 60 15.05 29.33 0.11
N VAL E 61 14.84 30.61 -0.10
CA VAL E 61 14.84 31.18 -1.45
C VAL E 61 15.57 32.52 -1.39
N SER E 62 16.44 32.78 -2.37
CA SER E 62 17.18 34.03 -2.37
C SER E 62 16.63 35.05 -3.35
N SER E 63 15.95 34.63 -4.42
CA SER E 63 15.37 35.62 -5.31
C SER E 63 14.05 35.03 -5.78
N PHE E 64 13.02 35.89 -5.95
CA PHE E 64 11.66 35.41 -6.22
C PHE E 64 10.79 36.51 -6.80
N GLU E 65 10.48 36.43 -8.11
CA GLU E 65 9.54 37.39 -8.67
C GLU E 65 8.43 36.64 -9.40
N ARG E 66 7.20 37.08 -9.20
CA ARG E 66 6.08 36.56 -9.96
C ARG E 66 6.03 37.27 -11.31
N PHE E 67 5.68 36.54 -12.36
CA PHE E 67 5.56 37.14 -13.68
C PHE E 67 4.52 36.37 -14.49
N GLU E 68 3.91 37.06 -15.45
CA GLU E 68 2.76 36.55 -16.19
C GLU E 68 3.22 35.74 -17.39
N ILE E 69 3.25 34.42 -17.25
CA ILE E 69 3.84 33.57 -18.27
C ILE E 69 2.92 33.52 -19.49
N PHE E 70 1.61 33.35 -19.27
CA PHE E 70 0.61 33.40 -20.34
C PHE E 70 -0.43 34.47 -20.05
N PRO E 71 -0.28 35.66 -20.64
CA PRO E 71 -1.15 36.79 -20.33
C PRO E 71 -2.62 36.46 -20.60
N LYS E 72 -3.47 36.79 -19.63
CA LYS E 72 -4.90 36.50 -19.69
C LYS E 72 -5.54 37.01 -20.98
N GLU E 73 -5.10 38.18 -21.46
CA GLU E 73 -5.79 38.85 -22.56
C GLU E 73 -5.17 38.54 -23.93
N SER E 74 -4.10 37.75 -24.01
CA SER E 74 -3.54 37.43 -25.31
C SER E 74 -3.31 35.95 -25.56
N SER E 75 -3.37 35.12 -24.53
CA SER E 75 -3.03 33.71 -24.71
C SER E 75 -4.18 32.89 -25.25
N TRP E 76 -5.42 33.29 -24.98
CA TRP E 76 -6.57 32.39 -25.13
C TRP E 76 -7.68 33.00 -25.97
N PRO E 77 -7.37 33.50 -27.17
CA PRO E 77 -8.39 34.19 -27.96
C PRO E 77 -9.51 33.26 -28.42
N ASN E 78 -9.29 31.95 -28.37
CA ASN E 78 -10.24 30.97 -28.88
C ASN E 78 -10.90 30.21 -27.74
N HIS E 79 -10.65 30.60 -26.51
CA HIS E 79 -11.15 29.91 -25.33
C HIS E 79 -11.70 30.90 -24.32
N THR E 80 -12.74 30.48 -23.63
CA THR E 80 -13.29 31.24 -22.52
C THR E 80 -12.39 31.02 -21.32
N THR E 81 -11.97 32.11 -20.69
CA THR E 81 -11.06 32.08 -19.55
C THR E 81 -11.67 32.66 -18.30
N THR E 82 -12.97 32.89 -18.30
CA THR E 82 -13.66 33.59 -17.23
C THR E 82 -14.06 32.68 -16.08
N GLY E 83 -14.07 31.34 -16.25
CA GLY E 83 -14.72 30.50 -15.25
C GLY E 83 -14.29 30.77 -13.82
N VAL E 84 -15.28 30.79 -12.92
CA VAL E 84 -15.09 30.92 -11.49
C VAL E 84 -15.93 29.91 -10.74
N SER E 85 -15.65 29.78 -9.43
CA SER E 85 -16.24 28.79 -8.56
C SER E 85 -16.58 29.47 -7.24
N ALA E 86 -17.76 29.15 -6.69
CA ALA E 86 -18.14 29.56 -5.34
C ALA E 86 -17.24 28.99 -4.24
N SER E 87 -16.44 27.96 -4.53
CA SER E 87 -15.48 27.44 -3.56
C SER E 87 -14.36 28.41 -3.28
N CYS E 88 -14.05 29.29 -4.24
CA CYS E 88 -13.04 30.32 -4.08
C CYS E 88 -13.71 31.69 -4.10
N SER E 89 -14.52 31.97 -3.08
CA SER E 89 -15.28 33.22 -3.06
C SER E 89 -14.52 34.26 -2.24
N HIS E 90 -14.23 35.39 -2.88
CA HIS E 90 -13.57 36.52 -2.25
C HIS E 90 -14.62 37.63 -2.04
N ASN E 91 -14.83 38.05 -0.79
CA ASN E 91 -15.74 39.14 -0.39
C ASN E 91 -17.23 38.87 -0.60
N GLY E 92 -17.60 37.65 -0.97
CA GLY E 92 -18.97 37.28 -1.28
C GLY E 92 -19.16 36.76 -2.69
N GLU E 93 -18.47 37.31 -3.68
CA GLU E 93 -18.65 36.83 -5.04
C GLU E 93 -17.66 35.71 -5.37
N SER E 94 -18.08 34.87 -6.31
CA SER E 94 -17.25 33.77 -6.81
C SER E 94 -16.01 34.32 -7.52
N SER E 95 -14.94 33.56 -7.46
CA SER E 95 -13.69 33.98 -8.08
C SER E 95 -12.84 32.75 -8.38
N PHE E 96 -11.53 32.93 -8.48
CA PHE E 96 -10.62 31.84 -8.78
C PHE E 96 -9.21 32.22 -8.39
N TYR E 97 -8.35 31.22 -8.36
CA TYR E 97 -6.92 31.42 -8.17
C TYR E 97 -6.36 32.45 -9.15
N LYS E 98 -5.52 33.36 -8.66
CA LYS E 98 -4.97 34.37 -9.54
C LYS E 98 -3.89 33.86 -10.46
N ASN E 99 -3.22 32.74 -10.10
CA ASN E 99 -2.08 32.32 -10.90
C ASN E 99 -2.41 31.30 -11.96
N LEU E 100 -3.64 30.78 -12.01
CA LEU E 100 -4.12 29.86 -13.04
C LEU E 100 -5.37 30.42 -13.70
N LEU E 101 -5.72 29.87 -14.87
CA LEU E 101 -6.93 30.25 -15.58
C LEU E 101 -7.72 29.01 -15.96
N TRP E 102 -9.01 29.02 -15.67
CA TRP E 102 -9.87 27.90 -16.04
C TRP E 102 -10.32 28.06 -17.48
N LEU E 103 -9.67 27.37 -18.40
CA LEU E 103 -10.10 27.45 -19.78
C LEU E 103 -11.36 26.63 -19.97
N THR E 104 -12.39 27.24 -20.60
CA THR E 104 -13.59 26.52 -21.03
C THR E 104 -13.97 26.95 -22.44
N GLY E 105 -14.98 26.26 -22.96
CA GLY E 105 -15.40 26.45 -24.34
C GLY E 105 -15.79 27.88 -24.68
N LYS E 106 -15.70 28.18 -25.97
CA LYS E 106 -16.07 29.49 -26.51
C LYS E 106 -16.66 29.27 -27.90
N ASN E 107 -17.77 29.96 -28.19
CA ASN E 107 -18.55 29.78 -29.42
C ASN E 107 -18.93 28.32 -29.60
N GLY E 108 -19.14 27.61 -28.48
CA GLY E 108 -19.54 26.23 -28.51
C GLY E 108 -18.41 25.24 -28.72
N LEU E 109 -17.17 25.70 -28.84
CA LEU E 109 -16.02 24.86 -29.18
C LEU E 109 -14.93 24.96 -28.13
N TYR E 110 -14.13 23.90 -28.02
CA TYR E 110 -12.87 23.94 -27.29
C TYR E 110 -11.78 23.36 -28.19
N PRO E 111 -11.18 24.20 -29.04
CA PRO E 111 -10.20 23.74 -30.03
C PRO E 111 -8.95 23.19 -29.37
N ASN E 112 -8.27 22.28 -30.08
CA ASN E 112 -6.97 21.83 -29.57
C ASN E 112 -6.11 23.07 -29.39
N LEU E 113 -5.54 23.24 -28.22
CA LEU E 113 -4.64 24.35 -28.00
C LEU E 113 -3.23 23.84 -27.78
N SER E 114 -2.26 24.67 -28.16
CA SER E 114 -0.87 24.41 -27.80
C SER E 114 -0.12 25.74 -27.74
N LYS E 115 0.35 26.12 -26.56
CA LYS E 115 1.18 27.31 -26.43
C LYS E 115 2.42 26.91 -25.65
N SER E 116 3.53 27.57 -25.96
CA SER E 116 4.83 27.18 -25.44
C SER E 116 5.46 28.38 -24.76
N TYR E 117 6.40 28.10 -23.87
CA TYR E 117 7.18 29.14 -23.26
C TYR E 117 8.61 28.69 -23.05
N ALA E 118 9.55 29.48 -23.55
CA ALA E 118 10.96 29.16 -23.45
C ALA E 118 11.55 30.01 -22.33
N ASN E 119 12.27 29.36 -21.42
CA ASN E 119 12.88 30.10 -20.32
C ASN E 119 14.15 30.79 -20.84
N ASN E 120 14.11 32.11 -20.93
CA ASN E 120 15.27 32.88 -21.38
C ASN E 120 15.74 33.75 -20.23
N LYS E 121 15.23 33.52 -19.03
CA LYS E 121 15.41 34.43 -17.92
C LYS E 121 16.61 34.02 -17.08
N GLU E 122 17.31 32.97 -17.49
CA GLU E 122 18.54 32.48 -16.85
C GLU E 122 18.39 32.14 -15.35
N LYS E 123 17.18 31.77 -14.94
CA LYS E 123 16.88 31.31 -13.59
C LYS E 123 15.78 30.29 -13.73
N GLU E 124 15.70 29.39 -12.75
CA GLU E 124 14.63 28.42 -12.68
C GLU E 124 13.27 29.10 -12.63
N VAL E 125 12.31 28.58 -13.42
CA VAL E 125 10.94 29.09 -13.43
C VAL E 125 9.99 28.02 -12.90
N LEU E 126 9.32 28.33 -11.79
CA LEU E 126 8.34 27.43 -11.18
C LEU E 126 7.00 27.57 -11.89
N VAL E 127 6.52 26.50 -12.51
CA VAL E 127 5.32 26.51 -13.34
C VAL E 127 4.31 25.57 -12.70
N LEU E 128 3.15 26.10 -12.34
CA LEU E 128 2.08 25.33 -11.72
C LEU E 128 0.90 25.26 -12.69
N TRP E 129 0.13 24.19 -12.62
CA TRP E 129 -1.03 24.06 -13.50
C TRP E 129 -1.94 23.04 -12.86
N GLY E 130 -3.18 22.96 -13.35
CA GLY E 130 -4.10 21.97 -12.86
C GLY E 130 -4.68 21.19 -14.02
N VAL E 131 -5.31 20.05 -13.68
CA VAL E 131 -6.15 19.29 -14.60
C VAL E 131 -7.49 19.05 -13.94
N HIS E 132 -8.57 19.34 -14.66
CA HIS E 132 -9.91 19.28 -14.09
C HIS E 132 -10.52 17.90 -14.30
N HIS E 133 -11.10 17.35 -13.21
CA HIS E 133 -11.82 16.08 -13.19
C HIS E 133 -13.28 16.34 -12.88
N PRO E 134 -14.15 16.33 -13.88
CA PRO E 134 -15.57 16.55 -13.61
C PRO E 134 -16.23 15.32 -13.02
N PRO E 135 -17.28 15.52 -12.21
CA PRO E 135 -17.94 14.41 -11.51
C PRO E 135 -18.95 13.61 -12.31
N ASN E 136 -19.22 13.98 -13.55
CA ASN E 136 -20.14 13.26 -14.42
C ASN E 136 -19.84 13.67 -15.86
N ILE E 137 -20.41 12.92 -16.82
CA ILE E 137 -20.05 13.18 -18.22
C ILE E 137 -20.79 14.41 -18.74
N GLY E 138 -21.77 14.91 -17.98
CA GLY E 138 -22.47 16.12 -18.38
C GLY E 138 -21.59 17.34 -18.22
N ASP E 139 -20.85 17.40 -17.12
CA ASP E 139 -19.96 18.54 -16.93
C ASP E 139 -18.92 18.53 -18.02
N GLN E 140 -18.43 17.34 -18.35
CA GLN E 140 -17.36 17.18 -19.32
C GLN E 140 -17.80 17.72 -20.68
N ARG E 141 -18.99 17.32 -21.13
CA ARG E 141 -19.50 17.82 -22.40
C ARG E 141 -19.75 19.32 -22.33
N ALA E 142 -20.28 19.79 -21.19
CA ALA E 142 -20.66 21.21 -21.06
C ALA E 142 -19.45 22.14 -21.09
N LEU E 143 -18.37 21.77 -20.43
CA LEU E 143 -17.19 22.63 -20.31
C LEU E 143 -16.24 22.51 -21.50
N TYR E 144 -16.05 21.30 -22.04
CA TYR E 144 -14.96 21.10 -22.99
C TYR E 144 -15.44 20.49 -24.30
N HIS E 145 -16.73 20.33 -24.44
CA HIS E 145 -17.27 19.86 -25.67
C HIS E 145 -16.64 18.61 -26.14
N LYS E 146 -16.13 17.81 -25.25
CA LYS E 146 -15.56 16.55 -25.68
C LYS E 146 -15.68 15.59 -24.56
N GLU E 147 -15.63 14.32 -24.87
CA GLU E 147 -15.77 13.35 -23.83
C GLU E 147 -14.45 12.73 -23.53
N ASN E 148 -13.59 12.69 -24.52
CA ASN E 148 -12.29 12.10 -24.33
C ASN E 148 -11.23 13.12 -24.59
N ALA E 149 -10.70 13.63 -23.51
CA ALA E 149 -9.79 14.75 -23.60
C ALA E 149 -8.49 14.30 -22.97
N TYR E 150 -7.41 14.98 -23.35
CA TYR E 150 -6.12 14.71 -22.77
C TYR E 150 -5.46 16.06 -22.55
N VAL E 151 -4.54 16.11 -21.60
CA VAL E 151 -3.63 17.23 -21.38
C VAL E 151 -2.24 16.64 -21.36
N SER E 152 -1.30 17.30 -22.04
CA SER E 152 0.06 16.82 -22.09
C SER E 152 1.06 17.94 -21.86
N VAL E 153 1.79 17.87 -20.75
CA VAL E 153 2.86 18.82 -20.44
C VAL E 153 4.21 18.14 -20.66
N VAL E 154 5.10 18.80 -21.40
CA VAL E 154 6.37 18.18 -21.79
C VAL E 154 7.50 19.22 -21.79
N SER E 155 8.56 18.96 -21.01
CA SER E 155 9.83 19.71 -21.11
C SER E 155 10.95 18.68 -21.27
N SER E 156 12.16 19.01 -20.84
CA SER E 156 13.29 18.08 -20.92
C SER E 156 13.39 17.17 -19.71
N HIS E 157 12.74 17.53 -18.60
CA HIS E 157 12.74 16.76 -17.37
C HIS E 157 11.37 16.22 -17.03
N TYR E 158 10.33 16.79 -17.63
CA TYR E 158 8.93 16.51 -17.33
C TYR E 158 8.20 15.98 -18.55
N SER E 159 7.48 14.88 -18.37
CA SER E 159 6.69 14.36 -19.48
C SER E 159 5.54 13.54 -18.93
N ARG E 160 4.34 14.08 -18.98
CA ARG E 160 3.17 13.40 -18.47
C ARG E 160 2.00 13.69 -19.38
N LYS E 161 1.13 12.71 -19.52
CA LYS E 161 -0.06 12.92 -20.32
C LYS E 161 -1.22 12.60 -19.41
N PHE E 162 -2.07 13.60 -19.17
CA PHE E 162 -3.25 13.47 -18.29
C PHE E 162 -4.50 13.29 -19.14
N THR E 163 -5.34 12.32 -18.75
CA THR E 163 -6.71 12.11 -19.15
C THR E 163 -7.61 12.27 -17.93
N PRO E 164 -8.76 12.93 -18.08
CA PRO E 164 -9.59 13.19 -16.90
C PRO E 164 -10.29 11.92 -16.44
N GLU E 165 -10.25 11.69 -15.14
CA GLU E 165 -10.96 10.59 -14.52
C GLU E 165 -12.26 11.24 -14.06
N ILE E 166 -13.36 10.78 -14.63
CA ILE E 166 -14.70 11.34 -14.42
C ILE E 166 -15.49 10.50 -13.44
N ALA E 167 -15.62 10.98 -12.20
CA ALA E 167 -16.59 10.30 -11.35
C ALA E 167 -16.98 11.05 -10.09
N LYS E 168 -17.97 10.46 -9.43
CA LYS E 168 -18.58 10.95 -8.20
C LYS E 168 -17.51 11.01 -7.12
N ARG E 169 -17.51 12.03 -6.31
CA ARG E 169 -16.53 12.00 -5.24
C ARG E 169 -17.29 12.37 -3.97
N PRO E 170 -16.70 12.40 -2.79
CA PRO E 170 -17.40 13.00 -1.66
C PRO E 170 -17.23 14.51 -1.78
N LYS E 171 -18.25 15.23 -1.32
CA LYS E 171 -18.22 16.68 -1.41
C LYS E 171 -17.37 17.35 -0.35
N VAL E 172 -16.38 18.08 -0.83
CA VAL E 172 -15.52 18.98 -0.09
C VAL E 172 -15.91 20.39 -0.51
N ARG E 173 -16.18 21.26 0.46
CA ARG E 173 -16.58 22.64 0.18
C ARG E 173 -17.70 22.69 -0.85
N ASP E 174 -18.69 21.82 -0.69
CA ASP E 174 -19.81 21.73 -1.62
C ASP E 174 -19.37 21.39 -3.05
N GLN E 175 -18.11 21.07 -3.29
CA GLN E 175 -17.72 20.73 -4.65
C GLN E 175 -17.59 19.22 -4.75
N GLU E 176 -18.07 18.66 -5.86
CA GLU E 176 -17.93 17.24 -6.14
C GLU E 176 -16.78 16.96 -7.10
N GLY E 177 -16.46 17.96 -7.91
CA GLY E 177 -15.39 17.90 -8.89
C GLY E 177 -14.03 17.83 -8.22
N ARG E 178 -13.00 17.46 -8.97
CA ARG E 178 -11.63 17.72 -8.50
C ARG E 178 -10.75 18.34 -9.56
N ILE E 179 -9.87 19.23 -9.12
CA ILE E 179 -8.70 19.64 -9.90
C ILE E 179 -7.47 19.13 -9.17
N ASN E 180 -6.66 18.37 -9.89
CA ASN E 180 -5.37 17.93 -9.42
C ASN E 180 -4.33 18.95 -9.87
N TYR E 181 -3.47 19.38 -8.94
CA TYR E 181 -2.47 20.39 -9.25
C TYR E 181 -1.07 19.78 -9.43
N TYR E 182 -0.33 20.36 -10.36
CA TYR E 182 0.96 19.85 -10.75
C TYR E 182 1.93 21.02 -10.92
N TRP E 183 3.22 20.71 -10.82
CA TRP E 183 4.25 21.73 -10.89
C TRP E 183 5.55 21.11 -11.34
N THR E 184 6.28 21.86 -12.16
CA THR E 184 7.63 21.48 -12.53
C THR E 184 8.51 22.72 -12.53
N LEU E 185 9.78 22.50 -12.24
CA LEU E 185 10.84 23.51 -12.38
C LEU E 185 11.37 23.55 -13.80
N LEU E 186 11.51 24.74 -14.36
CA LEU E 186 11.93 24.90 -15.76
C LEU E 186 13.31 25.52 -15.72
N GLU E 187 14.29 24.73 -16.12
CA GLU E 187 15.68 25.15 -16.08
C GLU E 187 15.95 26.19 -17.18
N PRO E 188 16.80 27.20 -16.90
CA PRO E 188 17.18 28.20 -17.92
C PRO E 188 17.68 27.63 -19.24
N GLY E 189 16.93 27.85 -20.31
CA GLY E 189 17.29 27.35 -21.63
C GLY E 189 16.27 26.37 -22.17
N ASP E 190 15.61 25.64 -21.28
CA ASP E 190 14.59 24.64 -21.58
C ASP E 190 13.28 25.34 -21.98
N THR E 191 12.38 24.59 -22.63
CA THR E 191 11.05 25.04 -23.03
C THR E 191 9.98 24.04 -22.62
N ILE E 192 8.89 24.53 -22.02
CA ILE E 192 7.75 23.71 -21.58
C ILE E 192 6.60 23.93 -22.56
N ILE E 193 5.95 22.84 -22.98
CA ILE E 193 4.88 22.92 -23.98
C ILE E 193 3.60 22.29 -23.43
N PHE E 194 2.54 23.09 -23.33
CA PHE E 194 1.23 22.60 -22.95
C PHE E 194 0.38 22.24 -24.17
N GLU E 195 -0.20 21.05 -24.17
CA GLU E 195 -1.19 20.71 -25.18
C GLU E 195 -2.40 20.07 -24.51
N ALA E 196 -3.59 20.49 -24.95
CA ALA E 196 -4.81 19.98 -24.35
C ALA E 196 -5.96 20.27 -25.30
N ASN E 197 -6.99 19.44 -25.18
CA ASN E 197 -8.29 19.66 -25.81
C ASN E 197 -9.43 19.60 -24.79
N GLY E 198 -9.08 19.77 -23.52
CA GLY E 198 -10.05 19.90 -22.45
C GLY E 198 -9.34 19.80 -21.11
N ASN E 199 -10.08 20.19 -20.07
CA ASN E 199 -9.74 19.98 -18.66
C ASN E 199 -8.48 20.65 -18.15
N LEU E 200 -7.76 21.39 -19.01
CA LEU E 200 -6.56 22.10 -18.61
C LEU E 200 -6.89 23.32 -17.76
N ILE E 201 -6.42 23.36 -16.52
CA ILE E 201 -6.39 24.61 -15.73
C ILE E 201 -5.04 25.28 -15.97
N ALA E 202 -5.01 26.18 -16.96
CA ALA E 202 -3.78 26.68 -17.56
C ALA E 202 -3.04 27.66 -16.64
N PRO E 203 -1.70 27.66 -16.67
CA PRO E 203 -0.95 28.62 -15.87
C PRO E 203 -1.17 30.04 -16.40
N ARG E 204 -1.21 30.99 -15.47
CA ARG E 204 -1.25 32.38 -15.84
C ARG E 204 -0.04 33.11 -15.30
N TYR E 205 0.27 32.96 -14.02
CA TYR E 205 1.50 33.50 -13.48
C TYR E 205 2.47 32.35 -13.19
N ALA E 206 3.76 32.63 -13.32
CA ALA E 206 4.80 31.70 -12.92
C ALA E 206 5.80 32.43 -12.05
N PHE E 207 6.85 31.75 -11.63
CA PHE E 207 7.83 32.34 -10.73
C PHE E 207 9.27 32.05 -11.13
N ALA E 208 10.09 33.09 -11.10
CA ALA E 208 11.53 32.91 -11.23
C ALA E 208 12.06 32.80 -9.81
N LEU E 209 13.11 32.02 -9.63
CA LEU E 209 13.58 31.72 -8.28
C LEU E 209 14.98 31.10 -8.29
N SER E 210 15.54 30.99 -7.07
CA SER E 210 16.80 30.33 -6.78
C SER E 210 16.67 29.77 -5.37
N ARG E 211 17.57 28.86 -4.97
CA ARG E 211 17.31 28.04 -3.80
C ARG E 211 18.34 28.22 -2.70
N GLY E 212 19.09 29.31 -2.72
CA GLY E 212 20.07 29.65 -1.70
C GLY E 212 20.60 31.07 -1.84
N ALA F 1 8.37 23.17 32.26
CA ALA F 1 9.81 23.05 32.06
C ALA F 1 10.13 21.96 31.03
N PRO F 2 10.76 22.34 29.92
CA PRO F 2 11.02 21.41 28.81
C PRO F 2 11.99 20.27 29.16
N LEU F 3 11.94 19.23 28.31
CA LEU F 3 12.76 18.02 28.48
C LEU F 3 13.76 17.84 27.32
N GLN F 4 15.03 18.08 27.64
CA GLN F 4 16.13 17.93 26.68
C GLN F 4 16.49 16.44 26.61
N LEU F 5 16.61 15.89 25.40
CA LEU F 5 17.00 14.50 25.29
C LEU F 5 18.43 14.30 24.78
N GLY F 6 19.22 15.37 24.70
CA GLY F 6 20.59 15.27 24.24
C GLY F 6 20.78 14.65 22.86
N ASN F 7 21.72 13.70 22.80
CA ASN F 7 22.04 12.95 21.59
C ASN F 7 21.14 11.73 21.43
N CYS F 8 20.12 11.58 22.27
CA CYS F 8 19.22 10.44 22.22
C CYS F 8 17.89 10.79 21.56
N SER F 9 17.23 9.76 21.04
CA SER F 9 15.90 9.86 20.46
C SER F 9 14.85 9.36 21.46
N VAL F 10 13.58 9.74 21.22
CA VAL F 10 12.51 9.33 22.12
C VAL F 10 12.49 7.81 22.29
N ALA F 11 12.73 7.09 21.20
CA ALA F 11 12.85 5.62 21.28
C ALA F 11 13.93 5.21 22.29
N GLY F 12 15.15 5.72 22.09
CA GLY F 12 16.29 5.38 22.95
C GLY F 12 16.10 5.70 24.42
N TRP F 13 15.69 6.95 24.72
CA TRP F 13 15.48 7.38 26.10
C TRP F 13 14.43 6.50 26.80
N ILE F 14 13.33 6.21 26.13
CA ILE F 14 12.24 5.51 26.79
C ILE F 14 12.56 4.01 26.90
N LEU F 15 13.33 3.45 25.96
CA LEU F 15 13.74 2.06 26.04
C LEU F 15 14.83 1.82 27.07
N GLY F 16 15.73 2.77 27.24
CA GLY F 16 16.81 2.65 28.21
C GLY F 16 18.04 2.18 27.47
N ASN F 17 18.23 2.72 26.27
CA ASN F 17 19.45 2.55 25.50
C ASN F 17 20.66 2.76 26.41
N PRO F 18 21.73 1.96 26.27
CA PRO F 18 22.86 2.12 27.21
C PRO F 18 23.56 3.46 27.06
N GLU F 19 23.62 4.00 25.85
CA GLU F 19 24.10 5.35 25.58
C GLU F 19 23.01 6.39 25.86
N CYS F 20 22.11 6.12 26.82
CA CYS F 20 21.03 7.06 27.10
C CYS F 20 20.77 7.15 28.59
N GLU F 21 21.70 6.72 29.43
CA GLU F 21 21.49 7.15 30.80
C GLU F 21 22.27 8.42 31.05
N LEU F 22 23.15 8.80 30.09
CA LEU F 22 23.49 10.16 29.68
C LEU F 22 22.96 11.24 30.62
N LEU F 23 21.63 11.29 30.70
CA LEU F 23 20.83 12.50 30.68
C LEU F 23 20.00 12.63 31.94
N ILE F 24 19.58 13.87 32.19
CA ILE F 24 18.98 14.26 33.46
C ILE F 24 17.57 13.68 33.58
N SER F 25 17.43 12.54 34.27
CA SER F 25 16.11 11.99 34.50
C SER F 25 15.22 13.09 35.06
N ARG F 26 14.20 13.47 34.30
CA ARG F 26 13.27 14.52 34.68
C ARG F 26 11.89 13.98 34.97
N GLU F 27 11.16 14.77 35.76
CA GLU F 27 9.89 14.40 36.35
C GLU F 27 8.70 15.05 35.66
N SER F 28 8.92 16.11 34.88
CA SER F 28 7.80 16.78 34.24
C SER F 28 8.33 17.59 33.05
N TRP F 29 7.46 17.81 32.07
CA TRP F 29 7.79 18.61 30.90
C TRP F 29 6.54 18.96 30.10
N SER F 30 6.69 19.98 29.25
CA SER F 30 5.63 20.58 28.45
C SER F 30 5.68 20.09 27.00
N TYR F 31 6.85 20.14 26.39
CA TYR F 31 7.17 19.63 25.06
C TYR F 31 8.48 18.84 25.12
N ILE F 32 8.78 18.12 24.04
CA ILE F 32 9.95 17.23 24.00
C ILE F 32 10.87 17.73 22.90
N VAL F 33 12.12 17.98 23.28
CA VAL F 33 13.18 18.47 22.39
C VAL F 33 13.99 17.30 21.87
N GLU F 34 14.04 17.14 20.55
CA GLU F 34 14.74 16.00 19.97
C GLU F 34 15.40 16.46 18.68
N LYS F 35 16.68 16.13 18.54
CA LYS F 35 17.47 16.42 17.34
C LYS F 35 16.87 15.71 16.14
N PRO F 36 16.94 16.29 14.93
CA PRO F 36 16.36 15.58 13.79
C PRO F 36 17.15 14.32 13.44
N ASN F 37 18.48 14.30 13.63
CA ASN F 37 19.30 13.09 13.52
C ASN F 37 19.93 12.67 14.85
N PRO F 38 19.23 11.85 15.67
CA PRO F 38 19.82 11.34 16.92
C PRO F 38 20.62 10.05 16.70
N GLU F 39 21.83 9.91 17.25
CA GLU F 39 22.70 8.81 16.81
C GLU F 39 22.48 7.48 17.56
N ASN F 40 22.06 7.52 18.83
CA ASN F 40 21.81 6.33 19.65
C ASN F 40 20.33 6.23 20.05
N GLY F 41 19.55 5.45 19.28
CA GLY F 41 18.12 5.22 19.50
C GLY F 41 17.79 3.75 19.66
N THR F 42 17.12 3.12 18.69
CA THR F 42 16.89 1.68 18.79
C THR F 42 18.21 1.00 18.45
N CYS F 43 19.09 0.79 19.46
CA CYS F 43 20.45 0.26 19.22
C CYS F 43 20.44 -1.09 18.53
N TYR F 44 19.48 -1.96 18.87
CA TYR F 44 19.28 -3.21 18.15
C TYR F 44 18.18 -2.97 17.11
N PRO F 45 18.46 -3.19 15.84
CA PRO F 45 17.55 -2.74 14.79
C PRO F 45 16.17 -3.38 14.82
N GLY F 46 15.19 -2.61 14.40
CA GLY F 46 13.83 -3.10 14.38
C GLY F 46 12.84 -1.97 14.36
N HIS F 47 11.59 -2.35 14.17
CA HIS F 47 10.51 -1.38 13.95
C HIS F 47 9.86 -1.06 15.28
N PHE F 48 9.72 0.23 15.57
CA PHE F 48 9.02 0.69 16.77
C PHE F 48 7.57 1.05 16.42
N ALA F 49 6.66 0.17 16.84
CA ALA F 49 5.23 0.31 16.57
C ALA F 49 4.61 1.61 17.06
N ASP F 50 3.75 2.18 16.22
CA ASP F 50 3.00 3.38 16.55
C ASP F 50 3.88 4.45 17.20
N TYR F 51 4.97 4.81 16.52
CA TYR F 51 5.98 5.67 17.14
C TYR F 51 5.47 7.12 17.25
N GLU F 52 4.87 7.68 16.19
CA GLU F 52 4.38 9.07 16.23
C GLU F 52 3.32 9.25 17.30
N GLU F 53 2.48 8.24 17.49
CA GLU F 53 1.46 8.30 18.53
C GLU F 53 2.12 8.38 19.91
N LEU F 54 3.15 7.57 20.14
CA LEU F 54 3.84 7.63 21.43
C LEU F 54 4.49 8.98 21.67
N ARG F 55 5.10 9.59 20.63
CA ARG F 55 5.70 10.91 20.78
C ARG F 55 4.69 11.97 21.12
N GLU F 56 3.46 11.85 20.59
CA GLU F 56 2.42 12.80 20.96
C GLU F 56 1.95 12.57 22.38
N GLN F 57 1.61 11.33 22.73
CA GLN F 57 1.06 11.05 24.05
C GLN F 57 2.05 11.41 25.15
N LEU F 58 3.35 11.43 24.83
CA LEU F 58 4.42 11.78 25.75
C LEU F 58 4.84 13.23 25.61
N SER F 59 4.36 13.91 24.56
CA SER F 59 4.71 15.31 24.34
C SER F 59 4.43 16.14 25.58
N SER F 60 3.40 15.81 26.35
CA SER F 60 3.03 16.61 27.52
C SER F 60 2.86 15.74 28.74
N VAL F 61 3.72 15.95 29.74
CA VAL F 61 3.74 15.12 30.95
C VAL F 61 4.01 16.02 32.15
N SER F 62 3.23 15.84 33.21
CA SER F 62 3.35 16.62 34.44
C SER F 62 4.07 15.86 35.54
N SER F 63 4.05 14.54 35.50
CA SER F 63 4.73 13.72 36.48
C SER F 63 5.29 12.49 35.76
N PHE F 64 6.48 12.03 36.19
CA PHE F 64 7.17 10.97 35.46
C PHE F 64 8.23 10.30 36.33
N GLU F 65 7.95 9.09 36.81
CA GLU F 65 8.95 8.32 37.55
C GLU F 65 9.06 6.96 36.90
N ARG F 66 10.29 6.50 36.74
CA ARG F 66 10.56 5.15 36.31
C ARG F 66 10.49 4.19 37.50
N PHE F 67 9.97 2.98 37.28
CA PHE F 67 9.86 1.93 38.30
C PHE F 67 9.98 0.55 37.69
N GLU F 68 10.44 -0.40 38.50
CA GLU F 68 10.81 -1.76 38.05
C GLU F 68 9.60 -2.69 38.10
N ILE F 69 8.96 -2.90 36.95
CA ILE F 69 7.68 -3.59 36.88
C ILE F 69 7.86 -5.09 37.13
N PHE F 70 8.87 -5.68 36.50
CA PHE F 70 9.26 -7.07 36.69
C PHE F 70 10.72 -7.09 37.12
N PRO F 71 11.00 -7.20 38.42
CA PRO F 71 12.39 -7.09 38.89
C PRO F 71 13.25 -8.15 38.23
N LYS F 72 14.41 -7.72 37.72
CA LYS F 72 15.32 -8.61 37.01
C LYS F 72 15.67 -9.86 37.81
N GLU F 73 15.83 -9.74 39.13
CA GLU F 73 16.39 -10.82 39.93
C GLU F 73 15.36 -11.75 40.58
N SER F 74 14.06 -11.53 40.42
CA SER F 74 13.07 -12.44 41.01
C SER F 74 11.98 -12.93 40.06
N SER F 75 11.82 -12.32 38.89
CA SER F 75 10.73 -12.61 37.98
C SER F 75 10.95 -13.83 37.10
N TRP F 76 12.22 -14.21 36.86
CA TRP F 76 12.57 -15.11 35.76
C TRP F 76 13.40 -16.32 36.20
N PRO F 77 12.92 -17.09 37.19
CA PRO F 77 13.74 -18.20 37.72
C PRO F 77 13.98 -19.34 36.73
N ASN F 78 13.22 -19.45 35.63
CA ASN F 78 13.36 -20.58 34.72
C ASN F 78 13.99 -20.14 33.41
N HIS F 79 14.44 -18.90 33.34
CA HIS F 79 14.97 -18.32 32.11
C HIS F 79 16.26 -17.53 32.36
N THR F 80 17.16 -17.57 31.36
CA THR F 80 18.37 -16.75 31.36
C THR F 80 17.95 -15.36 30.93
N THR F 81 18.36 -14.34 31.70
CA THR F 81 18.01 -12.95 31.36
C THR F 81 19.24 -12.11 31.12
N THR F 82 20.39 -12.75 31.02
CA THR F 82 21.64 -12.04 30.95
C THR F 82 21.96 -11.64 29.52
N GLY F 83 21.27 -12.23 28.53
CA GLY F 83 21.74 -12.10 27.16
C GLY F 83 21.99 -10.65 26.84
N VAL F 84 23.09 -10.39 26.14
CA VAL F 84 23.47 -9.08 25.62
C VAL F 84 23.89 -9.19 24.16
N SER F 85 24.03 -8.03 23.52
CA SER F 85 24.29 -7.95 22.09
C SER F 85 25.37 -6.88 21.89
N ALA F 86 26.33 -7.16 21.00
CA ALA F 86 27.30 -6.14 20.58
C ALA F 86 26.69 -4.93 19.88
N SER F 87 25.45 -5.04 19.39
CA SER F 87 24.77 -3.88 18.81
C SER F 87 24.43 -2.81 19.84
N CYS F 88 24.26 -3.18 21.11
CA CYS F 88 23.99 -2.23 22.18
C CYS F 88 25.19 -2.19 23.12
N SER F 89 26.32 -1.70 22.60
CA SER F 89 27.57 -1.67 23.33
C SER F 89 27.76 -0.33 24.04
N HIS F 90 27.94 -0.39 25.37
CA HIS F 90 28.20 0.77 26.21
C HIS F 90 29.69 0.77 26.57
N ASN F 91 30.40 1.84 26.21
CA ASN F 91 31.82 2.05 26.50
C ASN F 91 32.73 1.08 25.75
N GLY F 92 32.20 0.28 24.84
CA GLY F 92 32.98 -0.72 24.13
C GLY F 92 32.49 -2.15 24.29
N GLU F 93 31.99 -2.49 25.47
CA GLU F 93 31.53 -3.84 25.74
C GLU F 93 30.06 -3.99 25.36
N SER F 94 29.68 -5.22 25.01
CA SER F 94 28.28 -5.49 24.68
C SER F 94 27.37 -5.30 25.89
N SER F 95 26.14 -4.87 25.62
CA SER F 95 25.16 -4.61 26.69
C SER F 95 23.73 -4.69 26.15
N PHE F 96 22.79 -4.02 26.81
CA PHE F 96 21.39 -4.04 26.41
C PHE F 96 20.62 -2.86 27.00
N TYR F 97 19.42 -2.63 26.46
CA TYR F 97 18.49 -1.65 27.03
C TYR F 97 18.26 -1.89 28.52
N LYS F 98 18.24 -0.81 29.30
CA LYS F 98 18.07 -1.01 30.74
C LYS F 98 16.63 -1.36 31.10
N ASN F 99 15.67 -0.99 30.27
CA ASN F 99 14.25 -1.16 30.60
C ASN F 99 13.63 -2.46 30.06
N LEU F 100 14.38 -3.23 29.26
CA LEU F 100 13.93 -4.52 28.76
C LEU F 100 14.94 -5.61 29.11
N LEU F 101 14.48 -6.86 29.04
CA LEU F 101 15.35 -8.00 29.27
C LEU F 101 15.20 -9.00 28.14
N TRP F 102 16.33 -9.44 27.60
CA TRP F 102 16.34 -10.46 26.55
C TRP F 102 16.27 -11.80 27.26
N LEU F 103 15.08 -12.37 27.35
CA LEU F 103 14.90 -13.68 27.96
C LEU F 103 15.39 -14.70 26.96
N THR F 104 16.26 -15.62 27.41
CA THR F 104 16.71 -16.73 26.60
C THR F 104 16.70 -18.03 27.40
N GLY F 105 17.01 -19.13 26.69
CA GLY F 105 16.94 -20.45 27.28
C GLY F 105 17.82 -20.59 28.52
N LYS F 106 17.45 -21.56 29.36
CA LYS F 106 18.18 -21.89 30.58
C LYS F 106 18.08 -23.40 30.78
N ASN F 107 19.21 -24.02 31.13
CA ASN F 107 19.33 -25.49 31.26
C ASN F 107 18.83 -26.22 30.02
N GLY F 108 19.00 -25.63 28.84
CA GLY F 108 18.56 -26.29 27.62
C GLY F 108 17.09 -26.16 27.28
N LEU F 109 16.31 -25.45 28.12
CA LEU F 109 14.86 -25.32 28.02
C LEU F 109 14.42 -23.86 27.97
N TYR F 110 13.27 -23.60 27.35
CA TYR F 110 12.59 -22.31 27.46
C TYR F 110 11.12 -22.56 27.83
N PRO F 111 10.80 -22.67 29.12
CA PRO F 111 9.43 -23.03 29.54
C PRO F 111 8.40 -21.99 29.17
N ASN F 112 7.15 -22.44 29.01
CA ASN F 112 6.07 -21.48 28.84
C ASN F 112 6.09 -20.57 30.06
N LEU F 113 6.12 -19.27 29.84
CA LEU F 113 6.05 -18.27 30.89
C LEU F 113 4.76 -17.45 30.80
N SER F 114 4.30 -16.95 31.95
CA SER F 114 3.22 -15.95 31.95
C SER F 114 3.34 -15.08 33.20
N LYS F 115 3.61 -13.78 33.03
CA LYS F 115 3.62 -12.87 34.17
C LYS F 115 2.75 -11.65 33.89
N SER F 116 2.13 -11.15 34.96
CA SER F 116 1.11 -10.11 34.92
C SER F 116 1.49 -8.95 35.83
N TYR F 117 0.92 -7.78 35.56
CA TYR F 117 1.07 -6.63 36.43
C TYR F 117 -0.21 -5.80 36.49
N ALA F 118 -0.67 -5.53 37.72
CA ALA F 118 -1.88 -4.77 38.01
C ALA F 118 -1.46 -3.37 38.40
N ASN F 119 -2.10 -2.35 37.78
CA ASN F 119 -1.77 -0.97 38.06
C ASN F 119 -2.41 -0.52 39.39
N ASN F 120 -1.58 -0.28 40.40
CA ASN F 120 -2.02 0.18 41.70
C ASN F 120 -1.48 1.58 42.01
N LYS F 121 -0.90 2.27 41.02
CA LYS F 121 -0.10 3.47 41.23
C LYS F 121 -0.85 4.80 41.10
N GLU F 122 -2.17 4.80 40.90
CA GLU F 122 -2.95 6.03 40.82
C GLU F 122 -2.47 6.97 39.71
N LYS F 123 -1.80 6.42 38.70
CA LYS F 123 -1.31 7.14 37.54
C LYS F 123 -1.32 6.21 36.33
N GLU F 124 -1.38 6.81 35.14
CA GLU F 124 -1.20 6.05 33.90
C GLU F 124 0.20 5.40 33.93
N VAL F 125 0.27 4.11 33.57
CA VAL F 125 1.56 3.41 33.51
C VAL F 125 1.89 3.01 32.07
N LEU F 126 3.00 3.55 31.55
CA LEU F 126 3.51 3.25 30.21
C LEU F 126 4.35 1.96 30.19
N VAL F 127 3.92 0.95 29.43
CA VAL F 127 4.55 -0.38 29.42
C VAL F 127 5.10 -0.70 28.03
N LEU F 128 6.41 -0.93 27.93
CA LEU F 128 7.08 -1.26 26.67
C LEU F 128 7.61 -2.70 26.68
N TRP F 129 7.68 -3.31 25.50
CA TRP F 129 8.19 -4.68 25.39
C TRP F 129 8.60 -4.88 23.93
N GLY F 130 9.35 -5.95 23.65
CA GLY F 130 9.72 -6.26 22.29
C GLY F 130 9.38 -7.70 21.95
N VAL F 131 9.41 -7.99 20.64
CA VAL F 131 9.38 -9.37 20.15
C VAL F 131 10.56 -9.55 19.20
N HIS F 132 11.34 -10.62 19.39
CA HIS F 132 12.57 -10.85 18.64
C HIS F 132 12.34 -11.68 17.39
N HIS F 133 12.88 -11.22 16.28
CA HIS F 133 12.84 -11.95 15.01
C HIS F 133 14.23 -12.36 14.57
N PRO F 134 14.63 -13.61 14.79
CA PRO F 134 15.92 -14.10 14.36
C PRO F 134 15.94 -14.37 12.86
N PRO F 135 17.11 -14.27 12.23
CA PRO F 135 17.19 -14.40 10.75
C PRO F 135 17.18 -15.79 10.17
N ASN F 136 17.19 -16.83 10.97
CA ASN F 136 17.17 -18.16 10.39
C ASN F 136 16.72 -19.13 11.46
N ILE F 137 16.41 -20.35 11.03
CA ILE F 137 15.81 -21.29 11.96
C ILE F 137 16.83 -21.88 12.92
N GLY F 138 18.11 -21.68 12.65
CA GLY F 138 19.13 -22.13 13.58
C GLY F 138 19.15 -21.25 14.82
N ASP F 139 19.05 -19.92 14.61
CA ASP F 139 19.03 -18.96 15.70
C ASP F 139 17.80 -19.15 16.57
N GLN F 140 16.66 -19.43 15.93
CA GLN F 140 15.42 -19.55 16.69
C GLN F 140 15.53 -20.69 17.70
N ARG F 141 16.01 -21.83 17.23
CA ARG F 141 16.21 -22.97 18.12
C ARG F 141 17.28 -22.67 19.17
N ALA F 142 18.33 -21.95 18.79
CA ALA F 142 19.43 -21.72 19.73
C ALA F 142 18.97 -20.87 20.91
N LEU F 143 18.14 -19.87 20.63
CA LEU F 143 17.70 -18.95 21.67
C LEU F 143 16.46 -19.50 22.42
N TYR F 144 15.52 -20.18 21.74
CA TYR F 144 14.24 -20.47 22.37
C TYR F 144 13.88 -21.95 22.29
N HIS F 145 14.65 -22.67 21.55
CA HIS F 145 14.46 -24.06 21.45
C HIS F 145 13.18 -24.50 20.88
N LYS F 146 12.56 -23.72 20.05
CA LYS F 146 11.37 -24.18 19.42
C LYS F 146 11.24 -23.48 18.13
N GLU F 147 10.71 -24.14 17.12
CA GLU F 147 10.59 -23.48 15.86
C GLU F 147 9.26 -22.78 15.82
N ASN F 148 8.24 -23.27 16.52
CA ASN F 148 6.96 -22.58 16.49
C ASN F 148 6.77 -22.01 17.89
N ALA F 149 6.96 -20.71 18.02
CA ALA F 149 6.86 -19.98 19.27
C ALA F 149 5.79 -18.92 19.09
N TYR F 150 5.22 -18.46 20.20
CA TYR F 150 4.25 -17.39 20.14
C TYR F 150 4.50 -16.41 21.29
N VAL F 151 4.07 -15.16 21.09
CA VAL F 151 3.98 -14.16 22.15
C VAL F 151 2.56 -13.61 22.08
N SER F 152 1.91 -13.47 23.24
CA SER F 152 0.56 -12.93 23.29
C SER F 152 0.48 -11.92 24.42
N VAL F 153 0.26 -10.65 24.09
CA VAL F 153 0.04 -9.63 25.09
C VAL F 153 -1.44 -9.29 25.07
N VAL F 154 -2.05 -9.28 26.26
CA VAL F 154 -3.50 -9.11 26.40
C VAL F 154 -3.77 -8.28 27.65
N SER F 155 -4.45 -7.15 27.48
CA SER F 155 -5.02 -6.37 28.58
C SER F 155 -6.49 -6.12 28.31
N SER F 156 -7.01 -5.01 28.84
CA SER F 156 -8.41 -4.70 28.59
C SER F 156 -8.59 -3.89 27.33
N HIS F 157 -7.53 -3.26 26.85
CA HIS F 157 -7.56 -2.45 25.65
C HIS F 157 -6.69 -3.01 24.53
N TYR F 158 -5.76 -3.91 24.88
CA TYR F 158 -4.73 -4.48 24.02
C TYR F 158 -4.92 -5.99 23.97
N SER F 159 -4.90 -6.54 22.76
CA SER F 159 -5.00 -7.99 22.60
C SER F 159 -4.33 -8.33 21.27
N ARG F 160 -3.12 -8.88 21.36
CA ARG F 160 -2.37 -9.21 20.18
C ARG F 160 -1.60 -10.50 20.41
N LYS F 161 -1.43 -11.24 19.32
CA LYS F 161 -0.67 -12.48 19.30
C LYS F 161 0.43 -12.32 18.26
N PHE F 162 1.67 -12.39 18.70
CA PHE F 162 2.80 -12.25 17.80
C PHE F 162 3.35 -13.65 17.53
N THR F 163 3.59 -13.93 16.27
CA THR F 163 4.38 -15.09 15.94
C THR F 163 5.63 -14.55 15.28
N PRO F 164 6.79 -15.10 15.60
CA PRO F 164 8.01 -14.51 15.06
C PRO F 164 8.14 -14.86 13.60
N GLU F 165 8.49 -13.85 12.82
CA GLU F 165 8.75 -14.03 11.42
C GLU F 165 10.27 -14.22 11.31
N ILE F 166 10.66 -15.42 10.88
CA ILE F 166 12.06 -15.81 10.81
C ILE F 166 12.58 -15.76 9.39
N ALA F 167 13.32 -14.72 9.04
CA ALA F 167 14.03 -14.82 7.78
C ALA F 167 15.09 -13.73 7.67
N LYS F 168 15.85 -13.87 6.59
CA LYS F 168 16.99 -13.05 6.22
C LYS F 168 16.54 -11.61 6.05
N ARG F 169 17.34 -10.66 6.50
CA ARG F 169 16.97 -9.26 6.27
C ARG F 169 18.18 -8.49 5.72
N PRO F 170 18.06 -7.20 5.39
CA PRO F 170 19.29 -6.44 5.14
C PRO F 170 19.87 -6.04 6.48
N LYS F 171 21.19 -5.95 6.48
CA LYS F 171 21.92 -5.64 7.71
C LYS F 171 21.96 -4.19 8.14
N VAL F 172 21.45 -3.95 9.35
CA VAL F 172 21.59 -2.68 10.04
C VAL F 172 22.55 -3.00 11.18
N ARG F 173 23.65 -2.23 11.30
CA ARG F 173 24.68 -2.47 12.33
C ARG F 173 25.12 -3.92 12.41
N ASP F 174 25.38 -4.53 11.27
CA ASP F 174 25.80 -5.93 11.21
C ASP F 174 24.77 -6.91 11.76
N GLN F 175 23.57 -6.48 12.12
CA GLN F 175 22.58 -7.43 12.62
C GLN F 175 21.59 -7.72 11.49
N GLU F 176 21.23 -8.99 11.36
CA GLU F 176 20.21 -9.41 10.44
C GLU F 176 18.89 -9.60 11.19
N GLY F 177 19.02 -9.86 12.49
CA GLY F 177 17.88 -10.05 13.35
C GLY F 177 17.13 -8.73 13.46
N ARG F 178 15.88 -8.81 13.91
CA ARG F 178 15.15 -7.64 14.37
C ARG F 178 14.43 -7.88 15.69
N ILE F 179 14.38 -6.82 16.49
CA ILE F 179 13.42 -6.77 17.59
C ILE F 179 12.43 -5.69 17.21
N ASN F 180 11.17 -6.06 17.20
CA ASN F 180 10.06 -5.15 17.02
C ASN F 180 9.63 -4.71 18.42
N TYR F 181 9.48 -3.40 18.63
CA TYR F 181 9.09 -2.85 19.92
C TYR F 181 7.63 -2.44 19.95
N TYR F 182 6.99 -2.63 21.10
CA TYR F 182 5.57 -2.41 21.28
C TYR F 182 5.31 -1.69 22.60
N TRP F 183 4.17 -1.02 22.68
CA TRP F 183 3.89 -0.23 23.87
C TRP F 183 2.38 -0.09 24.03
N THR F 184 1.93 -0.12 25.28
CA THR F 184 0.55 0.20 25.66
C THR F 184 0.50 1.01 26.93
N LEU F 185 -0.54 1.85 27.04
CA LEU F 185 -0.92 2.57 28.25
C LEU F 185 -1.80 1.71 29.16
N LEU F 186 -1.48 1.72 30.44
CA LEU F 186 -2.10 0.89 31.47
C LEU F 186 -2.90 1.78 32.43
N GLU F 187 -4.23 1.62 32.43
CA GLU F 187 -5.08 2.47 33.27
C GLU F 187 -4.89 2.11 34.73
N PRO F 188 -4.90 3.13 35.67
CA PRO F 188 -4.84 2.76 37.09
C PRO F 188 -5.95 1.78 37.34
N GLY F 189 -5.63 0.53 37.66
CA GLY F 189 -6.63 -0.49 37.89
C GLY F 189 -6.58 -1.63 36.89
N ASP F 190 -6.14 -1.34 35.66
CA ASP F 190 -6.07 -2.37 34.64
C ASP F 190 -4.91 -3.33 34.88
N THR F 191 -4.99 -4.51 34.26
CA THR F 191 -3.93 -5.52 34.33
C THR F 191 -3.56 -6.05 32.95
N ILE F 192 -2.25 -6.11 32.69
CA ILE F 192 -1.67 -6.60 31.43
C ILE F 192 -1.04 -7.98 31.66
N ILE F 193 -1.28 -8.92 30.73
CA ILE F 193 -0.82 -10.32 30.86
C ILE F 193 0.04 -10.70 29.66
N PHE F 194 1.31 -11.02 29.91
CA PHE F 194 2.24 -11.54 28.93
C PHE F 194 2.27 -13.07 28.92
N GLU F 195 2.13 -13.68 27.74
CA GLU F 195 2.37 -15.11 27.63
C GLU F 195 3.25 -15.40 26.44
N ALA F 196 4.22 -16.29 26.65
CA ALA F 196 5.15 -16.61 25.57
C ALA F 196 5.87 -17.92 25.88
N ASN F 197 6.33 -18.57 24.81
CA ASN F 197 7.25 -19.70 24.92
C ASN F 197 8.51 -19.43 24.07
N GLY F 198 8.75 -18.16 23.74
CA GLY F 198 9.96 -17.68 23.07
C GLY F 198 9.82 -16.24 22.61
N ASN F 199 10.97 -15.66 22.24
CA ASN F 199 11.09 -14.38 21.55
C ASN F 199 10.62 -13.14 22.31
N LEU F 200 10.14 -13.28 23.54
CA LEU F 200 9.71 -12.11 24.32
C LEU F 200 10.90 -11.30 24.80
N ILE F 201 11.00 -10.03 24.38
CA ILE F 201 11.89 -9.07 25.04
C ILE F 201 11.07 -8.40 26.13
N ALA F 202 11.14 -8.96 27.34
CA ALA F 202 10.22 -8.67 28.42
C ALA F 202 10.47 -7.30 29.05
N PRO F 203 9.41 -6.64 29.51
CA PRO F 203 9.60 -5.36 30.18
C PRO F 203 10.32 -5.57 31.51
N ARG F 204 11.17 -4.61 31.86
CA ARG F 204 11.78 -4.60 33.18
C ARG F 204 11.43 -3.34 33.97
N TYR F 205 11.62 -2.17 33.38
CA TYR F 205 11.14 -0.93 33.98
C TYR F 205 9.94 -0.41 33.18
N ALA F 206 9.01 0.25 33.87
CA ALA F 206 7.89 0.96 33.25
C ALA F 206 7.84 2.35 33.84
N PHE F 207 6.86 3.16 33.44
CA PHE F 207 6.82 4.54 33.92
C PHE F 207 5.40 4.90 34.34
N ALA F 208 5.28 5.52 35.52
CA ALA F 208 4.01 6.11 35.93
C ALA F 208 4.04 7.58 35.54
N LEU F 209 2.87 8.13 35.16
CA LEU F 209 2.86 9.48 34.61
C LEU F 209 1.45 10.06 34.53
N SER F 210 1.40 11.38 34.27
CA SER F 210 0.18 12.16 34.01
C SER F 210 0.55 13.30 33.08
N ARG F 211 -0.48 13.93 32.50
CA ARG F 211 -0.30 14.81 31.34
C ARG F 211 -0.75 16.25 31.59
N GLY F 212 -0.91 16.66 32.86
CA GLY F 212 -1.29 18.04 33.15
C GLY F 212 -1.24 18.52 34.61
C1 NAG G . -11.44 30.63 4.12
C2 NAG G . -12.21 30.38 2.82
C3 NAG G . -13.66 30.79 2.98
C4 NAG G . -14.27 30.21 4.25
C5 NAG G . -13.38 30.45 5.45
C6 NAG G . -13.94 29.79 6.71
C7 NAG G . -10.85 30.50 0.82
C8 NAG G . -10.61 31.26 -0.45
N2 NAG G . -11.60 31.12 1.74
O3 NAG G . -14.42 30.35 1.85
O4 NAG G . -15.56 30.78 4.48
O5 NAG G . -12.07 29.94 5.19
O6 NAG G . -15.37 29.72 6.60
O7 NAG G . -10.38 29.39 1.01
#